data_8TD7
#
_entry.id   8TD7
#
_cell.length_a   109.848
_cell.length_b   179.347
_cell.length_c   87.990
_cell.angle_alpha   90.00
_cell.angle_beta   106.67
_cell.angle_gamma   90.00
#
_symmetry.space_group_name_H-M   'C 1 2 1'
#
loop_
_entity.id
_entity.type
_entity.pdbx_description
1 polymer 'Pyrroline-5-carboxylate reductase 1, mitochondrial'
2 non-polymer '(2S)-2-hydroxy-3-methylbutanoic acid'
3 non-polymer 'SULFATE ION'
4 non-polymer DI(HYDROXYETHYL)ETHER
5 water water
#
_entity_poly.entity_id   1
_entity_poly.type   'polypeptide(L)'
_entity_poly.pdbx_seq_one_letter_code
;MHHHHHHSSGVDLGTENLYFQSMSVGFIGAGQLAFALAKGFTAAGVLAAHKIMASSPDMDLATVSALRKMGVKLTPHNKE
TVQHSDVLFLAVKPHIIPFILDEIGADIEDRHIVVSCAAGVTISSIEKKLSAFRPAPRVIRCMTNTPVVVREGATVYATG
THAQVEDGRLMEQLLSSVGFCTEVEEDLIDAVTGLSGSGPAYAFTALDALADGGVKMGLPRRLAVRLGAQALLGAAKMLL
HSEQHPGQLKDNVSSPGGATIHALHVLESGGFRSLLINAVEASCIRTRELQSMADQEQVSPAAIKKTILDKVKLDS
;
_entity_poly.pdbx_strand_id   A,B,C,D,E
#
loop_
_chem_comp.id
_chem_comp.type
_chem_comp.name
_chem_comp.formula
LHV peptide-like '(2S)-2-hydroxy-3-methylbutanoic acid' 'C5 H10 O3'
PEG non-polymer DI(HYDROXYETHYL)ETHER 'C4 H10 O3'
SO4 non-polymer 'SULFATE ION' 'O4 S -2'
#
# COMPACT_ATOMS: atom_id res chain seq x y z
N GLU A 16 0.39 25.99 23.84
CA GLU A 16 0.26 26.64 25.14
C GLU A 16 0.48 28.15 24.99
N ASN A 17 1.67 28.53 24.51
CA ASN A 17 1.87 29.91 24.09
C ASN A 17 1.02 30.21 22.86
N LEU A 18 0.82 29.22 21.99
CA LEU A 18 -0.02 29.42 20.81
C LEU A 18 -1.49 29.56 21.20
N TYR A 19 -1.95 28.77 22.18
CA TYR A 19 -3.34 28.88 22.61
C TYR A 19 -3.68 30.30 23.03
N PHE A 20 -2.83 30.93 23.85
CA PHE A 20 -3.11 32.29 24.31
C PHE A 20 -2.95 33.34 23.22
N GLN A 21 -2.44 32.96 22.04
CA GLN A 21 -2.49 33.86 20.90
C GLN A 21 -3.92 34.06 20.39
N SER A 22 -4.85 33.14 20.73
CA SER A 22 -6.25 33.26 20.36
C SER A 22 -6.40 33.38 18.85
N MET A 23 -5.71 32.50 18.14
CA MET A 23 -5.68 32.54 16.69
CA MET A 23 -5.69 32.55 16.69
C MET A 23 -7.00 32.06 16.11
N SER A 24 -7.45 32.74 15.05
CA SER A 24 -8.57 32.29 14.25
C SER A 24 -8.00 31.61 13.01
N VAL A 25 -8.49 30.43 12.70
CA VAL A 25 -7.96 29.64 11.59
C VAL A 25 -9.10 29.35 10.62
N GLY A 26 -8.79 29.42 9.34
CA GLY A 26 -9.77 29.10 8.32
C GLY A 26 -9.22 28.05 7.38
N PHE A 27 -10.13 27.21 6.88
CA PHE A 27 -9.84 26.24 5.85
C PHE A 27 -10.75 26.50 4.66
N ILE A 28 -10.15 26.74 3.50
CA ILE A 28 -10.90 26.73 2.26
C ILE A 28 -10.76 25.33 1.71
N GLY A 29 -11.87 24.60 1.68
CA GLY A 29 -11.88 23.17 1.53
C GLY A 29 -12.24 22.56 2.87
N ALA A 30 -13.11 21.57 2.87
CA ALA A 30 -13.53 20.88 4.09
C ALA A 30 -13.44 19.37 3.89
N GLY A 31 -12.36 18.95 3.24
CA GLY A 31 -12.13 17.54 2.93
C GLY A 31 -11.25 16.86 3.96
N GLN A 32 -10.55 15.82 3.51
CA GLN A 32 -9.81 14.96 4.42
C GLN A 32 -8.69 15.71 5.14
N LEU A 33 -7.96 16.56 4.43
CA LEU A 33 -6.85 17.27 5.06
C LEU A 33 -7.33 18.31 6.06
N ALA A 34 -8.38 19.07 5.70
CA ALA A 34 -8.94 20.01 6.66
C ALA A 34 -9.44 19.31 7.90
N PHE A 35 -10.13 18.18 7.73
CA PHE A 35 -10.58 17.45 8.91
C PHE A 35 -9.41 16.98 9.75
N ALA A 36 -8.39 16.40 9.10
CA ALA A 36 -7.24 15.88 9.84
C ALA A 36 -6.53 16.98 10.62
N LEU A 37 -6.30 18.12 9.98
CA LEU A 37 -5.63 19.23 10.67
C LEU A 37 -6.49 19.83 11.77
N ALA A 38 -7.79 20.04 11.51
CA ALA A 38 -8.67 20.52 12.57
C ALA A 38 -8.67 19.58 13.76
N LYS A 39 -8.79 18.28 13.48
CA LYS A 39 -8.77 17.29 14.54
C LYS A 39 -7.46 17.34 15.31
N GLY A 40 -6.33 17.40 14.60
CA GLY A 40 -5.05 17.45 15.29
C GLY A 40 -4.84 18.70 16.10
N PHE A 41 -5.19 19.87 15.54
CA PHE A 41 -5.01 21.13 16.25
C PHE A 41 -5.85 21.17 17.51
N THR A 42 -7.09 20.67 17.45
CA THR A 42 -7.95 20.74 18.63
C THR A 42 -7.50 19.71 19.67
N ALA A 43 -7.05 18.54 19.22
CA ALA A 43 -6.52 17.55 20.16
C ALA A 43 -5.25 18.05 20.83
N ALA A 44 -4.43 18.80 20.11
CA ALA A 44 -3.24 19.41 20.69
C ALA A 44 -3.56 20.51 21.68
N GLY A 45 -4.79 21.05 21.66
CA GLY A 45 -5.12 22.18 22.52
C GLY A 45 -4.61 23.51 22.03
N VAL A 46 -4.08 23.60 20.81
CA VAL A 46 -3.59 24.89 20.36
C VAL A 46 -4.72 25.77 19.87
N LEU A 47 -5.79 25.18 19.36
CA LEU A 47 -6.92 25.92 18.83
C LEU A 47 -8.21 25.40 19.45
N ALA A 48 -9.15 26.30 19.70
CA ALA A 48 -10.51 25.87 20.01
C ALA A 48 -11.23 25.52 18.71
N ALA A 49 -12.00 24.44 18.72
CA ALA A 49 -12.71 24.03 17.52
C ALA A 49 -13.56 25.17 16.95
N HIS A 50 -14.24 25.95 17.81
CA HIS A 50 -15.10 27.02 17.32
C HIS A 50 -14.32 28.24 16.84
N LYS A 51 -13.00 28.26 17.01
CA LYS A 51 -12.16 29.28 16.39
C LYS A 51 -11.71 28.88 14.99
N ILE A 52 -12.17 27.73 14.50
CA ILE A 52 -11.88 27.26 13.16
C ILE A 52 -13.13 27.43 12.31
N MET A 53 -12.97 27.96 11.12
CA MET A 53 -14.05 28.00 10.15
C MET A 53 -13.60 27.32 8.87
N ALA A 54 -14.49 26.55 8.26
CA ALA A 54 -14.19 25.86 7.01
C ALA A 54 -15.32 26.08 6.03
N SER A 55 -14.97 26.18 4.75
CA SER A 55 -15.97 26.36 3.71
C SER A 55 -15.81 25.27 2.66
N SER A 56 -16.91 24.96 1.98
CA SER A 56 -16.96 23.91 0.99
C SER A 56 -18.09 24.19 0.02
N PRO A 57 -17.90 23.95 -1.28
CA PRO A 57 -19.03 24.06 -2.21
C PRO A 57 -20.00 22.89 -2.09
N ASP A 58 -19.61 21.81 -1.43
CA ASP A 58 -20.45 20.62 -1.24
C ASP A 58 -20.55 20.40 0.27
N MET A 59 -21.66 20.83 0.87
CA MET A 59 -21.84 20.65 2.30
C MET A 59 -22.33 19.25 2.68
N ASP A 60 -22.47 18.35 1.71
CA ASP A 60 -22.98 17.01 1.95
C ASP A 60 -21.88 15.97 2.13
N LEU A 61 -20.65 16.40 2.34
CA LEU A 61 -19.55 15.46 2.53
C LEU A 61 -19.54 14.91 3.96
N ALA A 62 -18.99 13.71 4.10
CA ALA A 62 -18.85 13.12 5.43
C ALA A 62 -17.83 13.89 6.27
N THR A 63 -16.77 14.39 5.64
CA THR A 63 -15.81 15.21 6.38
C THR A 63 -16.47 16.48 6.91
N VAL A 64 -17.42 17.04 6.16
CA VAL A 64 -18.12 18.23 6.62
C VAL A 64 -18.95 17.92 7.87
N SER A 65 -19.63 16.77 7.88
CA SER A 65 -20.43 16.39 9.04
C SER A 65 -19.54 16.16 10.27
N ALA A 66 -18.35 15.59 10.06
CA ALA A 66 -17.43 15.39 11.16
C ALA A 66 -16.90 16.71 11.71
N LEU A 67 -16.55 17.65 10.82
CA LEU A 67 -16.16 18.97 11.27
C LEU A 67 -17.27 19.62 12.10
N ARG A 68 -18.51 19.54 11.62
CA ARG A 68 -19.61 20.15 12.35
C ARG A 68 -19.75 19.56 13.76
N LYS A 69 -19.57 18.24 13.89
CA LYS A 69 -19.69 17.61 15.19
C LYS A 69 -18.59 18.06 16.15
N MET A 70 -17.36 18.21 15.64
CA MET A 70 -16.26 18.76 16.42
C MET A 70 -16.54 20.14 16.98
N GLY A 71 -17.44 20.90 16.35
CA GLY A 71 -17.65 22.29 16.72
C GLY A 71 -17.04 23.31 15.78
N VAL A 72 -16.45 22.87 14.66
CA VAL A 72 -15.92 23.80 13.67
C VAL A 72 -17.07 24.54 13.00
N LYS A 73 -16.86 25.84 12.75
CA LYS A 73 -17.84 26.63 12.01
C LYS A 73 -17.76 26.29 10.53
N LEU A 74 -18.93 26.12 9.91
CA LEU A 74 -19.02 25.74 8.51
C LEU A 74 -19.83 26.77 7.74
N THR A 75 -19.39 27.09 6.52
CA THR A 75 -20.09 28.06 5.71
C THR A 75 -19.91 27.68 4.25
N PRO A 76 -20.91 27.92 3.40
CA PRO A 76 -20.71 27.71 1.96
C PRO A 76 -19.95 28.83 1.28
N HIS A 77 -19.59 29.90 2.01
CA HIS A 77 -19.01 31.11 1.42
C HIS A 77 -17.54 31.24 1.80
N ASN A 78 -16.65 31.11 0.80
CA ASN A 78 -15.22 31.26 1.03
C ASN A 78 -14.88 32.63 1.60
N LYS A 79 -15.61 33.67 1.19
CA LYS A 79 -15.33 35.01 1.72
C LYS A 79 -15.50 35.06 3.24
N GLU A 80 -16.49 34.34 3.77
CA GLU A 80 -16.67 34.35 5.23
C GLU A 80 -15.51 33.66 5.93
N THR A 81 -15.03 32.55 5.37
CA THR A 81 -13.84 31.90 5.90
C THR A 81 -12.65 32.84 5.89
N VAL A 82 -12.47 33.60 4.81
CA VAL A 82 -11.36 34.54 4.72
C VAL A 82 -11.49 35.62 5.79
N GLN A 83 -12.68 36.23 5.90
CA GLN A 83 -12.85 37.32 6.85
C GLN A 83 -12.66 36.86 8.29
N HIS A 84 -13.04 35.61 8.58
CA HIS A 84 -12.88 35.06 9.93
C HIS A 84 -11.42 34.81 10.28
N SER A 85 -10.62 34.42 9.30
CA SER A 85 -9.32 33.81 9.58
CA SER A 85 -9.32 33.81 9.56
C SER A 85 -8.23 34.84 9.80
N ASP A 86 -7.24 34.45 10.60
CA ASP A 86 -5.92 35.07 10.68
C ASP A 86 -4.92 34.26 9.87
N VAL A 87 -4.90 32.94 10.08
CA VAL A 87 -4.16 32.00 9.25
C VAL A 87 -5.18 31.26 8.39
N LEU A 88 -4.97 31.28 7.08
CA LEU A 88 -5.91 30.71 6.12
C LEU A 88 -5.24 29.57 5.38
N PHE A 89 -5.72 28.34 5.60
CA PHE A 89 -5.22 27.18 4.88
C PHE A 89 -6.00 26.98 3.60
N LEU A 90 -5.28 26.75 2.50
CA LEU A 90 -5.91 26.37 1.22
C LEU A 90 -5.79 24.85 1.12
N ALA A 91 -6.92 24.16 1.32
CA ALA A 91 -6.94 22.70 1.36
C ALA A 91 -7.92 22.20 0.32
N VAL A 92 -7.72 22.61 -0.93
CA VAL A 92 -8.51 22.18 -2.06
C VAL A 92 -7.57 21.52 -3.05
N LYS A 93 -8.16 20.85 -4.05
CA LYS A 93 -7.38 20.19 -5.08
C LYS A 93 -6.56 21.22 -5.84
N PRO A 94 -5.37 20.84 -6.32
CA PRO A 94 -4.48 21.81 -6.99
C PRO A 94 -5.12 22.58 -8.12
N HIS A 95 -5.95 21.94 -8.95
CA HIS A 95 -6.50 22.68 -10.08
C HIS A 95 -7.57 23.68 -9.65
N ILE A 96 -8.05 23.61 -8.41
CA ILE A 96 -9.04 24.56 -7.91
C ILE A 96 -8.38 25.83 -7.35
N ILE A 97 -7.10 25.76 -6.95
CA ILE A 97 -6.44 26.91 -6.33
C ILE A 97 -6.60 28.20 -7.13
N PRO A 98 -6.32 28.23 -8.44
CA PRO A 98 -6.46 29.52 -9.17
C PRO A 98 -7.88 30.06 -9.19
N PHE A 99 -8.89 29.20 -9.25
CA PHE A 99 -10.27 29.70 -9.15
C PHE A 99 -10.54 30.32 -7.79
N ILE A 100 -10.02 29.68 -6.73
CA ILE A 100 -10.18 30.21 -5.36
C ILE A 100 -9.51 31.57 -5.25
N LEU A 101 -8.28 31.68 -5.76
CA LEU A 101 -7.53 32.93 -5.63
C LEU A 101 -8.22 34.07 -6.38
N ASP A 102 -8.78 33.77 -7.56
CA ASP A 102 -9.60 34.75 -8.26
C ASP A 102 -10.80 35.17 -7.41
N GLU A 103 -11.42 34.22 -6.72
CA GLU A 103 -12.64 34.52 -5.99
C GLU A 103 -12.37 35.38 -4.76
N ILE A 104 -11.40 35.00 -3.93
CA ILE A 104 -11.24 35.70 -2.66
C ILE A 104 -9.98 36.54 -2.59
N GLY A 105 -9.26 36.69 -3.72
CA GLY A 105 -8.06 37.52 -3.70
C GLY A 105 -8.28 38.92 -3.17
N ALA A 106 -9.39 39.55 -3.56
CA ALA A 106 -9.68 40.90 -3.09
C ALA A 106 -9.95 40.95 -1.59
N ASP A 107 -10.26 39.81 -0.98
CA ASP A 107 -10.55 39.77 0.45
C ASP A 107 -9.34 39.45 1.30
N ILE A 108 -8.21 39.11 0.69
CA ILE A 108 -7.00 38.86 1.46
C ILE A 108 -6.47 40.17 2.01
N GLU A 109 -6.19 40.21 3.31
CA GLU A 109 -5.75 41.41 3.99
C GLU A 109 -4.28 41.31 4.37
N ASP A 110 -3.70 42.47 4.67
CA ASP A 110 -2.30 42.50 5.08
C ASP A 110 -2.06 41.63 6.32
N ARG A 111 -3.08 41.47 7.18
CA ARG A 111 -2.92 40.68 8.40
C ARG A 111 -2.88 39.17 8.15
N HIS A 112 -3.29 38.71 6.96
CA HIS A 112 -3.43 37.29 6.71
C HIS A 112 -2.10 36.61 6.47
N ILE A 113 -1.97 35.38 6.94
CA ILE A 113 -0.97 34.44 6.45
C ILE A 113 -1.73 33.38 5.65
N VAL A 114 -1.38 33.22 4.37
CA VAL A 114 -2.04 32.27 3.49
C VAL A 114 -1.13 31.05 3.38
N VAL A 115 -1.67 29.89 3.77
CA VAL A 115 -0.90 28.64 3.82
C VAL A 115 -1.49 27.70 2.79
N SER A 116 -0.75 27.47 1.71
CA SER A 116 -1.23 26.56 0.68
C SER A 116 -0.77 25.15 1.03
N CYS A 117 -1.72 24.23 1.09
CA CYS A 117 -1.44 22.81 1.29
C CYS A 117 -1.51 22.02 0.00
N ALA A 118 -1.91 22.65 -1.10
CA ALA A 118 -2.14 21.92 -2.34
C ALA A 118 -0.85 21.36 -2.92
N ALA A 119 -0.89 20.09 -3.32
CA ALA A 119 0.25 19.48 -3.95
C ALA A 119 0.67 20.25 -5.19
N GLY A 120 1.97 20.48 -5.33
CA GLY A 120 2.53 21.00 -6.57
C GLY A 120 2.40 22.49 -6.79
N VAL A 121 1.43 23.15 -6.15
CA VAL A 121 1.16 24.56 -6.46
C VAL A 121 2.27 25.43 -5.87
N THR A 122 2.88 26.25 -6.72
CA THR A 122 4.07 26.97 -6.33
C THR A 122 3.70 28.26 -5.62
N ILE A 123 4.60 28.68 -4.71
CA ILE A 123 4.45 29.98 -4.07
C ILE A 123 4.32 31.08 -5.13
N SER A 124 5.14 31.00 -6.17
CA SER A 124 5.13 32.01 -7.23
C SER A 124 3.74 32.17 -7.83
N SER A 125 3.06 31.06 -8.11
CA SER A 125 1.74 31.14 -8.76
C SER A 125 0.72 31.78 -7.84
N ILE A 126 0.81 31.50 -6.54
CA ILE A 126 -0.10 32.08 -5.58
C ILE A 126 0.17 33.57 -5.44
N GLU A 127 1.44 33.94 -5.25
CA GLU A 127 1.78 35.36 -5.11
C GLU A 127 1.40 36.14 -6.36
N LYS A 128 1.53 35.52 -7.53
CA LYS A 128 1.20 36.26 -8.76
C LYS A 128 -0.27 36.64 -8.79
N LYS A 129 -1.16 35.71 -8.39
CA LYS A 129 -2.58 36.01 -8.28
C LYS A 129 -2.84 37.05 -7.21
N LEU A 130 -2.35 36.83 -6.00
CA LEU A 130 -2.74 37.66 -4.87
C LEU A 130 -2.14 39.07 -4.94
N SER A 131 -0.98 39.21 -5.56
CA SER A 131 -0.32 40.51 -5.67
C SER A 131 -1.09 41.51 -6.52
N ALA A 132 -1.98 41.05 -7.40
CA ALA A 132 -2.82 41.98 -8.15
C ALA A 132 -3.75 42.76 -7.23
N PHE A 133 -3.97 42.27 -6.00
CA PHE A 133 -4.83 42.94 -5.03
C PHE A 133 -3.98 43.67 -4.00
N ARG A 134 -3.67 43.07 -2.92
CA ARG A 134 -2.72 43.77 -2.05
C ARG A 134 -1.29 43.42 -2.47
N PRO A 135 -0.33 44.34 -2.27
CA PRO A 135 1.01 44.15 -2.87
C PRO A 135 1.94 43.16 -2.18
N ALA A 136 1.77 42.83 -0.91
CA ALA A 136 2.73 41.96 -0.22
C ALA A 136 2.01 40.82 0.48
N PRO A 137 1.30 39.96 -0.28
CA PRO A 137 0.63 38.82 0.35
C PRO A 137 1.64 37.92 1.04
N ARG A 138 1.32 37.50 2.27
CA ARG A 138 2.18 36.64 3.07
C ARG A 138 1.78 35.18 2.81
N VAL A 139 2.62 34.45 2.08
CA VAL A 139 2.28 33.11 1.61
C VAL A 139 3.30 32.12 2.17
N ILE A 140 2.79 31.00 2.66
CA ILE A 140 3.60 29.85 3.05
C ILE A 140 3.05 28.65 2.30
N ARG A 141 3.96 27.82 1.76
CA ARG A 141 3.61 26.56 1.15
C ARG A 141 3.97 25.41 2.08
N CYS A 142 3.06 24.48 2.29
CA CYS A 142 3.37 23.35 3.15
C CYS A 142 2.93 22.05 2.50
N MET A 143 3.55 20.96 2.95
CA MET A 143 3.10 19.61 2.61
C MET A 143 3.04 18.87 3.91
N THR A 144 1.85 18.40 4.27
CA THR A 144 1.70 17.66 5.51
C THR A 144 1.04 16.32 5.17
N ASN A 145 0.53 15.59 6.16
CA ASN A 145 -0.07 14.31 5.83
C ASN A 145 -1.13 13.98 6.88
N THR A 146 -1.90 12.92 6.62
CA THR A 146 -3.07 12.70 7.47
C THR A 146 -2.76 12.31 8.92
N PRO A 147 -1.58 11.74 9.26
CA PRO A 147 -1.33 11.42 10.67
C PRO A 147 -1.21 12.61 11.61
N VAL A 148 -1.38 13.85 11.12
CA VAL A 148 -1.60 14.94 12.07
C VAL A 148 -2.81 14.66 12.96
N VAL A 149 -3.74 13.82 12.50
CA VAL A 149 -4.94 13.53 13.28
C VAL A 149 -4.59 12.85 14.60
N VAL A 150 -3.47 12.12 14.67
CA VAL A 150 -2.96 11.56 15.91
C VAL A 150 -1.69 12.27 16.36
N ARG A 151 -1.49 13.51 15.91
CA ARG A 151 -0.36 14.35 16.27
C ARG A 151 0.99 13.68 15.97
N GLU A 152 1.05 12.91 14.89
CA GLU A 152 2.30 12.32 14.41
C GLU A 152 2.46 12.60 12.94
N GLY A 153 2.04 13.79 12.50
CA GLY A 153 2.21 14.15 11.11
C GLY A 153 3.67 14.37 10.75
N ALA A 154 3.91 14.46 9.44
CA ALA A 154 5.20 14.90 8.90
C ALA A 154 4.92 16.10 8.02
N THR A 155 5.47 17.25 8.40
CA THR A 155 5.16 18.49 7.71
C THR A 155 6.43 19.20 7.30
N VAL A 156 6.46 19.72 6.07
CA VAL A 156 7.49 20.67 5.69
C VAL A 156 6.80 21.93 5.20
N TYR A 157 7.53 23.05 5.27
CA TYR A 157 6.99 24.30 4.76
C TYR A 157 8.10 25.14 4.15
N ALA A 158 7.74 26.01 3.20
CA ALA A 158 8.64 26.99 2.63
C ALA A 158 7.95 28.35 2.70
N THR A 159 8.72 29.38 3.04
CA THR A 159 8.16 30.73 3.20
C THR A 159 8.23 31.50 1.89
N GLY A 160 7.20 32.30 1.65
CA GLY A 160 7.11 33.11 0.45
C GLY A 160 7.93 34.38 0.53
N THR A 161 7.82 35.18 -0.54
CA THR A 161 8.58 36.41 -0.69
C THR A 161 8.31 37.40 0.45
N HIS A 162 7.05 37.52 0.86
CA HIS A 162 6.67 38.53 1.85
C HIS A 162 6.36 37.96 3.22
N ALA A 163 6.52 36.65 3.42
CA ALA A 163 6.34 36.07 4.75
C ALA A 163 7.43 36.59 5.68
N GLN A 164 7.02 37.11 6.83
CA GLN A 164 7.99 37.58 7.79
C GLN A 164 8.65 36.42 8.50
N VAL A 165 9.79 36.69 9.16
CA VAL A 165 10.45 35.65 9.94
C VAL A 165 9.51 35.13 11.02
N GLU A 166 8.74 36.04 11.63
CA GLU A 166 7.77 35.60 12.63
C GLU A 166 6.69 34.71 12.01
N ASP A 167 6.41 34.87 10.71
CA ASP A 167 5.41 34.03 10.06
C ASP A 167 5.89 32.59 9.96
N GLY A 168 7.13 32.40 9.53
CA GLY A 168 7.68 31.05 9.51
C GLY A 168 7.75 30.42 10.88
N ARG A 169 8.13 31.21 11.89
CA ARG A 169 8.20 30.66 13.25
C ARG A 169 6.82 30.30 13.78
N LEU A 170 5.82 31.15 13.52
CA LEU A 170 4.45 30.82 13.89
C LEU A 170 3.98 29.54 13.21
N MET A 171 4.25 29.41 11.93
CA MET A 171 3.90 28.22 11.16
CA MET A 171 3.84 28.21 11.22
C MET A 171 4.54 26.97 11.78
N GLU A 172 5.83 27.07 12.10
CA GLU A 172 6.50 25.90 12.66
C GLU A 172 5.94 25.53 14.02
N GLN A 173 5.66 26.53 14.86
CA GLN A 173 5.06 26.25 16.17
C GLN A 173 3.70 25.57 16.00
N LEU A 174 2.87 26.08 15.09
CA LEU A 174 1.56 25.50 14.87
C LEU A 174 1.66 24.07 14.34
N LEU A 175 2.45 23.88 13.28
CA LEU A 175 2.46 22.53 12.71
C LEU A 175 3.25 21.55 13.56
N SER A 176 4.18 22.03 14.41
CA SER A 176 4.88 21.14 15.32
C SER A 176 3.96 20.57 16.40
N SER A 177 2.83 21.25 16.67
CA SER A 177 1.93 20.72 17.67
C SER A 177 1.26 19.44 17.22
N VAL A 178 1.32 19.12 15.92
CA VAL A 178 0.66 17.94 15.39
C VAL A 178 1.63 16.97 14.70
N GLY A 179 2.94 17.12 14.93
CA GLY A 179 3.91 16.18 14.42
C GLY A 179 5.25 16.84 14.16
N PHE A 180 6.05 16.17 13.35
CA PHE A 180 7.33 16.71 12.93
C PHE A 180 7.11 17.85 11.95
N CYS A 181 7.92 18.90 12.08
CA CYS A 181 7.78 20.04 11.17
C CYS A 181 9.14 20.70 10.98
N THR A 182 9.51 20.95 9.72
CA THR A 182 10.76 21.66 9.46
C THR A 182 10.61 22.53 8.22
N GLU A 183 11.37 23.61 8.18
CA GLU A 183 11.43 24.46 6.99
C GLU A 183 12.32 23.81 5.94
N VAL A 184 11.90 23.92 4.67
CA VAL A 184 12.70 23.48 3.53
C VAL A 184 12.68 24.56 2.45
N GLU A 185 13.64 24.45 1.54
CA GLU A 185 13.54 25.20 0.30
C GLU A 185 12.37 24.66 -0.50
N GLU A 186 11.69 25.54 -1.23
CA GLU A 186 10.47 25.12 -1.92
C GLU A 186 10.73 24.02 -2.95
N ASP A 187 11.94 23.97 -3.51
CA ASP A 187 12.16 22.98 -4.57
C ASP A 187 12.27 21.56 -4.02
N LEU A 188 12.16 21.35 -2.72
CA LEU A 188 12.12 20.01 -2.17
C LEU A 188 10.70 19.51 -1.96
N ILE A 189 9.69 20.37 -2.06
CA ILE A 189 8.36 19.98 -1.59
C ILE A 189 7.71 18.93 -2.49
N ASP A 190 7.95 18.95 -3.81
CA ASP A 190 7.37 17.90 -4.65
C ASP A 190 7.91 16.52 -4.26
N ALA A 191 9.21 16.45 -3.94
CA ALA A 191 9.79 15.18 -3.46
C ALA A 191 9.23 14.78 -2.10
N VAL A 192 9.09 15.74 -1.18
CA VAL A 192 8.48 15.42 0.10
C VAL A 192 7.08 14.87 -0.12
N THR A 193 6.35 15.43 -1.08
CA THR A 193 5.01 14.94 -1.36
C THR A 193 5.02 13.46 -1.70
N GLY A 194 6.00 13.02 -2.50
CA GLY A 194 6.08 11.61 -2.88
C GLY A 194 6.48 10.70 -1.74
N LEU A 195 7.20 11.23 -0.75
CA LEU A 195 7.69 10.43 0.37
C LEU A 195 6.72 10.44 1.55
N SER A 196 6.61 11.57 2.25
CA SER A 196 5.76 11.61 3.44
C SER A 196 4.33 12.09 3.18
N GLY A 197 4.08 12.83 2.10
CA GLY A 197 2.69 13.14 1.78
C GLY A 197 1.89 11.90 1.41
N SER A 198 2.40 11.13 0.45
CA SER A 198 1.77 9.89 0.03
C SER A 198 2.14 8.73 0.93
N GLY A 199 3.21 8.86 1.70
CA GLY A 199 3.75 7.78 2.50
C GLY A 199 2.76 6.99 3.35
N PRO A 200 1.85 7.66 4.06
CA PRO A 200 0.91 6.87 4.87
C PRO A 200 0.09 5.88 4.06
N ALA A 201 -0.22 6.19 2.79
CA ALA A 201 -0.94 5.24 1.97
C ALA A 201 -0.08 4.01 1.65
N TYR A 202 1.23 4.19 1.43
CA TYR A 202 2.10 3.03 1.25
C TYR A 202 2.07 2.16 2.50
N ALA A 203 2.08 2.80 3.68
CA ALA A 203 2.06 2.05 4.93
C ALA A 203 0.75 1.34 5.13
N PHE A 204 -0.38 1.99 4.82
CA PHE A 204 -1.67 1.30 4.96
C PHE A 204 -1.76 0.10 4.03
N THR A 205 -1.25 0.24 2.80
CA THR A 205 -1.20 -0.91 1.88
C THR A 205 -0.35 -2.02 2.47
N ALA A 206 0.83 -1.66 2.98
CA ALA A 206 1.72 -2.65 3.58
C ALA A 206 1.08 -3.33 4.77
N LEU A 207 0.37 -2.58 5.60
CA LEU A 207 -0.26 -3.16 6.80
C LEU A 207 -1.40 -4.11 6.43
N ASP A 208 -2.18 -3.75 5.41
CA ASP A 208 -3.23 -4.65 4.93
C ASP A 208 -2.62 -5.95 4.43
N ALA A 209 -1.51 -5.86 3.68
CA ALA A 209 -0.87 -7.05 3.12
C ALA A 209 -0.24 -7.90 4.21
N LEU A 210 0.46 -7.25 5.16
CA LEU A 210 1.06 -8.00 6.26
C LEU A 210 0.00 -8.75 7.05
N ALA A 211 -1.15 -8.12 7.28
CA ALA A 211 -2.25 -8.78 7.96
C ALA A 211 -2.78 -9.97 7.16
N ASP A 212 -2.92 -9.81 5.84
CA ASP A 212 -3.29 -10.94 4.99
C ASP A 212 -2.29 -12.09 5.16
N GLY A 213 -1.00 -11.77 5.21
CA GLY A 213 0.01 -12.79 5.44
C GLY A 213 -0.14 -13.47 6.79
N GLY A 214 -0.42 -12.69 7.84
CA GLY A 214 -0.68 -13.30 9.15
C GLY A 214 -1.89 -14.22 9.12
N VAL A 215 -2.96 -13.78 8.46
CA VAL A 215 -4.16 -14.61 8.33
C VAL A 215 -3.86 -15.90 7.54
N LYS A 216 -3.08 -15.78 6.46
CA LYS A 216 -2.73 -16.99 5.69
C LYS A 216 -2.04 -18.01 6.58
N MET A 217 -1.18 -17.55 7.48
CA MET A 217 -0.44 -18.46 8.34
C MET A 217 -1.20 -18.80 9.63
N GLY A 218 -2.45 -18.38 9.76
CA GLY A 218 -3.33 -18.91 10.81
C GLY A 218 -3.74 -17.95 11.91
N LEU A 219 -3.35 -16.65 11.84
CA LEU A 219 -3.74 -15.71 12.87
C LEU A 219 -5.13 -15.15 12.59
N PRO A 220 -5.91 -14.86 13.62
CA PRO A 220 -7.14 -14.08 13.42
C PRO A 220 -6.81 -12.70 12.86
N ARG A 221 -7.72 -12.17 12.05
CA ARG A 221 -7.47 -10.90 11.38
CA ARG A 221 -7.46 -10.90 11.37
C ARG A 221 -7.21 -9.78 12.38
N ARG A 222 -8.03 -9.69 13.42
CA ARG A 222 -7.87 -8.60 14.39
C ARG A 222 -6.48 -8.59 15.00
N LEU A 223 -5.99 -9.77 15.42
CA LEU A 223 -4.65 -9.86 15.98
C LEU A 223 -3.59 -9.54 14.93
N ALA A 224 -3.78 -10.03 13.71
CA ALA A 224 -2.79 -9.79 12.66
C ALA A 224 -2.65 -8.31 12.36
N VAL A 225 -3.78 -7.59 12.31
CA VAL A 225 -3.75 -6.14 12.09
C VAL A 225 -2.99 -5.43 13.22
N ARG A 226 -3.33 -5.80 14.46
CA ARG A 226 -2.72 -5.18 15.64
C ARG A 226 -1.22 -5.42 15.66
N LEU A 227 -0.80 -6.67 15.44
CA LEU A 227 0.62 -7.01 15.50
C LEU A 227 1.42 -6.32 14.41
N GLY A 228 0.89 -6.32 13.17
CA GLY A 228 1.60 -5.68 12.07
C GLY A 228 1.75 -4.18 12.29
N ALA A 229 0.68 -3.52 12.73
CA ALA A 229 0.78 -2.08 12.96
C ALA A 229 1.74 -1.78 14.11
N GLN A 230 1.74 -2.63 15.14
CA GLN A 230 2.65 -2.42 16.26
C GLN A 230 4.10 -2.65 15.82
N ALA A 231 4.32 -3.65 14.96
CA ALA A 231 5.66 -3.89 14.43
C ALA A 231 6.18 -2.68 13.67
N LEU A 232 5.32 -2.07 12.84
CA LEU A 232 5.75 -0.94 12.04
C LEU A 232 5.98 0.29 12.90
N LEU A 233 5.08 0.55 13.86
CA LEU A 233 5.25 1.68 14.76
C LEU A 233 6.54 1.55 15.54
N GLY A 234 6.81 0.36 16.09
CA GLY A 234 8.00 0.21 16.89
C GLY A 234 9.26 0.36 16.06
N ALA A 235 9.25 -0.20 14.85
CA ALA A 235 10.44 -0.12 14.00
C ALA A 235 10.71 1.33 13.62
N ALA A 236 9.66 2.04 13.23
CA ALA A 236 9.82 3.46 12.90
C ALA A 236 10.37 4.24 14.08
N LYS A 237 9.81 4.01 15.28
CA LYS A 237 10.32 4.70 16.46
C LYS A 237 11.76 4.34 16.75
N MET A 238 12.13 3.05 16.65
CA MET A 238 13.53 2.65 16.78
C MET A 238 14.44 3.47 15.88
N LEU A 239 14.07 3.57 14.60
CA LEU A 239 14.91 4.30 13.65
C LEU A 239 15.01 5.77 14.03
N LEU A 240 13.89 6.38 14.42
CA LEU A 240 13.91 7.79 14.77
C LEU A 240 14.73 8.06 16.02
N HIS A 241 14.83 7.09 16.92
CA HIS A 241 15.61 7.24 18.15
C HIS A 241 17.02 6.70 18.03
N SER A 242 17.40 6.14 16.90
CA SER A 242 18.72 5.56 16.71
C SER A 242 19.56 6.46 15.81
N GLU A 243 20.86 6.46 16.04
CA GLU A 243 21.80 7.05 15.09
C GLU A 243 22.31 6.03 14.10
N GLN A 244 21.80 4.81 14.13
CA GLN A 244 22.27 3.74 13.27
C GLN A 244 21.52 3.74 11.94
N HIS A 245 22.22 3.29 10.92
CA HIS A 245 21.63 3.13 9.59
C HIS A 245 20.53 2.08 9.63
N PRO A 246 19.46 2.25 8.85
CA PRO A 246 18.40 1.21 8.83
C PRO A 246 18.91 -0.16 8.41
N GLY A 247 19.96 -0.22 7.59
CA GLY A 247 20.56 -1.51 7.28
C GLY A 247 21.23 -2.16 8.47
N GLN A 248 21.79 -1.35 9.38
CA GLN A 248 22.36 -1.92 10.60
C GLN A 248 21.27 -2.42 11.54
N LEU A 249 20.18 -1.66 11.68
CA LEU A 249 19.06 -2.17 12.46
C LEU A 249 18.50 -3.45 11.85
N LYS A 250 18.38 -3.50 10.52
CA LYS A 250 17.96 -4.72 9.85
C LYS A 250 18.91 -5.87 10.14
N ASP A 251 20.22 -5.62 10.07
CA ASP A 251 21.18 -6.67 10.37
C ASP A 251 21.01 -7.20 11.79
N ASN A 252 20.66 -6.33 12.74
CA ASN A 252 20.49 -6.76 14.13
C ASN A 252 19.29 -7.66 14.31
N VAL A 253 18.27 -7.53 13.47
CA VAL A 253 17.10 -8.40 13.55
C VAL A 253 17.41 -9.81 13.07
N SER A 254 18.32 -9.94 12.09
CA SER A 254 18.40 -11.15 11.27
C SER A 254 19.48 -12.07 11.82
N SER A 255 19.06 -13.06 12.62
CA SER A 255 20.01 -14.08 13.06
C SER A 255 20.42 -15.00 11.89
N PRO A 256 21.66 -15.49 11.90
CA PRO A 256 22.13 -16.35 10.80
C PRO A 256 21.27 -17.59 10.61
N GLY A 257 20.90 -17.85 9.35
CA GLY A 257 20.04 -18.97 8.99
C GLY A 257 18.59 -18.85 9.42
N GLY A 258 18.20 -17.74 10.03
CA GLY A 258 16.95 -17.64 10.76
C GLY A 258 15.76 -17.23 9.90
N ALA A 259 14.62 -17.05 10.59
CA ALA A 259 13.37 -16.80 9.90
C ALA A 259 13.38 -15.45 9.18
N THR A 260 13.94 -14.44 9.83
CA THR A 260 13.88 -13.10 9.26
C THR A 260 14.67 -13.01 7.96
N ILE A 261 15.90 -13.54 7.95
CA ILE A 261 16.71 -13.44 6.73
C ILE A 261 16.09 -14.24 5.59
N HIS A 262 15.40 -15.36 5.89
CA HIS A 262 14.67 -16.05 4.82
C HIS A 262 13.56 -15.17 4.26
N ALA A 263 12.84 -14.45 5.12
CA ALA A 263 11.79 -13.55 4.65
C ALA A 263 12.37 -12.36 3.88
N LEU A 264 13.49 -11.82 4.35
CA LEU A 264 14.10 -10.70 3.61
C LEU A 264 14.51 -11.13 2.21
N HIS A 265 14.95 -12.38 2.04
CA HIS A 265 15.30 -12.85 0.70
C HIS A 265 14.10 -12.79 -0.24
N VAL A 266 12.92 -13.24 0.22
CA VAL A 266 11.80 -13.24 -0.71
C VAL A 266 11.35 -11.81 -1.03
N LEU A 267 11.49 -10.87 -0.08
CA LEU A 267 11.27 -9.46 -0.42
C LEU A 267 12.22 -9.01 -1.52
N GLU A 268 13.51 -9.33 -1.36
CA GLU A 268 14.50 -8.91 -2.34
C GLU A 268 14.22 -9.53 -3.71
N SER A 269 13.80 -10.79 -3.74
CA SER A 269 13.56 -11.45 -5.02
C SER A 269 12.42 -10.82 -5.79
N GLY A 270 11.49 -10.18 -5.10
CA GLY A 270 10.43 -9.45 -5.78
C GLY A 270 10.74 -8.01 -6.07
N GLY A 271 11.95 -7.54 -5.76
CA GLY A 271 12.27 -6.14 -6.01
C GLY A 271 11.53 -5.18 -5.10
N PHE A 272 11.27 -5.59 -3.86
CA PHE A 272 10.54 -4.80 -2.87
C PHE A 272 11.06 -3.38 -2.77
N ARG A 273 12.38 -3.21 -2.61
CA ARG A 273 12.97 -1.88 -2.51
C ARG A 273 12.63 -1.05 -3.73
N SER A 274 12.78 -1.65 -4.92
CA SER A 274 12.54 -0.88 -6.15
C SER A 274 11.10 -0.42 -6.23
N LEU A 275 10.15 -1.18 -5.66
CA LEU A 275 8.76 -0.78 -5.75
C LEU A 275 8.51 0.49 -4.95
N LEU A 276 9.15 0.60 -3.79
CA LEU A 276 8.97 1.79 -2.97
C LEU A 276 9.67 3.01 -3.57
N ILE A 277 10.82 2.78 -4.23
CA ILE A 277 11.44 3.88 -4.98
C ILE A 277 10.52 4.31 -6.12
N ASN A 278 9.95 3.33 -6.85
CA ASN A 278 9.00 3.63 -7.91
C ASN A 278 7.84 4.48 -7.41
N ALA A 279 7.34 4.15 -6.21
CA ALA A 279 6.19 4.85 -5.63
C ALA A 279 6.53 6.32 -5.35
N VAL A 280 7.64 6.56 -4.63
CA VAL A 280 8.03 7.94 -4.33
C VAL A 280 8.20 8.73 -5.61
N GLU A 281 8.87 8.13 -6.61
CA GLU A 281 9.09 8.78 -7.89
C GLU A 281 7.78 9.08 -8.58
N ALA A 282 6.85 8.10 -8.61
CA ALA A 282 5.60 8.31 -9.34
C ALA A 282 4.77 9.42 -8.70
N SER A 283 4.72 9.46 -7.36
CA SER A 283 3.99 10.51 -6.68
C SER A 283 4.61 11.87 -6.91
N CYS A 284 5.94 11.95 -6.81
CA CYS A 284 6.65 13.21 -7.08
C CYS A 284 6.41 13.68 -8.51
N ILE A 285 6.54 12.77 -9.48
CA ILE A 285 6.38 13.16 -10.88
C ILE A 285 4.96 13.62 -11.14
N ARG A 286 3.97 12.93 -10.58
CA ARG A 286 2.59 13.37 -10.77
C ARG A 286 2.38 14.75 -10.16
N THR A 287 3.01 15.01 -9.02
CA THR A 287 2.88 16.31 -8.37
C THR A 287 3.42 17.40 -9.28
N ARG A 288 4.56 17.16 -9.93
CA ARG A 288 5.10 18.14 -10.88
C ARG A 288 4.17 18.32 -12.07
N GLU A 289 3.48 17.26 -12.48
CA GLU A 289 2.51 17.34 -13.57
C GLU A 289 1.29 18.16 -13.20
N LEU A 290 0.75 17.94 -11.99
CA LEU A 290 -0.40 18.72 -11.54
C LEU A 290 -0.11 20.21 -11.67
N GLN A 291 1.12 20.61 -11.30
CA GLN A 291 1.52 22.02 -11.42
C GLN A 291 1.70 22.42 -12.89
N SER A 292 2.51 21.66 -13.63
CA SER A 292 2.79 22.00 -15.03
C SER A 292 1.53 22.03 -15.87
N MET A 293 0.55 21.19 -15.55
CA MET A 293 -0.75 21.27 -16.21
C MET A 293 -1.41 22.62 -15.93
N ALA A 294 -1.53 22.96 -14.64
CA ALA A 294 -2.16 24.22 -14.26
C ALA A 294 -1.34 25.43 -14.72
N ASP A 295 -0.03 25.26 -14.84
CA ASP A 295 0.83 26.36 -15.30
C ASP A 295 0.48 26.73 -16.75
N GLN A 296 0.35 25.73 -17.61
CA GLN A 296 -0.04 25.98 -19.00
C GLN A 296 -1.41 26.65 -19.07
N GLU A 297 -2.40 26.09 -18.36
CA GLU A 297 -3.73 26.68 -18.27
C GLU A 297 -3.67 28.12 -17.76
N ASN B 17 2.75 3.39 37.40
CA ASN B 17 3.50 3.28 38.65
C ASN B 17 3.80 1.83 39.02
N LEU B 18 4.31 1.08 38.06
CA LEU B 18 4.60 -0.33 38.24
C LEU B 18 6.06 -0.52 38.66
N TYR B 19 6.28 -1.46 39.58
CA TYR B 19 7.64 -1.83 39.98
C TYR B 19 7.60 -3.20 40.65
N PHE B 20 8.39 -4.14 40.14
CA PHE B 20 8.45 -5.50 40.70
C PHE B 20 9.57 -5.55 41.72
N GLN B 21 9.22 -5.25 42.98
CA GLN B 21 10.24 -5.12 44.01
C GLN B 21 10.85 -6.46 44.39
N SER B 22 10.10 -7.56 44.30
CA SER B 22 10.58 -8.86 44.73
C SER B 22 11.03 -9.73 43.57
N MET B 23 11.15 -9.18 42.36
CA MET B 23 11.49 -9.94 41.16
C MET B 23 12.95 -9.73 40.81
N SER B 24 13.68 -10.84 40.64
CA SER B 24 15.02 -10.83 40.08
C SER B 24 14.94 -11.46 38.69
N VAL B 25 15.38 -10.73 37.67
CA VAL B 25 15.32 -11.21 36.30
C VAL B 25 16.71 -11.62 35.84
N GLY B 26 16.80 -12.76 35.16
CA GLY B 26 18.03 -13.20 34.55
C GLY B 26 17.86 -13.42 33.06
N PHE B 27 18.91 -13.15 32.30
CA PHE B 27 18.97 -13.44 30.88
C PHE B 27 20.08 -14.45 30.63
N ILE B 28 19.72 -15.59 30.05
CA ILE B 28 20.72 -16.49 29.48
C ILE B 28 20.83 -16.11 28.00
N GLY B 29 22.01 -15.64 27.61
CA GLY B 29 22.18 -14.90 26.39
C GLY B 29 22.32 -13.43 26.72
N ALA B 30 23.20 -12.73 26.01
CA ALA B 30 23.37 -11.30 26.21
C ALA B 30 23.47 -10.60 24.87
N GLY B 31 22.70 -11.06 23.90
CA GLY B 31 22.68 -10.51 22.57
C GLY B 31 21.66 -9.40 22.44
N GLN B 32 21.18 -9.22 21.20
CA GLN B 32 20.30 -8.10 20.88
C GLN B 32 19.04 -8.10 21.74
N LEU B 33 18.41 -9.26 21.90
CA LEU B 33 17.12 -9.31 22.59
C LEU B 33 17.28 -9.10 24.09
N ALA B 34 18.33 -9.66 24.69
CA ALA B 34 18.58 -9.42 26.10
C ALA B 34 18.80 -7.94 26.38
N PHE B 35 19.64 -7.28 25.57
CA PHE B 35 19.85 -5.85 25.75
C PHE B 35 18.55 -5.09 25.56
N ALA B 36 17.80 -5.44 24.52
CA ALA B 36 16.59 -4.70 24.19
C ALA B 36 15.58 -4.77 25.33
N LEU B 37 15.37 -5.98 25.87
CA LEU B 37 14.44 -6.14 26.98
C LEU B 37 14.95 -5.46 28.25
N ALA B 38 16.23 -5.63 28.58
CA ALA B 38 16.78 -4.96 29.76
C ALA B 38 16.70 -3.45 29.64
N LYS B 39 16.98 -2.92 28.45
CA LYS B 39 16.87 -1.48 28.25
C LYS B 39 15.42 -1.03 28.38
N GLY B 40 14.49 -1.79 27.79
CA GLY B 40 13.09 -1.43 27.92
C GLY B 40 12.59 -1.48 29.34
N PHE B 41 12.89 -2.58 30.05
CA PHE B 41 12.46 -2.72 31.43
C PHE B 41 13.01 -1.60 32.30
N THR B 42 14.28 -1.25 32.11
CA THR B 42 14.85 -0.22 32.99
C THR B 42 14.34 1.15 32.61
N ALA B 43 14.18 1.43 31.31
CA ALA B 43 13.61 2.70 30.90
C ALA B 43 12.17 2.84 31.38
N ALA B 44 11.44 1.72 31.44
CA ALA B 44 10.08 1.74 31.95
C ALA B 44 10.03 1.96 33.46
N GLY B 45 11.16 1.80 34.16
CA GLY B 45 11.22 1.93 35.60
C GLY B 45 10.68 0.76 36.39
N VAL B 46 10.30 -0.34 35.74
CA VAL B 46 9.70 -1.47 36.45
C VAL B 46 10.75 -2.38 37.07
N LEU B 47 12.02 -2.22 36.69
CA LEU B 47 13.12 -3.00 37.22
C LEU B 47 14.34 -2.10 37.34
N ALA B 48 15.04 -2.23 38.45
CA ALA B 48 16.35 -1.62 38.60
C ALA B 48 17.37 -2.49 37.88
N ALA B 49 18.28 -1.84 37.16
CA ALA B 49 19.26 -2.57 36.36
C ALA B 49 20.07 -3.55 37.20
N HIS B 50 20.28 -3.24 38.49
CA HIS B 50 21.11 -4.09 39.34
C HIS B 50 20.39 -5.37 39.79
N LYS B 51 19.07 -5.41 39.68
CA LYS B 51 18.34 -6.65 39.91
C LYS B 51 18.24 -7.51 38.64
N ILE B 52 19.01 -7.17 37.61
CA ILE B 52 19.05 -7.91 36.36
C ILE B 52 20.45 -8.48 36.20
N MET B 53 20.53 -9.75 35.83
CA MET B 53 21.80 -10.41 35.52
C MET B 53 21.71 -11.01 34.12
N ALA B 54 22.82 -10.96 33.39
CA ALA B 54 22.89 -11.60 32.08
C ALA B 54 24.17 -12.40 31.96
N SER B 55 24.09 -13.56 31.31
CA SER B 55 25.26 -14.39 31.04
C SER B 55 25.44 -14.58 29.54
N SER B 56 26.69 -14.78 29.13
CA SER B 56 27.03 -14.91 27.73
C SER B 56 28.32 -15.70 27.63
N PRO B 57 28.45 -16.59 26.65
CA PRO B 57 29.73 -17.29 26.44
C PRO B 57 30.79 -16.40 25.83
N ASP B 58 30.40 -15.24 25.29
CA ASP B 58 31.31 -14.29 24.65
C ASP B 58 31.20 -12.98 25.43
N MET B 59 32.06 -12.83 26.44
CA MET B 59 32.04 -11.64 27.29
C MET B 59 32.59 -10.40 26.60
N ASP B 60 32.97 -10.50 25.32
CA ASP B 60 33.50 -9.36 24.57
C ASP B 60 32.50 -8.88 23.52
N LEU B 61 31.21 -9.04 23.77
CA LEU B 61 30.19 -8.61 22.83
C LEU B 61 29.90 -7.12 22.99
N ALA B 62 29.52 -6.49 21.88
CA ALA B 62 29.08 -5.10 21.93
C ALA B 62 27.85 -4.95 22.82
N THR B 63 26.88 -5.86 22.69
CA THR B 63 25.71 -5.82 23.56
C THR B 63 26.08 -6.07 25.02
N VAL B 64 27.15 -6.82 25.27
CA VAL B 64 27.59 -7.03 26.64
C VAL B 64 28.18 -5.75 27.23
N SER B 65 28.99 -5.04 26.44
CA SER B 65 29.55 -3.77 26.92
C SER B 65 28.46 -2.76 27.24
N ALA B 66 27.33 -2.83 26.53
CA ALA B 66 26.24 -1.88 26.74
C ALA B 66 25.43 -2.23 27.99
N LEU B 67 25.19 -3.52 28.22
CA LEU B 67 24.51 -3.93 29.45
C LEU B 67 25.28 -3.48 30.68
N ARG B 68 26.61 -3.53 30.63
CA ARG B 68 27.42 -3.12 31.77
C ARG B 68 27.25 -1.64 32.07
N LYS B 69 27.09 -0.82 31.02
CA LYS B 69 26.91 0.62 31.22
C LYS B 69 25.59 0.90 31.94
N MET B 70 24.55 0.12 31.65
CA MET B 70 23.27 0.29 32.35
C MET B 70 23.35 -0.09 33.81
N GLY B 71 24.35 -0.87 34.21
CA GLY B 71 24.43 -1.40 35.56
C GLY B 71 23.96 -2.83 35.71
N VAL B 72 23.59 -3.49 34.61
CA VAL B 72 23.19 -4.90 34.67
C VAL B 72 24.37 -5.75 35.13
N LYS B 73 24.09 -6.72 35.99
CA LYS B 73 25.13 -7.65 36.44
C LYS B 73 25.48 -8.63 35.33
N LEU B 74 26.77 -8.82 35.09
CA LEU B 74 27.23 -9.73 34.05
C LEU B 74 28.03 -10.88 34.68
N THR B 75 27.91 -12.05 34.08
CA THR B 75 28.66 -13.22 34.49
C THR B 75 28.86 -14.11 33.27
N PRO B 76 29.99 -14.80 33.18
CA PRO B 76 30.15 -15.80 32.11
C PRO B 76 29.36 -17.08 32.35
N HIS B 77 28.85 -17.31 33.55
CA HIS B 77 28.36 -18.63 33.96
C HIS B 77 26.84 -18.63 34.05
N ASN B 78 26.21 -19.44 33.20
CA ASN B 78 24.75 -19.53 33.19
C ASN B 78 24.19 -19.99 34.54
N LYS B 79 24.93 -20.84 35.25
CA LYS B 79 24.48 -21.28 36.57
C LYS B 79 24.33 -20.11 37.53
N GLU B 80 25.18 -19.08 37.41
CA GLU B 80 25.05 -17.93 38.30
C GLU B 80 23.79 -17.12 37.97
N THR B 81 23.50 -16.95 36.68
CA THR B 81 22.24 -16.31 36.28
C THR B 81 21.05 -17.06 36.87
N VAL B 82 21.06 -18.39 36.76
CA VAL B 82 19.96 -19.19 37.30
C VAL B 82 19.85 -18.99 38.81
N GLN B 83 20.97 -19.05 39.52
CA GLN B 83 20.94 -18.90 40.97
C GLN B 83 20.47 -17.52 41.40
N HIS B 84 20.81 -16.48 40.63
CA HIS B 84 20.40 -15.12 40.96
C HIS B 84 18.93 -14.84 40.66
N SER B 85 18.33 -15.58 39.75
CA SER B 85 17.10 -15.13 39.12
C SER B 85 15.88 -15.90 39.58
N ASP B 86 14.74 -15.23 39.55
CA ASP B 86 13.41 -15.83 39.66
C ASP B 86 12.79 -16.00 38.28
N VAL B 87 12.77 -14.93 37.49
CA VAL B 87 12.30 -14.99 36.12
C VAL B 87 13.53 -15.13 35.23
N LEU B 88 13.56 -16.18 34.41
CA LEU B 88 14.74 -16.53 33.62
C LEU B 88 14.36 -16.48 32.14
N PHE B 89 14.88 -15.47 31.43
CA PHE B 89 14.68 -15.36 29.99
C PHE B 89 15.76 -16.15 29.28
N LEU B 90 15.33 -17.00 28.34
CA LEU B 90 16.25 -17.74 27.48
C LEU B 90 16.32 -16.96 26.18
N ALA B 91 17.33 -16.10 26.08
CA ALA B 91 17.51 -15.22 24.95
C ALA B 91 18.72 -15.71 24.15
N VAL B 92 18.70 -16.98 23.78
CA VAL B 92 19.75 -17.59 22.97
C VAL B 92 19.14 -18.08 21.67
N LYS B 93 20.01 -18.41 20.72
CA LYS B 93 19.57 -18.94 19.45
C LYS B 93 18.81 -20.26 19.67
N PRO B 94 17.83 -20.57 18.82
CA PRO B 94 17.03 -21.78 19.02
C PRO B 94 17.85 -23.06 19.17
N HIS B 95 18.89 -23.25 18.36
CA HIS B 95 19.63 -24.51 18.44
C HIS B 95 20.45 -24.65 19.71
N ILE B 96 20.66 -23.56 20.46
CA ILE B 96 21.41 -23.63 21.70
C ILE B 96 20.54 -24.00 22.90
N ILE B 97 19.22 -23.80 22.80
CA ILE B 97 18.32 -24.06 23.94
C ILE B 97 18.53 -25.44 24.55
N PRO B 98 18.54 -26.55 23.78
CA PRO B 98 18.69 -27.86 24.43
C PRO B 98 20.00 -28.01 25.18
N PHE B 99 21.09 -27.39 24.70
CA PHE B 99 22.34 -27.42 25.44
C PHE B 99 22.24 -26.60 26.71
N ILE B 100 21.58 -25.45 26.64
CA ILE B 100 21.35 -24.64 27.83
C ILE B 100 20.55 -25.43 28.87
N LEU B 101 19.49 -26.11 28.42
CA LEU B 101 18.63 -26.81 29.37
C LEU B 101 19.37 -27.96 30.04
N ASP B 102 20.20 -28.68 29.29
CA ASP B 102 21.04 -29.71 29.91
C ASP B 102 21.98 -29.10 30.93
N GLU B 103 22.49 -27.89 30.66
CA GLU B 103 23.49 -27.28 31.51
C GLU B 103 22.89 -26.84 32.85
N ILE B 104 21.74 -26.17 32.83
CA ILE B 104 21.21 -25.59 34.05
C ILE B 104 19.97 -26.32 34.55
N GLY B 105 19.60 -27.43 33.90
CA GLY B 105 18.38 -28.15 34.31
C GLY B 105 18.37 -28.54 35.77
N ALA B 106 19.51 -28.98 36.30
CA ALA B 106 19.58 -29.37 37.70
C ALA B 106 19.54 -28.18 38.64
N ASP B 107 19.64 -26.95 38.14
CA ASP B 107 19.61 -25.76 38.97
C ASP B 107 18.25 -25.09 38.99
N ILE B 108 17.29 -25.58 38.21
CA ILE B 108 15.94 -25.00 38.21
C ILE B 108 15.23 -25.37 39.50
N GLU B 109 14.64 -24.38 40.16
CA GLU B 109 13.95 -24.53 41.43
C GLU B 109 12.47 -24.25 41.26
N ASP B 110 11.72 -24.48 42.35
CA ASP B 110 10.28 -24.24 42.35
C ASP B 110 9.96 -22.79 42.01
N ARG B 111 10.78 -21.86 42.49
CA ARG B 111 10.50 -20.44 42.32
C ARG B 111 10.70 -19.95 40.88
N HIS B 112 11.33 -20.74 40.02
CA HIS B 112 11.71 -20.24 38.70
C HIS B 112 10.54 -20.22 37.74
N ILE B 113 10.42 -19.12 37.00
CA ILE B 113 9.61 -19.06 35.79
C ILE B 113 10.57 -18.99 34.63
N VAL B 114 10.53 -19.98 33.74
CA VAL B 114 11.40 -20.05 32.58
C VAL B 114 10.65 -19.46 31.40
N VAL B 115 11.15 -18.36 30.85
CA VAL B 115 10.51 -17.69 29.72
C VAL B 115 11.42 -17.86 28.50
N SER B 116 11.00 -18.71 27.57
CA SER B 116 11.80 -18.94 26.38
C SER B 116 11.39 -17.96 25.30
N CYS B 117 12.36 -17.21 24.79
CA CYS B 117 12.12 -16.28 23.69
C CYS B 117 12.57 -16.82 22.36
N ALA B 118 13.12 -18.04 22.33
CA ALA B 118 13.68 -18.59 21.10
C ALA B 118 12.57 -18.87 20.10
N ALA B 119 12.81 -18.47 18.85
CA ALA B 119 11.85 -18.78 17.80
C ALA B 119 11.72 -20.28 17.60
N GLY B 120 10.48 -20.73 17.43
CA GLY B 120 10.20 -22.10 17.09
C GLY B 120 10.17 -23.08 18.25
N VAL B 121 10.95 -22.84 19.29
CA VAL B 121 11.15 -23.87 20.32
C VAL B 121 9.86 -24.05 21.12
N THR B 122 9.33 -25.28 21.13
CA THR B 122 8.04 -25.55 21.71
C THR B 122 8.13 -25.66 23.23
N ILE B 123 7.02 -25.31 23.89
CA ILE B 123 6.88 -25.53 25.33
C ILE B 123 7.12 -26.99 25.66
N SER B 124 6.60 -27.88 24.81
CA SER B 124 6.73 -29.31 25.08
C SER B 124 8.19 -29.75 25.12
N SER B 125 9.01 -29.25 24.20
CA SER B 125 10.41 -29.63 24.18
C SER B 125 11.14 -29.09 25.41
N ILE B 126 10.82 -27.87 25.84
CA ILE B 126 11.47 -27.32 27.02
C ILE B 126 11.06 -28.10 28.26
N GLU B 127 9.76 -28.36 28.42
CA GLU B 127 9.29 -29.07 29.61
C GLU B 127 9.84 -30.48 29.65
N LYS B 128 9.97 -31.14 28.49
CA LYS B 128 10.50 -32.51 28.50
C LYS B 128 11.92 -32.54 29.02
N LYS B 129 12.75 -31.57 28.59
CA LYS B 129 14.13 -31.49 29.04
C LYS B 129 14.21 -31.18 30.53
N LEU B 130 13.47 -30.16 30.97
CA LEU B 130 13.59 -29.74 32.35
C LEU B 130 12.95 -30.73 33.30
N SER B 131 11.89 -31.43 32.86
CA SER B 131 11.21 -32.38 33.73
C SER B 131 12.09 -33.57 34.08
N ALA B 132 13.16 -33.80 33.32
CA ALA B 132 14.07 -34.89 33.66
C ALA B 132 14.79 -34.64 34.97
N PHE B 133 14.92 -33.36 35.35
CA PHE B 133 15.61 -32.95 36.57
C PHE B 133 14.66 -32.71 37.72
N ARG B 134 13.55 -32.02 37.49
CA ARG B 134 12.64 -31.68 38.55
C ARG B 134 11.27 -31.63 37.88
N PRO B 135 10.26 -32.30 38.40
CA PRO B 135 8.94 -32.23 37.78
C PRO B 135 8.36 -30.82 37.89
N ALA B 136 7.36 -30.58 37.06
CA ALA B 136 6.57 -29.35 37.06
C ALA B 136 7.36 -28.06 36.84
N PRO B 137 8.29 -27.99 35.88
CA PRO B 137 8.90 -26.69 35.57
C PRO B 137 7.85 -25.72 35.04
N ARG B 138 7.93 -24.47 35.51
CA ARG B 138 7.01 -23.41 35.09
C ARG B 138 7.58 -22.73 33.85
N VAL B 139 6.96 -22.96 32.69
CA VAL B 139 7.51 -22.54 31.40
C VAL B 139 6.51 -21.62 30.71
N ILE B 140 7.02 -20.52 30.15
CA ILE B 140 6.24 -19.62 29.31
C ILE B 140 7.02 -19.41 28.03
N ARG B 141 6.33 -19.50 26.90
CA ARG B 141 6.94 -19.24 25.61
C ARG B 141 6.52 -17.86 25.14
N CYS B 142 7.51 -17.08 24.71
CA CYS B 142 7.33 -15.68 24.35
C CYS B 142 7.82 -15.49 22.93
N MET B 143 7.18 -14.56 22.22
CA MET B 143 7.74 -14.06 20.96
CA MET B 143 7.71 -14.06 20.96
C MET B 143 7.60 -12.55 21.01
N THR B 144 8.74 -11.88 20.99
CA THR B 144 8.73 -10.43 21.11
C THR B 144 9.61 -9.90 19.99
N ASN B 145 9.94 -8.62 20.02
CA ASN B 145 10.73 -8.08 18.92
C ASN B 145 11.60 -6.95 19.46
N THR B 146 12.50 -6.45 18.63
CA THR B 146 13.52 -5.54 19.14
CA THR B 146 13.51 -5.56 19.18
C THR B 146 12.96 -4.19 19.58
N PRO B 147 11.80 -3.69 19.03
CA PRO B 147 11.33 -2.38 19.50
C PRO B 147 10.92 -2.31 20.96
N VAL B 148 11.00 -3.42 21.71
CA VAL B 148 10.88 -3.27 23.16
C VAL B 148 11.92 -2.28 23.69
N VAL B 149 13.02 -2.09 22.97
CA VAL B 149 14.06 -1.17 23.41
C VAL B 149 13.55 0.28 23.49
N VAL B 150 12.52 0.63 22.72
CA VAL B 150 11.87 1.94 22.79
C VAL B 150 10.45 1.81 23.35
N ARG B 151 10.19 0.72 24.08
CA ARG B 151 8.92 0.46 24.74
C ARG B 151 7.75 0.44 23.76
N GLU B 152 8.00 0.00 22.52
CA GLU B 152 6.94 -0.18 21.54
C GLU B 152 7.02 -1.57 20.92
N GLY B 153 7.35 -2.56 21.74
CA GLY B 153 7.42 -3.90 21.23
C GLY B 153 6.04 -4.47 20.96
N ALA B 154 6.06 -5.64 20.31
CA ALA B 154 4.87 -6.45 20.07
C ALA B 154 5.21 -7.84 20.59
N THR B 155 4.50 -8.25 21.64
CA THR B 155 4.82 -9.50 22.34
C THR B 155 3.59 -10.37 22.45
N VAL B 156 3.74 -11.67 22.17
CA VAL B 156 2.73 -12.64 22.54
C VAL B 156 3.40 -13.68 23.43
N TYR B 157 2.60 -14.33 24.26
CA TYR B 157 3.11 -15.42 25.09
C TYR B 157 2.07 -16.52 25.20
N ALA B 158 2.56 -17.74 25.47
CA ALA B 158 1.71 -18.88 25.76
C ALA B 158 2.22 -19.53 27.04
N THR B 159 1.30 -19.98 27.88
CA THR B 159 1.67 -20.54 29.18
C THR B 159 1.81 -22.04 29.08
N GLY B 160 2.81 -22.58 29.78
CA GLY B 160 3.06 -24.00 29.78
C GLY B 160 2.14 -24.77 30.71
N THR B 161 2.38 -26.08 30.75
CA THR B 161 1.55 -27.02 31.51
C THR B 161 1.49 -26.69 32.99
N HIS B 162 2.62 -26.25 33.56
CA HIS B 162 2.73 -26.09 35.00
C HIS B 162 2.83 -24.65 35.44
N ALA B 163 2.71 -23.70 34.51
CA ALA B 163 2.67 -22.29 34.86
C ALA B 163 1.35 -21.99 35.58
N GLN B 164 1.44 -21.29 36.71
CA GLN B 164 0.23 -20.90 37.42
C GLN B 164 -0.42 -19.71 36.72
N VAL B 165 -1.69 -19.46 37.07
CA VAL B 165 -2.40 -18.33 36.48
C VAL B 165 -1.67 -17.03 36.77
N GLU B 166 -1.12 -16.88 37.99
CA GLU B 166 -0.37 -15.69 38.34
C GLU B 166 0.94 -15.57 37.58
N ASP B 167 1.50 -16.66 37.08
CA ASP B 167 2.72 -16.58 36.29
C ASP B 167 2.47 -15.85 34.97
N GLY B 168 1.40 -16.23 34.26
CA GLY B 168 1.08 -15.55 33.02
C GLY B 168 0.69 -14.11 33.24
N ARG B 169 -0.07 -13.84 34.30
CA ARG B 169 -0.46 -12.46 34.60
C ARG B 169 0.77 -11.61 34.91
N LEU B 170 1.73 -12.19 35.64
CA LEU B 170 2.97 -11.46 35.94
C LEU B 170 3.76 -11.17 34.67
N MET B 171 3.95 -12.19 33.83
CA MET B 171 4.70 -11.95 32.60
C MET B 171 3.99 -10.95 31.70
N GLU B 172 2.66 -11.00 31.64
CA GLU B 172 1.97 -10.00 30.84
C GLU B 172 2.16 -8.59 31.41
N GLN B 173 2.16 -8.47 32.73
CA GLN B 173 2.42 -7.19 33.38
C GLN B 173 3.82 -6.69 33.03
N LEU B 174 4.81 -7.57 33.10
CA LEU B 174 6.19 -7.19 32.77
C LEU B 174 6.33 -6.84 31.30
N LEU B 175 5.87 -7.72 30.42
CA LEU B 175 6.07 -7.46 28.99
C LEU B 175 5.19 -6.32 28.47
N SER B 176 4.06 -6.02 29.14
CA SER B 176 3.28 -4.85 28.73
C SER B 176 3.98 -3.53 29.05
N SER B 177 5.00 -3.54 29.91
CA SER B 177 5.68 -2.29 30.20
C SER B 177 6.58 -1.85 29.06
N VAL B 178 6.84 -2.72 28.08
CA VAL B 178 7.71 -2.39 26.96
C VAL B 178 6.99 -2.54 25.62
N GLY B 179 5.66 -2.60 25.62
CA GLY B 179 4.93 -2.59 24.37
C GLY B 179 3.60 -3.33 24.51
N PHE B 180 3.06 -3.72 23.36
CA PHE B 180 1.85 -4.52 23.34
C PHE B 180 2.17 -5.94 23.78
N CYS B 181 1.29 -6.52 24.59
CA CYS B 181 1.49 -7.91 25.01
C CYS B 181 0.14 -8.58 25.16
N THR B 182 0.00 -9.79 24.63
CA THR B 182 -1.24 -10.53 24.84
C THR B 182 -0.93 -12.02 24.87
N GLU B 183 -1.78 -12.76 25.58
CA GLU B 183 -1.69 -14.21 25.61
C GLU B 183 -2.26 -14.77 24.31
N VAL B 184 -1.62 -15.81 23.78
CA VAL B 184 -2.14 -16.54 22.64
C VAL B 184 -2.01 -18.03 22.88
N GLU B 185 -2.77 -18.81 22.11
CA GLU B 185 -2.51 -20.23 22.02
C GLU B 185 -1.15 -20.45 21.37
N GLU B 186 -0.42 -21.47 21.85
CA GLU B 186 0.94 -21.66 21.37
C GLU B 186 0.99 -21.92 19.86
N ASP B 187 -0.05 -22.52 19.29
CA ASP B 187 0.07 -22.84 17.89
C ASP B 187 -0.02 -21.61 16.98
N LEU B 188 -0.20 -20.42 17.54
CA LEU B 188 -0.14 -19.18 16.74
C LEU B 188 1.24 -18.57 16.72
N ILE B 189 2.18 -19.06 17.54
CA ILE B 189 3.39 -18.26 17.76
C ILE B 189 4.33 -18.28 16.55
N ASP B 190 4.39 -19.37 15.80
CA ASP B 190 5.22 -19.38 14.60
C ASP B 190 4.73 -18.36 13.57
N ALA B 191 3.40 -18.19 13.44
CA ALA B 191 2.86 -17.16 12.56
C ALA B 191 3.13 -15.75 13.08
N VAL B 192 2.97 -15.52 14.40
CA VAL B 192 3.35 -14.23 14.97
C VAL B 192 4.82 -13.92 14.68
N THR B 193 5.68 -14.95 14.75
CA THR B 193 7.10 -14.74 14.47
C THR B 193 7.29 -14.17 13.06
N GLY B 194 6.55 -14.70 12.09
CA GLY B 194 6.65 -14.23 10.72
C GLY B 194 6.10 -12.83 10.51
N LEU B 195 5.18 -12.40 11.38
CA LEU B 195 4.55 -11.08 11.26
C LEU B 195 5.29 -10.06 12.11
N SER B 196 5.15 -10.13 13.44
CA SER B 196 5.74 -9.08 14.27
C SER B 196 7.15 -9.40 14.75
N GLY B 197 7.55 -10.67 14.80
CA GLY B 197 8.94 -10.96 15.13
C GLY B 197 9.89 -10.47 14.05
N SER B 198 9.61 -10.85 12.79
CA SER B 198 10.44 -10.42 11.67
C SER B 198 10.02 -9.06 11.14
N GLY B 199 8.81 -8.62 11.48
CA GLY B 199 8.25 -7.38 10.98
C GLY B 199 9.16 -6.16 10.99
N PRO B 200 9.88 -5.90 12.10
CA PRO B 200 10.71 -4.68 12.11
C PRO B 200 11.76 -4.68 11.00
N ALA B 201 12.29 -5.85 10.63
CA ALA B 201 13.24 -5.93 9.51
C ALA B 201 12.57 -5.57 8.18
N TYR B 202 11.32 -5.97 7.98
CA TYR B 202 10.59 -5.55 6.78
C TYR B 202 10.49 -4.03 6.75
N ALA B 203 10.21 -3.43 7.91
CA ALA B 203 10.09 -1.98 7.99
C ALA B 203 11.42 -1.28 7.75
N PHE B 204 12.52 -1.80 8.33
CA PHE B 204 13.82 -1.17 8.09
C PHE B 204 14.19 -1.22 6.60
N THR B 205 13.87 -2.34 5.94
CA THR B 205 14.09 -2.46 4.50
C THR B 205 13.27 -1.41 3.75
N ALA B 206 11.98 -1.32 4.09
CA ALA B 206 11.10 -0.35 3.44
C ALA B 206 11.58 1.07 3.67
N LEU B 207 12.05 1.38 4.88
CA LEU B 207 12.48 2.75 5.17
C LEU B 207 13.76 3.11 4.42
N ASP B 208 14.69 2.16 4.30
CA ASP B 208 15.89 2.37 3.48
C ASP B 208 15.49 2.67 2.04
N ALA B 209 14.56 1.87 1.49
CA ALA B 209 14.12 2.06 0.11
C ALA B 209 13.36 3.35 -0.07
N LEU B 210 12.45 3.69 0.86
CA LEU B 210 11.74 4.95 0.74
C LEU B 210 12.72 6.12 0.78
N ALA B 211 13.75 6.04 1.62
CA ALA B 211 14.74 7.12 1.65
C ALA B 211 15.50 7.21 0.33
N ASP B 212 15.86 6.06 -0.27
CA ASP B 212 16.48 6.07 -1.58
C ASP B 212 15.59 6.77 -2.59
N GLY B 213 14.28 6.49 -2.52
CA GLY B 213 13.33 7.18 -3.38
C GLY B 213 13.34 8.69 -3.17
N GLY B 214 13.32 9.14 -1.89
CA GLY B 214 13.40 10.56 -1.63
C GLY B 214 14.68 11.18 -2.16
N VAL B 215 15.80 10.46 -2.01
CA VAL B 215 17.07 10.95 -2.50
C VAL B 215 17.06 11.02 -4.03
N LYS B 216 16.47 10.01 -4.69
CA LYS B 216 16.39 10.06 -6.15
C LYS B 216 15.67 11.30 -6.61
N MET B 217 14.62 11.71 -5.89
CA MET B 217 13.82 12.86 -6.28
C MET B 217 14.37 14.18 -5.73
N GLY B 218 15.53 14.16 -5.06
CA GLY B 218 16.25 15.39 -4.75
C GLY B 218 16.37 15.72 -3.28
N LEU B 219 15.89 14.85 -2.36
CA LEU B 219 15.99 15.17 -0.94
C LEU B 219 17.34 14.75 -0.36
N PRO B 220 17.86 15.51 0.59
CA PRO B 220 19.01 15.04 1.37
C PRO B 220 18.64 13.76 2.10
N ARG B 221 19.63 12.88 2.23
CA ARG B 221 19.40 11.55 2.80
C ARG B 221 18.84 11.65 4.23
N ARG B 222 19.44 12.51 5.05
CA ARG B 222 19.01 12.62 6.45
C ARG B 222 17.54 13.04 6.54
N LEU B 223 17.13 14.04 5.75
CA LEU B 223 15.72 14.44 5.74
C LEU B 223 14.83 13.32 5.20
N ALA B 224 15.27 12.64 4.16
CA ALA B 224 14.45 11.56 3.61
C ALA B 224 14.24 10.45 4.64
N VAL B 225 15.28 10.10 5.39
CA VAL B 225 15.13 9.07 6.41
C VAL B 225 14.14 9.51 7.46
N ARG B 226 14.27 10.77 7.91
CA ARG B 226 13.41 11.32 8.97
C ARG B 226 11.96 11.34 8.52
N LEU B 227 11.70 11.81 7.29
CA LEU B 227 10.33 11.92 6.80
C LEU B 227 9.70 10.56 6.57
N GLY B 228 10.44 9.63 5.96
CA GLY B 228 9.91 8.29 5.74
C GLY B 228 9.56 7.61 7.05
N ALA B 229 10.46 7.70 8.04
CA ALA B 229 10.19 7.05 9.32
C ALA B 229 8.99 7.68 10.01
N GLN B 230 8.87 9.00 9.92
CA GLN B 230 7.73 9.67 10.54
C GLN B 230 6.43 9.29 9.83
N ALA B 231 6.49 9.13 8.50
CA ALA B 231 5.30 8.73 7.75
C ALA B 231 4.83 7.35 8.18
N LEU B 232 5.77 6.42 8.35
CA LEU B 232 5.41 5.07 8.78
C LEU B 232 4.91 5.06 10.23
N LEU B 233 5.59 5.79 11.11
CA LEU B 233 5.15 5.88 12.50
C LEU B 233 3.74 6.44 12.60
N GLY B 234 3.49 7.54 11.89
CA GLY B 234 2.17 8.16 11.97
C GLY B 234 1.08 7.25 11.44
N ALA B 235 1.33 6.60 10.31
CA ALA B 235 0.31 5.76 9.70
C ALA B 235 0.00 4.58 10.62
N ALA B 236 1.02 3.98 11.20
CA ALA B 236 0.80 2.87 12.12
C ALA B 236 0.01 3.32 13.34
N LYS B 237 0.37 4.47 13.90
CA LYS B 237 -0.39 5.00 15.01
C LYS B 237 -1.83 5.27 14.63
N MET B 238 -2.06 5.86 13.44
CA MET B 238 -3.42 6.10 12.97
C MET B 238 -4.26 4.83 12.98
N LEU B 239 -3.70 3.76 12.41
CA LEU B 239 -4.42 2.49 12.34
C LEU B 239 -4.69 1.94 13.74
N LEU B 240 -3.70 2.00 14.63
CA LEU B 240 -3.92 1.48 15.97
C LEU B 240 -4.99 2.24 16.73
N HIS B 241 -5.16 3.53 16.44
CA HIS B 241 -6.13 4.36 17.15
C HIS B 241 -7.46 4.48 16.42
N SER B 242 -7.60 3.84 15.27
CA SER B 242 -8.80 3.94 14.45
C SER B 242 -9.55 2.62 14.47
N GLU B 243 -10.88 2.71 14.37
CA GLU B 243 -11.70 1.53 14.17
C GLU B 243 -11.88 1.20 12.69
N GLN B 244 -11.28 1.98 11.80
CA GLN B 244 -11.50 1.83 10.36
C GLN B 244 -10.49 0.85 9.75
N HIS B 245 -10.90 0.29 8.62
CA HIS B 245 -10.07 -0.65 7.88
C HIS B 245 -8.88 0.09 7.26
N PRO B 246 -7.70 -0.54 7.19
CA PRO B 246 -6.56 0.14 6.54
C PRO B 246 -6.87 0.61 5.12
N GLY B 247 -7.76 -0.10 4.41
CA GLY B 247 -8.18 0.37 3.11
C GLY B 247 -8.94 1.68 3.14
N GLN B 248 -9.75 1.90 4.18
CA GLN B 248 -10.44 3.18 4.28
C GLN B 248 -9.46 4.31 4.58
N LEU B 249 -8.49 4.07 5.47
CA LEU B 249 -7.49 5.10 5.74
C LEU B 249 -6.67 5.38 4.50
N LYS B 250 -6.36 4.33 3.73
CA LYS B 250 -5.69 4.51 2.44
C LYS B 250 -6.52 5.38 1.51
N ASP B 251 -7.82 5.09 1.41
CA ASP B 251 -8.68 5.87 0.52
C ASP B 251 -8.64 7.35 0.88
N ASN B 252 -8.58 7.68 2.17
CA ASN B 252 -8.60 9.08 2.60
C ASN B 252 -7.33 9.82 2.19
N VAL B 253 -6.21 9.11 2.02
CA VAL B 253 -4.99 9.74 1.52
C VAL B 253 -5.13 10.09 0.05
N SER B 254 -5.87 9.28 -0.72
CA SER B 254 -5.76 9.24 -2.18
C SER B 254 -6.78 10.18 -2.81
N SER B 255 -6.37 11.41 -3.09
CA SER B 255 -7.22 12.35 -3.81
C SER B 255 -7.42 11.91 -5.25
N PRO B 256 -8.61 12.09 -5.84
CA PRO B 256 -8.82 11.63 -7.21
C PRO B 256 -7.86 12.25 -8.20
N GLY B 257 -7.30 11.41 -9.05
CA GLY B 257 -6.31 11.82 -10.02
C GLY B 257 -4.98 12.25 -9.46
N GLY B 258 -4.77 12.11 -8.15
CA GLY B 258 -3.69 12.76 -7.47
C GLY B 258 -2.40 11.96 -7.42
N ALA B 259 -1.46 12.48 -6.64
CA ALA B 259 -0.12 11.91 -6.59
C ALA B 259 -0.13 10.53 -5.93
N THR B 260 -0.87 10.40 -4.85
CA THR B 260 -0.83 9.15 -4.08
C THR B 260 -1.39 7.99 -4.89
N ILE B 261 -2.53 8.19 -5.55
CA ILE B 261 -3.13 7.08 -6.28
C ILE B 261 -2.25 6.67 -7.44
N HIS B 262 -1.50 7.63 -8.03
CA HIS B 262 -0.54 7.23 -9.05
C HIS B 262 0.56 6.35 -8.46
N ALA B 263 1.04 6.68 -7.27
CA ALA B 263 2.06 5.86 -6.63
C ALA B 263 1.51 4.51 -6.21
N LEU B 264 0.28 4.47 -5.70
CA LEU B 264 -0.29 3.18 -5.33
C LEU B 264 -0.40 2.24 -6.53
N HIS B 265 -0.72 2.78 -7.70
CA HIS B 265 -0.78 1.96 -8.90
C HIS B 265 0.56 1.28 -9.17
N VAL B 266 1.68 2.00 -9.06
CA VAL B 266 2.95 1.34 -9.37
C VAL B 266 3.32 0.31 -8.30
N LEU B 267 2.93 0.52 -7.04
CA LEU B 267 3.08 -0.57 -6.05
C LEU B 267 2.28 -1.79 -6.47
N GLU B 268 1.02 -1.59 -6.88
CA GLU B 268 0.18 -2.72 -7.25
C GLU B 268 0.76 -3.45 -8.47
N SER B 269 1.29 -2.70 -9.44
CA SER B 269 1.81 -3.34 -10.65
C SER B 269 3.00 -4.23 -10.36
N GLY B 270 3.72 -3.97 -9.28
CA GLY B 270 4.82 -4.85 -8.92
C GLY B 270 4.44 -5.91 -7.93
N GLY B 271 3.15 -6.02 -7.56
CA GLY B 271 2.79 -7.09 -6.64
C GLY B 271 3.26 -6.85 -5.21
N PHE B 272 3.36 -5.58 -4.83
CA PHE B 272 3.81 -5.16 -3.50
C PHE B 272 3.13 -5.95 -2.37
N ARG B 273 1.80 -6.05 -2.42
CA ARG B 273 1.10 -6.77 -1.36
C ARG B 273 1.56 -8.22 -1.30
N SER B 274 1.71 -8.89 -2.46
CA SER B 274 2.10 -10.29 -2.46
C SER B 274 3.49 -10.50 -1.87
N LEU B 275 4.39 -9.52 -2.02
CA LEU B 275 5.73 -9.71 -1.47
C LEU B 275 5.69 -9.75 0.05
N LEU B 276 4.84 -8.92 0.64
CA LEU B 276 4.72 -8.90 2.11
C LEU B 276 4.04 -10.17 2.60
N ILE B 277 3.04 -10.67 1.87
CA ILE B 277 2.47 -11.98 2.23
C ILE B 277 3.55 -13.05 2.12
N ASN B 278 4.31 -13.04 1.02
CA ASN B 278 5.42 -13.98 0.86
C ASN B 278 6.37 -13.95 2.06
N ALA B 279 6.65 -12.75 2.58
CA ALA B 279 7.63 -12.61 3.66
C ALA B 279 7.11 -13.24 4.96
N VAL B 280 5.89 -12.87 5.36
CA VAL B 280 5.30 -13.49 6.56
C VAL B 280 5.29 -15.00 6.43
N GLU B 281 4.91 -15.52 5.25
CA GLU B 281 4.85 -16.96 5.05
C GLU B 281 6.25 -17.58 5.16
N ALA B 282 7.25 -16.94 4.54
CA ALA B 282 8.59 -17.52 4.52
C ALA B 282 9.19 -17.55 5.92
N SER B 283 8.97 -16.48 6.70
CA SER B 283 9.49 -16.45 8.06
C SER B 283 8.79 -17.49 8.93
N CYS B 284 7.46 -17.61 8.81
CA CYS B 284 6.71 -18.61 9.54
C CYS B 284 7.15 -20.03 9.17
N ILE B 285 7.27 -20.32 7.87
CA ILE B 285 7.67 -21.65 7.43
C ILE B 285 9.08 -21.98 7.93
N ARG B 286 9.99 -21.01 7.87
CA ARG B 286 11.35 -21.26 8.35
C ARG B 286 11.34 -21.54 9.85
N THR B 287 10.50 -20.81 10.59
CA THR B 287 10.37 -21.05 12.03
C THR B 287 9.91 -22.48 12.29
N ARG B 288 8.93 -22.97 11.53
CA ARG B 288 8.46 -24.35 11.71
CA ARG B 288 8.47 -24.34 11.74
C ARG B 288 9.54 -25.34 11.34
N GLU B 289 10.31 -25.05 10.29
CA GLU B 289 11.40 -25.93 9.87
C GLU B 289 12.45 -26.07 10.94
N LEU B 290 12.93 -24.94 11.47
CA LEU B 290 13.99 -24.98 12.47
C LEU B 290 13.60 -25.86 13.63
N GLN B 291 12.35 -25.78 14.07
CA GLN B 291 11.92 -26.62 15.17
C GLN B 291 11.83 -28.08 14.76
N SER B 292 11.23 -28.36 13.61
CA SER B 292 11.15 -29.75 13.15
C SER B 292 12.54 -30.37 13.00
N MET B 293 13.54 -29.55 12.64
CA MET B 293 14.91 -30.05 12.63
C MET B 293 15.42 -30.30 14.04
N ALA B 294 14.99 -29.49 15.02
CA ALA B 294 15.38 -29.71 16.39
C ALA B 294 14.84 -31.03 16.93
N ASP B 295 13.58 -31.35 16.60
CA ASP B 295 12.98 -32.61 17.02
C ASP B 295 13.29 -33.72 16.02
N SER C 22 -47.31 8.69 -20.98
CA SER C 22 -47.61 10.04 -21.42
C SER C 22 -46.49 10.63 -22.27
N MET C 23 -45.26 10.27 -21.92
CA MET C 23 -44.09 10.86 -22.55
C MET C 23 -43.74 10.14 -23.85
N SER C 24 -43.26 10.92 -24.82
CA SER C 24 -42.84 10.39 -26.12
C SER C 24 -41.33 10.31 -26.16
N VAL C 25 -40.80 9.09 -26.30
CA VAL C 25 -39.36 8.85 -26.31
C VAL C 25 -38.98 8.31 -27.68
N GLY C 26 -37.84 8.77 -28.19
CA GLY C 26 -37.33 8.28 -29.46
C GLY C 26 -35.87 7.90 -29.35
N PHE C 27 -35.45 6.97 -30.20
CA PHE C 27 -34.07 6.52 -30.27
C PHE C 27 -33.56 6.74 -31.69
N ILE C 28 -32.53 7.57 -31.83
CA ILE C 28 -31.79 7.66 -33.09
C ILE C 28 -30.68 6.63 -33.02
N GLY C 29 -30.80 5.59 -33.83
CA GLY C 29 -29.99 4.39 -33.68
C GLY C 29 -30.85 3.30 -33.07
N ALA C 30 -30.79 2.10 -33.63
CA ALA C 30 -31.63 1.01 -33.17
C ALA C 30 -30.78 -0.19 -32.83
N GLY C 31 -29.61 0.05 -32.26
CA GLY C 31 -28.65 -0.99 -31.92
C GLY C 31 -28.85 -1.54 -30.53
N GLN C 32 -27.76 -2.06 -29.96
CA GLN C 32 -27.85 -2.79 -28.69
C GLN C 32 -28.26 -1.88 -27.55
N LEU C 33 -27.74 -0.65 -27.51
CA LEU C 33 -28.07 0.24 -26.40
C LEU C 33 -29.54 0.67 -26.48
N ALA C 34 -30.03 0.97 -27.69
CA ALA C 34 -31.43 1.31 -27.85
C ALA C 34 -32.32 0.16 -27.39
N PHE C 35 -31.98 -1.07 -27.77
CA PHE C 35 -32.78 -2.21 -27.33
C PHE C 35 -32.70 -2.38 -25.82
N ALA C 36 -31.50 -2.33 -25.27
CA ALA C 36 -31.34 -2.48 -23.82
C ALA C 36 -32.17 -1.43 -23.08
N LEU C 37 -32.11 -0.18 -23.53
CA LEU C 37 -32.87 0.87 -22.85
C LEU C 37 -34.37 0.67 -23.04
N ALA C 38 -34.82 0.43 -24.28
CA ALA C 38 -36.25 0.22 -24.51
C ALA C 38 -36.78 -0.97 -23.73
N LYS C 39 -36.03 -2.06 -23.70
CA LYS C 39 -36.45 -3.25 -22.96
C LYS C 39 -36.53 -2.94 -21.47
N GLY C 40 -35.48 -2.29 -20.93
CA GLY C 40 -35.52 -1.88 -19.54
C GLY C 40 -36.68 -0.96 -19.22
N PHE C 41 -36.90 0.07 -20.07
CA PHE C 41 -37.94 1.04 -19.78
C PHE C 41 -39.32 0.40 -19.79
N THR C 42 -39.58 -0.47 -20.77
CA THR C 42 -40.90 -1.09 -20.83
C THR C 42 -41.06 -2.15 -19.76
N ALA C 43 -39.98 -2.88 -19.43
CA ALA C 43 -40.08 -3.81 -18.30
C ALA C 43 -40.31 -3.07 -16.99
N ALA C 44 -39.78 -1.85 -16.86
CA ALA C 44 -40.02 -1.07 -15.66
C ALA C 44 -41.43 -0.51 -15.59
N GLY C 45 -42.15 -0.51 -16.71
CA GLY C 45 -43.47 0.10 -16.76
C GLY C 45 -43.47 1.61 -16.90
N VAL C 46 -42.31 2.24 -17.10
CA VAL C 46 -42.28 3.68 -17.21
C VAL C 46 -42.62 4.16 -18.62
N LEU C 47 -42.43 3.33 -19.63
CA LEU C 47 -42.83 3.66 -20.99
C LEU C 47 -43.62 2.52 -21.58
N ALA C 48 -44.57 2.86 -22.43
CA ALA C 48 -45.27 1.90 -23.29
C ALA C 48 -44.46 1.72 -24.57
N ALA C 49 -44.35 0.48 -25.02
CA ALA C 49 -43.52 0.21 -26.19
C ALA C 49 -44.06 0.91 -27.42
N HIS C 50 -45.38 1.03 -27.54
CA HIS C 50 -45.96 1.67 -28.72
C HIS C 50 -45.69 3.18 -28.73
N LYS C 51 -45.28 3.77 -27.61
CA LYS C 51 -44.95 5.18 -27.57
C LYS C 51 -43.47 5.44 -27.79
N ILE C 52 -42.71 4.41 -28.16
CA ILE C 52 -41.28 4.51 -28.44
C ILE C 52 -41.08 4.33 -29.94
N MET C 53 -40.25 5.18 -30.53
CA MET C 53 -39.87 5.06 -31.93
C MET C 53 -38.36 5.00 -32.03
N ALA C 54 -37.86 4.13 -32.89
CA ALA C 54 -36.42 3.98 -33.13
C ALA C 54 -36.16 4.05 -34.62
N SER C 55 -35.06 4.70 -35.00
CA SER C 55 -34.67 4.83 -36.40
C SER C 55 -33.31 4.18 -36.60
N SER C 56 -33.12 3.57 -37.77
CA SER C 56 -31.90 2.85 -38.09
C SER C 56 -31.55 3.00 -39.55
N PRO C 57 -30.27 3.20 -39.89
CA PRO C 57 -29.89 3.21 -41.31
C PRO C 57 -29.86 1.83 -41.92
N ASP C 58 -29.56 0.78 -41.14
CA ASP C 58 -29.58 -0.60 -41.60
C ASP C 58 -30.77 -1.28 -40.93
N MET C 59 -31.92 -1.22 -41.58
CA MET C 59 -33.16 -1.78 -41.02
C MET C 59 -33.15 -3.30 -41.06
N ASP C 60 -31.97 -3.90 -41.15
CA ASP C 60 -31.82 -5.35 -41.18
C ASP C 60 -31.12 -5.90 -39.94
N LEU C 61 -30.72 -5.05 -39.00
CA LEU C 61 -30.05 -5.52 -37.80
C LEU C 61 -31.01 -6.34 -36.94
N ALA C 62 -30.45 -7.32 -36.23
CA ALA C 62 -31.26 -8.16 -35.36
C ALA C 62 -31.85 -7.37 -34.20
N THR C 63 -31.17 -6.30 -33.78
CA THR C 63 -31.76 -5.41 -32.79
C THR C 63 -33.01 -4.72 -33.31
N VAL C 64 -33.05 -4.43 -34.61
CA VAL C 64 -34.24 -3.82 -35.19
C VAL C 64 -35.41 -4.81 -35.17
N SER C 65 -35.11 -6.09 -35.40
CA SER C 65 -36.16 -7.10 -35.33
C SER C 65 -36.58 -7.35 -33.88
N ALA C 66 -35.61 -7.30 -32.95
CA ALA C 66 -35.93 -7.48 -31.54
C ALA C 66 -36.76 -6.31 -31.00
N LEU C 67 -36.46 -5.08 -31.47
CA LEU C 67 -37.28 -3.93 -31.08
C LEU C 67 -38.68 -4.04 -31.66
N ARG C 68 -38.81 -4.50 -32.90
CA ARG C 68 -40.14 -4.71 -33.46
C ARG C 68 -40.91 -5.74 -32.68
N LYS C 69 -40.22 -6.77 -32.17
CA LYS C 69 -40.89 -7.84 -31.45
C LYS C 69 -41.53 -7.32 -30.16
N MET C 70 -40.86 -6.40 -29.47
CA MET C 70 -41.40 -5.86 -28.22
C MET C 70 -42.41 -4.74 -28.43
N GLY C 71 -42.69 -4.35 -29.68
CA GLY C 71 -43.73 -3.37 -29.96
C GLY C 71 -43.25 -1.97 -30.25
N VAL C 72 -41.94 -1.76 -30.35
CA VAL C 72 -41.42 -0.42 -30.61
C VAL C 72 -41.66 -0.06 -32.08
N LYS C 73 -42.12 1.16 -32.32
CA LYS C 73 -42.30 1.64 -33.68
C LYS C 73 -40.94 1.89 -34.31
N LEU C 74 -40.75 1.39 -35.52
CA LEU C 74 -39.48 1.52 -36.22
C LEU C 74 -39.65 2.30 -37.51
N THR C 75 -38.56 2.92 -37.95
CA THR C 75 -38.57 3.75 -39.14
C THR C 75 -37.14 3.91 -39.63
N PRO C 76 -36.92 4.08 -40.93
CA PRO C 76 -35.58 4.37 -41.42
C PRO C 76 -35.25 5.86 -41.55
N HIS C 77 -36.12 6.74 -41.05
CA HIS C 77 -35.98 8.18 -41.24
C HIS C 77 -35.77 8.83 -39.87
N ASN C 78 -34.53 9.29 -39.62
CA ASN C 78 -34.26 9.97 -38.36
C ASN C 78 -35.19 11.15 -38.14
N LYS C 79 -35.60 11.84 -39.20
CA LYS C 79 -36.51 12.96 -39.06
C LYS C 79 -37.85 12.52 -38.46
N GLU C 80 -38.29 11.31 -38.76
CA GLU C 80 -39.56 10.83 -38.22
C GLU C 80 -39.45 10.60 -36.72
N THR C 81 -38.29 10.13 -36.25
CA THR C 81 -38.12 9.94 -34.82
C THR C 81 -38.17 11.28 -34.09
N VAL C 82 -37.51 12.31 -34.66
CA VAL C 82 -37.50 13.62 -34.03
C VAL C 82 -38.91 14.16 -33.90
N GLN C 83 -39.71 14.06 -34.97
CA GLN C 83 -41.06 14.61 -34.96
C GLN C 83 -41.98 13.89 -34.00
N HIS C 84 -41.74 12.59 -33.75
CA HIS C 84 -42.54 11.82 -32.82
C HIS C 84 -42.16 12.05 -31.36
N SER C 85 -40.94 12.49 -31.10
CA SER C 85 -40.35 12.37 -29.78
C SER C 85 -40.31 13.71 -29.05
N ASP C 86 -40.43 13.62 -27.73
CA ASP C 86 -40.07 14.70 -26.82
C ASP C 86 -38.67 14.50 -26.27
N VAL C 87 -38.40 13.32 -25.74
CA VAL C 87 -37.06 12.93 -25.29
C VAL C 87 -36.41 12.13 -26.41
N LEU C 88 -35.23 12.55 -26.84
CA LEU C 88 -34.55 11.97 -27.98
C LEU C 88 -33.21 11.42 -27.50
N PHE C 89 -33.07 10.09 -27.50
CA PHE C 89 -31.79 9.47 -27.21
C PHE C 89 -30.97 9.34 -28.49
N LEU C 90 -29.73 9.79 -28.44
CA LEU C 90 -28.79 9.53 -29.52
C LEU C 90 -28.02 8.28 -29.13
N ALA C 91 -28.43 7.14 -29.71
CA ALA C 91 -27.75 5.88 -29.40
C ALA C 91 -27.05 5.37 -30.65
N VAL C 92 -26.26 6.22 -31.28
CA VAL C 92 -25.43 5.83 -32.41
C VAL C 92 -23.97 5.82 -31.95
N LYS C 93 -23.11 5.23 -32.76
CA LYS C 93 -21.69 5.24 -32.47
C LYS C 93 -21.19 6.69 -32.42
N PRO C 94 -20.18 6.96 -31.59
CA PRO C 94 -19.74 8.35 -31.41
C PRO C 94 -19.36 9.07 -32.70
N HIS C 95 -18.67 8.40 -33.62
CA HIS C 95 -18.29 9.08 -34.85
C HIS C 95 -19.49 9.43 -35.72
N ILE C 96 -20.66 8.85 -35.45
CA ILE C 96 -21.87 9.18 -36.20
C ILE C 96 -22.61 10.38 -35.63
N ILE C 97 -22.33 10.78 -34.38
CA ILE C 97 -23.05 11.89 -33.77
C ILE C 97 -23.01 13.16 -34.62
N PRO C 98 -21.85 13.63 -35.10
CA PRO C 98 -21.88 14.88 -35.89
C PRO C 98 -22.77 14.79 -37.12
N PHE C 99 -22.78 13.65 -37.80
CA PHE C 99 -23.65 13.48 -38.96
C PHE C 99 -25.13 13.53 -38.56
N ILE C 100 -25.48 12.91 -37.44
CA ILE C 100 -26.86 12.93 -36.98
C ILE C 100 -27.29 14.37 -36.67
N LEU C 101 -26.44 15.10 -35.94
CA LEU C 101 -26.78 16.46 -35.57
C LEU C 101 -26.99 17.33 -36.79
N ASP C 102 -26.18 17.15 -37.84
CA ASP C 102 -26.39 17.90 -39.07
C ASP C 102 -27.69 17.52 -39.76
N GLU C 103 -28.09 16.25 -39.65
CA GLU C 103 -29.27 15.79 -40.38
C GLU C 103 -30.57 16.25 -39.74
N ILE C 104 -30.63 16.26 -38.40
CA ILE C 104 -31.86 16.57 -37.69
C ILE C 104 -31.82 17.93 -37.01
N GLY C 105 -30.71 18.66 -37.11
CA GLY C 105 -30.57 19.90 -36.36
C GLY C 105 -31.67 20.89 -36.65
N ALA C 106 -32.08 20.98 -37.92
CA ALA C 106 -33.16 21.90 -38.28
C ALA C 106 -34.52 21.44 -37.81
N ASP C 107 -34.65 20.20 -37.32
CA ASP C 107 -35.93 19.66 -36.87
C ASP C 107 -36.07 19.67 -35.35
N ILE C 108 -35.02 20.05 -34.62
CA ILE C 108 -35.11 20.18 -33.17
C ILE C 108 -35.94 21.39 -32.81
N GLU C 109 -36.83 21.24 -31.84
CA GLU C 109 -37.70 22.33 -31.42
C GLU C 109 -37.53 22.62 -29.93
N ASP C 110 -38.26 23.64 -29.46
CA ASP C 110 -38.20 24.02 -28.06
C ASP C 110 -38.52 22.86 -27.13
N ARG C 111 -39.40 21.95 -27.55
CA ARG C 111 -39.86 20.88 -26.68
C ARG C 111 -38.85 19.75 -26.48
N HIS C 112 -37.82 19.68 -27.34
CA HIS C 112 -36.93 18.51 -27.36
C HIS C 112 -35.91 18.53 -26.24
N ILE C 113 -35.71 17.36 -25.64
CA ILE C 113 -34.54 17.11 -24.81
C ILE C 113 -33.69 16.10 -25.56
N VAL C 114 -32.47 16.51 -25.92
CA VAL C 114 -31.55 15.65 -26.66
C VAL C 114 -30.61 15.00 -25.66
N VAL C 115 -30.63 13.67 -25.61
CA VAL C 115 -29.84 12.90 -24.66
C VAL C 115 -28.81 12.11 -25.45
N SER C 116 -27.55 12.53 -25.40
CA SER C 116 -26.50 11.81 -26.09
C SER C 116 -25.96 10.72 -25.18
N CYS C 117 -26.01 9.48 -25.64
CA CYS C 117 -25.44 8.35 -24.91
C CYS C 117 -24.06 7.96 -25.43
N ALA C 118 -23.52 8.71 -26.39
CA ALA C 118 -22.28 8.33 -27.05
C ALA C 118 -21.09 8.57 -26.13
N ALA C 119 -20.20 7.59 -26.10
CA ALA C 119 -18.98 7.74 -25.31
C ALA C 119 -18.11 8.87 -25.86
N GLY C 120 -17.58 9.69 -24.95
CA GLY C 120 -16.59 10.69 -25.28
C GLY C 120 -17.16 12.02 -25.76
N VAL C 121 -18.31 11.99 -26.41
CA VAL C 121 -18.81 13.18 -27.12
C VAL C 121 -19.27 14.24 -26.13
N THR C 122 -18.73 15.44 -26.26
CA THR C 122 -18.93 16.48 -25.27
C THR C 122 -20.24 17.23 -25.50
N ILE C 123 -20.82 17.72 -24.41
CA ILE C 123 -21.98 18.59 -24.50
C ILE C 123 -21.65 19.79 -25.37
N SER C 124 -20.44 20.33 -25.22
CA SER C 124 -20.02 21.49 -26.02
C SER C 124 -20.15 21.20 -27.51
N SER C 125 -19.64 20.04 -27.95
CA SER C 125 -19.66 19.71 -29.37
C SER C 125 -21.09 19.56 -29.88
N ILE C 126 -21.96 18.99 -29.06
CA ILE C 126 -23.35 18.82 -29.44
C ILE C 126 -24.06 20.16 -29.51
N GLU C 127 -23.90 20.99 -28.47
CA GLU C 127 -24.56 22.29 -28.46
C GLU C 127 -24.08 23.16 -29.61
N LYS C 128 -22.79 23.06 -29.96
CA LYS C 128 -22.27 23.89 -31.05
C LYS C 128 -22.97 23.55 -32.36
N LYS C 129 -23.08 22.25 -32.66
CA LYS C 129 -23.76 21.81 -33.87
C LYS C 129 -25.22 22.23 -33.87
N LEU C 130 -25.95 21.93 -32.79
CA LEU C 130 -27.37 22.22 -32.78
C LEU C 130 -27.66 23.72 -32.73
N SER C 131 -26.81 24.50 -32.07
CA SER C 131 -27.04 25.94 -31.97
C SER C 131 -26.98 26.65 -33.31
N ALA C 132 -26.33 26.06 -34.32
CA ALA C 132 -26.33 26.66 -35.65
C ALA C 132 -27.73 26.77 -36.22
N PHE C 133 -28.66 25.95 -35.74
CA PHE C 133 -30.04 25.95 -36.23
C PHE C 133 -30.98 26.73 -35.33
N ARG C 134 -31.09 26.35 -34.06
CA ARG C 134 -31.90 27.09 -33.11
C ARG C 134 -31.07 27.28 -31.85
N PRO C 135 -31.14 28.45 -31.24
N PRO C 135 -31.12 28.48 -31.25
CA PRO C 135 -30.43 28.66 -29.96
CA PRO C 135 -30.02 28.90 -30.36
C PRO C 135 -31.09 27.89 -28.83
C PRO C 135 -29.94 28.20 -29.00
N ALA C 136 -30.34 27.78 -27.75
N ALA C 136 -31.02 27.63 -28.49
CA ALA C 136 -30.68 27.10 -26.50
CA ALA C 136 -31.08 27.12 -27.12
C ALA C 136 -31.13 25.65 -26.65
C ALA C 136 -31.43 25.63 -27.12
N PRO C 137 -30.44 24.81 -27.43
N PRO C 137 -30.51 24.77 -27.52
CA PRO C 137 -30.81 23.38 -27.45
CA PRO C 137 -30.78 23.33 -27.46
C PRO C 137 -30.67 22.78 -26.06
C PRO C 137 -30.70 22.83 -26.03
N ARG C 138 -31.65 21.98 -25.67
CA ARG C 138 -31.65 21.33 -24.36
C ARG C 138 -30.93 20.00 -24.49
N VAL C 139 -29.73 19.90 -23.92
CA VAL C 139 -28.88 18.73 -24.11
C VAL C 139 -28.55 18.11 -22.76
N ILE C 140 -28.61 16.78 -22.69
CA ILE C 140 -28.13 15.97 -21.58
C ILE C 140 -27.13 14.98 -22.14
N ARG C 141 -26.01 14.84 -21.46
CA ARG C 141 -25.04 13.79 -21.78
C ARG C 141 -25.14 12.69 -20.72
N CYS C 142 -25.24 11.45 -21.17
CA CYS C 142 -25.29 10.35 -20.23
C CYS C 142 -24.29 9.27 -20.62
N MET C 143 -23.89 8.48 -19.63
CA MET C 143 -23.12 7.27 -19.86
C MET C 143 -23.82 6.18 -19.08
N THR C 144 -24.27 5.15 -19.79
CA THR C 144 -24.95 4.05 -19.13
C THR C 144 -24.28 2.75 -19.57
N ASN C 145 -24.91 1.60 -19.32
CA ASN C 145 -24.27 0.36 -19.74
C ASN C 145 -25.37 -0.65 -20.06
N THR C 146 -24.95 -1.77 -20.65
CA THR C 146 -25.93 -2.73 -21.16
C THR C 146 -26.83 -3.34 -20.08
N PRO C 147 -26.41 -3.49 -18.79
CA PRO C 147 -27.33 -4.12 -17.84
C PRO C 147 -28.60 -3.34 -17.54
N VAL C 148 -28.83 -2.19 -18.19
CA VAL C 148 -30.17 -1.60 -18.15
C VAL C 148 -31.20 -2.59 -18.68
N VAL C 149 -30.77 -3.54 -19.52
CA VAL C 149 -31.68 -4.52 -20.11
C VAL C 149 -32.30 -5.40 -19.04
N VAL C 150 -31.64 -5.57 -17.90
CA VAL C 150 -32.20 -6.27 -16.75
C VAL C 150 -32.46 -5.31 -15.59
N ARG C 151 -32.57 -4.01 -15.89
CA ARG C 151 -32.88 -2.98 -14.90
C ARG C 151 -31.85 -2.91 -13.78
N GLU C 152 -30.59 -3.19 -14.09
CA GLU C 152 -29.51 -3.03 -13.13
C GLU C 152 -28.35 -2.28 -13.77
N GLY C 153 -28.69 -1.29 -14.59
CA GLY C 153 -27.68 -0.44 -15.19
C GLY C 153 -27.02 0.46 -14.17
N ALA C 154 -25.91 1.06 -14.60
CA ALA C 154 -25.23 2.12 -13.88
C ALA C 154 -25.14 3.32 -14.82
N THR C 155 -25.81 4.40 -14.47
CA THR C 155 -25.92 5.55 -15.34
C THR C 155 -25.48 6.81 -14.62
N VAL C 156 -24.69 7.64 -15.30
CA VAL C 156 -24.47 9.01 -14.87
C VAL C 156 -24.91 9.93 -16.00
N TYR C 157 -25.21 11.17 -15.64
CA TYR C 157 -25.58 12.17 -16.64
C TYR C 157 -25.09 13.54 -16.21
N ALA C 158 -24.82 14.39 -17.19
CA ALA C 158 -24.53 15.80 -16.96
C ALA C 158 -25.52 16.64 -17.76
N THR C 159 -25.94 17.76 -17.18
CA THR C 159 -26.89 18.64 -17.84
C THR C 159 -26.18 19.71 -18.64
N GLY C 160 -26.74 20.04 -19.81
CA GLY C 160 -26.16 21.04 -20.67
C GLY C 160 -26.48 22.46 -20.24
N THR C 161 -25.96 23.40 -21.03
CA THR C 161 -26.07 24.82 -20.73
C THR C 161 -27.53 25.27 -20.64
N HIS C 162 -28.37 24.76 -21.53
CA HIS C 162 -29.75 25.23 -21.65
C HIS C 162 -30.76 24.22 -21.14
N ALA C 163 -30.30 23.10 -20.58
CA ALA C 163 -31.20 22.17 -19.94
C ALA C 163 -31.87 22.83 -18.74
N GLN C 164 -33.19 22.73 -18.69
CA GLN C 164 -33.94 23.24 -17.56
C GLN C 164 -33.75 22.31 -16.36
N VAL C 165 -34.03 22.84 -15.16
CA VAL C 165 -33.88 22.04 -13.95
C VAL C 165 -34.76 20.80 -14.01
N GLU C 166 -35.99 20.96 -14.49
CA GLU C 166 -36.89 19.82 -14.64
C GLU C 166 -36.35 18.79 -15.63
N ASP C 167 -35.49 19.21 -16.57
CA ASP C 167 -34.92 18.25 -17.53
C ASP C 167 -34.04 17.22 -16.82
N GLY C 168 -33.17 17.69 -15.93
CA GLY C 168 -32.30 16.78 -15.21
C GLY C 168 -33.06 15.86 -14.27
N ARG C 169 -34.06 16.42 -13.56
CA ARG C 169 -34.87 15.60 -12.67
C ARG C 169 -35.66 14.55 -13.44
N LEU C 170 -36.19 14.93 -14.61
CA LEU C 170 -36.91 14.00 -15.48
C LEU C 170 -35.99 12.87 -15.93
N MET C 171 -34.80 13.23 -16.41
CA MET C 171 -33.82 12.24 -16.84
CA MET C 171 -33.88 12.19 -16.87
C MET C 171 -33.47 11.28 -15.72
N GLU C 172 -33.25 11.81 -14.53
CA GLU C 172 -32.89 10.93 -13.42
C GLU C 172 -34.05 9.99 -13.07
N GLN C 173 -35.28 10.49 -13.17
CA GLN C 173 -36.44 9.63 -12.90
C GLN C 173 -36.54 8.49 -13.90
N LEU C 174 -36.38 8.80 -15.19
CA LEU C 174 -36.44 7.79 -16.22
C LEU C 174 -35.29 6.77 -16.08
N LEU C 175 -34.05 7.25 -15.97
CA LEU C 175 -32.93 6.32 -15.94
C LEU C 175 -32.82 5.57 -14.62
N SER C 176 -33.34 6.13 -13.52
CA SER C 176 -33.36 5.39 -12.26
C SER C 176 -34.28 4.19 -12.31
N SER C 177 -35.23 4.15 -13.26
CA SER C 177 -36.10 3.00 -13.36
C SER C 177 -35.38 1.77 -13.88
N VAL C 178 -34.19 1.92 -14.46
CA VAL C 178 -33.48 0.81 -15.06
C VAL C 178 -32.12 0.59 -14.41
N GLY C 179 -31.89 1.20 -13.25
CA GLY C 179 -30.68 0.95 -12.48
C GLY C 179 -30.30 2.15 -11.65
N PHE C 180 -29.04 2.19 -11.24
CA PHE C 180 -28.52 3.33 -10.51
C PHE C 180 -28.39 4.53 -11.44
N CYS C 181 -28.72 5.71 -10.93
CA CYS C 181 -28.56 6.92 -11.74
C CYS C 181 -28.19 8.09 -10.85
N THR C 182 -27.20 8.89 -11.27
CA THR C 182 -26.87 10.09 -10.53
C THR C 182 -26.30 11.14 -11.47
N GLU C 183 -26.47 12.40 -11.10
CA GLU C 183 -25.89 13.50 -11.84
C GLU C 183 -24.41 13.64 -11.49
N VAL C 184 -23.59 13.95 -12.48
CA VAL C 184 -22.18 14.24 -12.27
C VAL C 184 -21.80 15.48 -13.06
N GLU C 185 -20.68 16.08 -12.68
CA GLU C 185 -20.01 17.02 -13.55
C GLU C 185 -19.52 16.31 -14.80
N GLU C 186 -19.65 16.98 -15.94
CA GLU C 186 -19.32 16.34 -17.20
C GLU C 186 -17.88 15.86 -17.25
N ASP C 187 -16.97 16.53 -16.53
CA ASP C 187 -15.58 16.07 -16.69
C ASP C 187 -15.30 14.74 -15.98
N LEU C 188 -16.28 14.14 -15.31
CA LEU C 188 -16.10 12.80 -14.76
C LEU C 188 -16.51 11.70 -15.72
N ILE C 189 -17.18 12.03 -16.83
CA ILE C 189 -17.90 11.02 -17.59
C ILE C 189 -16.94 10.07 -18.32
N ASP C 190 -15.81 10.58 -18.81
CA ASP C 190 -14.86 9.68 -19.48
C ASP C 190 -14.29 8.65 -18.50
N ALA C 191 -14.06 9.05 -17.24
CA ALA C 191 -13.63 8.09 -16.23
C ALA C 191 -14.74 7.09 -15.90
N VAL C 192 -15.99 7.57 -15.80
CA VAL C 192 -17.10 6.64 -15.59
C VAL C 192 -17.16 5.62 -16.72
N THR C 193 -16.93 6.08 -17.95
CA THR C 193 -16.95 5.19 -19.10
C THR C 193 -15.96 4.04 -18.91
N GLY C 194 -14.77 4.34 -18.40
CA GLY C 194 -13.79 3.29 -18.16
C GLY C 194 -14.13 2.36 -17.03
N LEU C 195 -14.99 2.79 -16.11
CA LEU C 195 -15.34 1.96 -14.95
C LEU C 195 -16.63 1.21 -15.18
N SER C 196 -17.77 1.90 -15.20
CA SER C 196 -19.03 1.16 -15.36
C SER C 196 -19.48 1.04 -16.80
N GLY C 197 -18.99 1.88 -17.72
CA GLY C 197 -19.31 1.67 -19.12
C GLY C 197 -18.71 0.40 -19.68
N SER C 198 -17.39 0.23 -19.51
CA SER C 198 -16.69 -0.98 -19.93
C SER C 198 -16.78 -2.10 -18.90
N GLY C 199 -17.14 -1.76 -17.66
CA GLY C 199 -17.15 -2.71 -16.56
C GLY C 199 -17.82 -4.05 -16.82
N PRO C 200 -18.99 -4.08 -17.45
CA PRO C 200 -19.62 -5.39 -17.70
C PRO C 200 -18.72 -6.34 -18.47
N ALA C 201 -17.88 -5.82 -19.38
CA ALA C 201 -16.99 -6.69 -20.14
C ALA C 201 -15.89 -7.27 -19.25
N TYR C 202 -15.41 -6.48 -18.28
CA TYR C 202 -14.45 -7.03 -17.32
C TYR C 202 -15.09 -8.18 -16.56
N ALA C 203 -16.35 -8.01 -16.17
CA ALA C 203 -17.06 -9.04 -15.42
C ALA C 203 -17.33 -10.27 -16.28
N PHE C 204 -17.72 -10.08 -17.55
CA PHE C 204 -17.94 -11.25 -18.39
C PHE C 204 -16.65 -12.04 -18.60
N THR C 205 -15.53 -11.33 -18.75
CA THR C 205 -14.22 -11.99 -18.84
C THR C 205 -13.92 -12.77 -17.58
N ALA C 206 -14.13 -12.13 -16.41
CA ALA C 206 -13.87 -12.78 -15.13
C ALA C 206 -14.75 -13.99 -14.93
N LEU C 207 -16.02 -13.91 -15.34
CA LEU C 207 -16.93 -15.04 -15.17
C LEU C 207 -16.56 -16.22 -16.06
N ASP C 208 -16.15 -15.95 -17.30
CA ASP C 208 -15.66 -17.01 -18.17
C ASP C 208 -14.45 -17.70 -17.55
N ALA C 209 -13.51 -16.93 -16.99
CA ALA C 209 -12.30 -17.49 -16.40
C ALA C 209 -12.61 -18.28 -15.14
N LEU C 210 -13.46 -17.72 -14.26
CA LEU C 210 -13.86 -18.45 -13.06
C LEU C 210 -14.52 -19.77 -13.41
N ALA C 211 -15.35 -19.78 -14.46
CA ALA C 211 -15.98 -21.03 -14.89
C ALA C 211 -14.92 -22.02 -15.42
N ASP C 212 -13.93 -21.54 -16.16
CA ASP C 212 -12.81 -22.38 -16.57
C ASP C 212 -12.11 -22.99 -15.36
N GLY C 213 -11.90 -22.18 -14.31
CA GLY C 213 -11.32 -22.72 -13.08
C GLY C 213 -12.19 -23.77 -12.42
N GLY C 214 -13.51 -23.53 -12.33
CA GLY C 214 -14.40 -24.54 -11.81
C GLY C 214 -14.37 -25.82 -12.62
N VAL C 215 -14.37 -25.69 -13.95
CA VAL C 215 -14.26 -26.87 -14.81
C VAL C 215 -12.93 -27.60 -14.59
N LYS C 216 -11.82 -26.86 -14.50
CA LYS C 216 -10.52 -27.54 -14.26
C LYS C 216 -10.58 -28.38 -12.98
N MET C 217 -11.28 -27.90 -11.97
CA MET C 217 -11.35 -28.61 -10.70
C MET C 217 -12.49 -29.62 -10.64
N GLY C 218 -13.21 -29.85 -11.75
CA GLY C 218 -14.12 -30.98 -11.85
C GLY C 218 -15.60 -30.64 -11.97
N LEU C 219 -15.96 -29.33 -12.01
CA LEU C 219 -17.38 -28.97 -12.11
C LEU C 219 -17.84 -29.01 -13.57
N PRO C 220 -19.08 -29.44 -13.81
CA PRO C 220 -19.68 -29.22 -15.13
C PRO C 220 -19.74 -27.73 -15.45
N ARG C 221 -19.57 -27.43 -16.74
CA ARG C 221 -19.51 -26.04 -17.19
CA ARG C 221 -19.49 -26.03 -17.17
C ARG C 221 -20.75 -25.26 -16.78
N ARG C 222 -21.92 -25.87 -16.97
CA ARG C 222 -23.16 -25.14 -16.69
C ARG C 222 -23.26 -24.77 -15.22
N LEU C 223 -22.92 -25.71 -14.33
CA LEU C 223 -22.92 -25.40 -12.90
C LEU C 223 -21.85 -24.36 -12.58
N ALA C 224 -20.67 -24.47 -13.18
CA ALA C 224 -19.61 -23.52 -12.88
C ALA C 224 -20.02 -22.10 -13.27
N VAL C 225 -20.66 -21.95 -14.43
CA VAL C 225 -21.10 -20.62 -14.87
C VAL C 225 -22.12 -20.05 -13.88
N ARG C 226 -23.10 -20.86 -13.49
CA ARG C 226 -24.16 -20.43 -12.57
C ARG C 226 -23.60 -20.00 -11.21
N LEU C 227 -22.73 -20.84 -10.63
CA LEU C 227 -22.16 -20.53 -9.32
C LEU C 227 -21.27 -19.29 -9.36
N GLY C 228 -20.43 -19.15 -10.40
CA GLY C 228 -19.58 -17.98 -10.48
C GLY C 228 -20.37 -16.71 -10.64
N ALA C 229 -21.38 -16.74 -11.51
CA ALA C 229 -22.22 -15.55 -11.69
C ALA C 229 -22.98 -15.23 -10.41
N GLN C 230 -23.47 -16.26 -9.72
CA GLN C 230 -24.17 -16.01 -8.47
C GLN C 230 -23.23 -15.44 -7.42
N ALA C 231 -21.97 -15.94 -7.38
CA ALA C 231 -21.03 -15.41 -6.41
C ALA C 231 -20.77 -13.93 -6.65
N LEU C 232 -20.58 -13.56 -7.92
CA LEU C 232 -20.31 -12.16 -8.25
C LEU C 232 -21.52 -11.28 -7.97
N LEU C 233 -22.72 -11.77 -8.32
CA LEU C 233 -23.92 -11.00 -8.04
C LEU C 233 -24.10 -10.78 -6.53
N GLY C 234 -23.92 -11.84 -5.75
CA GLY C 234 -24.15 -11.72 -4.32
C GLY C 234 -23.13 -10.81 -3.64
N ALA C 235 -21.88 -10.88 -4.08
CA ALA C 235 -20.85 -10.04 -3.48
C ALA C 235 -21.10 -8.58 -3.81
N ALA C 236 -21.45 -8.31 -5.07
CA ALA C 236 -21.77 -6.95 -5.46
C ALA C 236 -22.95 -6.41 -4.66
N LYS C 237 -23.99 -7.23 -4.49
CA LYS C 237 -25.14 -6.75 -3.71
C LYS C 237 -24.77 -6.55 -2.25
N MET C 238 -23.97 -7.46 -1.68
CA MET C 238 -23.48 -7.25 -0.32
C MET C 238 -22.82 -5.90 -0.16
N LEU C 239 -21.91 -5.58 -1.08
CA LEU C 239 -21.18 -4.31 -0.98
C LEU C 239 -22.11 -3.12 -1.11
N LEU C 240 -23.05 -3.17 -2.06
CA LEU C 240 -23.99 -2.07 -2.23
C LEU C 240 -24.88 -1.87 -1.02
N HIS C 241 -25.19 -2.94 -0.30
CA HIS C 241 -26.08 -2.86 0.85
C HIS C 241 -25.36 -2.72 2.18
N SER C 242 -24.04 -2.68 2.18
CA SER C 242 -23.24 -2.58 3.37
C SER C 242 -22.65 -1.17 3.49
N GLU C 243 -22.42 -0.74 4.72
CA GLU C 243 -21.65 0.48 4.93
C GLU C 243 -20.15 0.23 4.92
N GLN C 244 -19.73 -1.04 4.83
CA GLN C 244 -18.35 -1.40 5.10
C GLN C 244 -17.49 -1.31 3.84
N HIS C 245 -16.20 -1.15 4.08
CA HIS C 245 -15.21 -1.12 3.02
C HIS C 245 -15.10 -2.50 2.37
N PRO C 246 -14.88 -2.58 1.05
CA PRO C 246 -14.72 -3.91 0.43
C PRO C 246 -13.59 -4.72 1.03
N GLY C 247 -12.57 -4.07 1.59
CA GLY C 247 -11.52 -4.81 2.27
C GLY C 247 -12.01 -5.45 3.56
N GLN C 248 -12.93 -4.80 4.26
CA GLN C 248 -13.47 -5.42 5.48
C GLN C 248 -14.37 -6.60 5.13
N LEU C 249 -15.19 -6.48 4.08
CA LEU C 249 -15.97 -7.63 3.65
C LEU C 249 -15.07 -8.75 3.18
N LYS C 250 -13.97 -8.42 2.50
CA LYS C 250 -13.01 -9.45 2.12
C LYS C 250 -12.45 -10.15 3.35
N ASP C 251 -12.11 -9.39 4.38
CA ASP C 251 -11.57 -9.99 5.60
C ASP C 251 -12.54 -10.99 6.20
N ASN C 252 -13.86 -10.75 6.06
CA ASN C 252 -14.87 -11.62 6.66
C ASN C 252 -14.98 -12.96 5.92
N VAL C 253 -14.66 -12.98 4.63
CA VAL C 253 -14.67 -14.26 3.91
C VAL C 253 -13.48 -15.12 4.33
N SER C 254 -12.37 -14.48 4.69
CA SER C 254 -11.06 -15.15 4.76
C SER C 254 -10.85 -15.72 6.17
N SER C 255 -11.18 -16.99 6.34
CA SER C 255 -10.85 -17.68 7.59
C SER C 255 -9.34 -17.90 7.71
N PRO C 256 -8.77 -17.81 8.92
CA PRO C 256 -7.32 -17.99 9.08
C PRO C 256 -6.85 -19.35 8.58
N GLY C 257 -5.79 -19.33 7.76
CA GLY C 257 -5.22 -20.52 7.17
C GLY C 257 -6.08 -21.20 6.13
N GLY C 258 -7.20 -20.60 5.75
CA GLY C 258 -8.23 -21.25 5.00
C GLY C 258 -8.06 -21.17 3.49
N ALA C 259 -9.08 -21.69 2.80
CA ALA C 259 -9.03 -21.81 1.35
C ALA C 259 -9.03 -20.44 0.67
N THR C 260 -9.83 -19.51 1.17
CA THR C 260 -9.98 -18.22 0.50
C THR C 260 -8.69 -17.42 0.56
N ILE C 261 -8.05 -17.38 1.73
CA ILE C 261 -6.84 -16.56 1.83
C ILE C 261 -5.72 -17.14 0.98
N HIS C 262 -5.69 -18.47 0.81
CA HIS C 262 -4.74 -19.08 -0.12
C HIS C 262 -5.01 -18.62 -1.55
N ALA C 263 -6.28 -18.55 -1.95
CA ALA C 263 -6.60 -18.09 -3.29
C ALA C 263 -6.29 -16.61 -3.46
N LEU C 264 -6.56 -15.80 -2.42
CA LEU C 264 -6.26 -14.37 -2.55
C LEU C 264 -4.77 -14.15 -2.73
N HIS C 265 -3.92 -14.97 -2.09
CA HIS C 265 -2.49 -14.79 -2.28
C HIS C 265 -2.10 -14.98 -3.74
N VAL C 266 -2.67 -15.98 -4.42
CA VAL C 266 -2.25 -16.20 -5.80
C VAL C 266 -2.78 -15.09 -6.71
N LEU C 267 -3.94 -14.50 -6.39
CA LEU C 267 -4.37 -13.29 -7.10
C LEU C 267 -3.38 -12.17 -6.90
N GLU C 268 -2.95 -11.95 -5.64
CA GLU C 268 -2.01 -10.87 -5.38
C GLU C 268 -0.69 -11.10 -6.10
N SER C 269 -0.22 -12.36 -6.15
CA SER C 269 1.07 -12.63 -6.76
C SER C 269 1.06 -12.32 -8.24
N GLY C 270 -0.10 -12.40 -8.87
CA GLY C 270 -0.23 -12.03 -10.26
C GLY C 270 -0.53 -10.57 -10.50
N GLY C 271 -0.61 -9.74 -9.46
CA GLY C 271 -0.93 -8.33 -9.67
C GLY C 271 -2.36 -8.11 -10.13
N PHE C 272 -3.28 -8.96 -9.68
CA PHE C 272 -4.69 -8.89 -10.05
C PHE C 272 -5.24 -7.48 -9.94
N ARG C 273 -5.03 -6.83 -8.79
CA ARG C 273 -5.56 -5.47 -8.60
C ARG C 273 -5.02 -4.53 -9.66
N SER C 274 -3.73 -4.63 -9.96
CA SER C 274 -3.14 -3.71 -10.92
C SER C 274 -3.75 -3.87 -12.31
N LEU C 275 -4.18 -5.08 -12.68
CA LEU C 275 -4.74 -5.29 -14.02
C LEU C 275 -6.07 -4.58 -14.15
N LEU C 276 -6.89 -4.60 -13.10
CA LEU C 276 -8.18 -3.91 -13.13
C LEU C 276 -7.98 -2.39 -13.16
N ILE C 277 -6.99 -1.87 -12.41
CA ILE C 277 -6.65 -0.45 -12.53
C ILE C 277 -6.23 -0.13 -13.95
N ASN C 278 -5.37 -1.00 -14.52
CA ASN C 278 -4.93 -0.81 -15.91
C ASN C 278 -6.10 -0.73 -16.87
N ALA C 279 -7.13 -1.56 -16.63
CA ALA C 279 -8.27 -1.62 -17.55
C ALA C 279 -9.07 -0.32 -17.50
N VAL C 280 -9.43 0.12 -16.28
CA VAL C 280 -10.18 1.37 -16.18
C VAL C 280 -9.40 2.51 -16.83
N GLU C 281 -8.09 2.57 -16.57
CA GLU C 281 -7.26 3.60 -17.15
C GLU C 281 -7.25 3.52 -18.68
N ALA C 282 -7.07 2.31 -19.22
CA ALA C 282 -6.97 2.16 -20.67
C ALA C 282 -8.27 2.55 -21.36
N SER C 283 -9.41 2.17 -20.78
CA SER C 283 -10.69 2.53 -21.36
C SER C 283 -10.92 4.03 -21.28
N CYS C 284 -10.64 4.62 -20.11
CA CYS C 284 -10.78 6.08 -19.97
C CYS C 284 -9.89 6.81 -20.97
N ILE C 285 -8.62 6.41 -21.06
CA ILE C 285 -7.69 7.11 -21.95
C ILE C 285 -8.13 6.97 -23.41
N ARG C 286 -8.55 5.75 -23.81
CA ARG C 286 -9.02 5.57 -25.19
C ARG C 286 -10.23 6.45 -25.47
N THR C 287 -11.13 6.58 -24.49
CA THR C 287 -12.29 7.45 -24.67
C THR C 287 -11.86 8.88 -24.92
N ARG C 288 -10.91 9.38 -24.13
CA ARG C 288 -10.41 10.74 -24.32
C ARG C 288 -9.72 10.91 -25.66
N GLU C 289 -8.95 9.90 -26.05
CA GLU C 289 -8.19 9.92 -27.30
C GLU C 289 -9.13 9.97 -28.49
N LEU C 290 -10.18 9.17 -28.48
CA LEU C 290 -11.14 9.16 -29.58
C LEU C 290 -11.81 10.51 -29.71
N GLN C 291 -12.18 11.14 -28.58
CA GLN C 291 -12.83 12.44 -28.70
C GLN C 291 -11.86 13.52 -29.15
N SER C 292 -10.58 13.41 -28.77
CA SER C 292 -9.60 14.36 -29.30
C SER C 292 -9.47 14.23 -30.81
N MET C 293 -9.52 13.01 -31.32
CA MET C 293 -9.53 12.80 -32.77
C MET C 293 -10.77 13.42 -33.41
N ALA C 294 -11.92 13.31 -32.73
CA ALA C 294 -13.16 13.89 -33.25
C ALA C 294 -13.10 15.41 -33.26
N ASP C 295 -12.57 16.02 -32.19
CA ASP C 295 -12.49 17.47 -32.17
C ASP C 295 -11.52 18.01 -33.22
N GLN C 296 -10.61 17.18 -33.71
CA GLN C 296 -9.71 17.58 -34.80
C GLN C 296 -10.19 16.98 -36.13
N ASN D 17 -43.86 -24.25 3.20
CA ASN D 17 -43.74 -23.54 4.46
C ASN D 17 -43.93 -24.48 5.65
N LEU D 18 -44.49 -25.67 5.39
CA LEU D 18 -44.66 -26.66 6.45
C LEU D 18 -43.32 -27.16 6.96
N TYR D 19 -42.28 -27.15 6.11
CA TYR D 19 -40.95 -27.52 6.57
C TYR D 19 -40.50 -26.65 7.74
N PHE D 20 -40.87 -25.37 7.71
CA PHE D 20 -40.36 -24.38 8.65
C PHE D 20 -41.37 -24.04 9.75
N GLN D 21 -42.46 -24.79 9.85
CA GLN D 21 -43.52 -24.45 10.80
C GLN D 21 -42.98 -24.36 12.23
N SER D 22 -42.47 -25.47 12.74
CA SER D 22 -41.95 -25.52 14.11
C SER D 22 -40.49 -25.91 14.16
N MET D 23 -39.76 -25.69 13.07
CA MET D 23 -38.36 -26.07 13.02
C MET D 23 -37.51 -25.11 13.86
N SER D 24 -36.60 -25.68 14.63
CA SER D 24 -35.59 -24.92 15.36
C SER D 24 -34.23 -25.16 14.73
N VAL D 25 -33.44 -24.09 14.61
CA VAL D 25 -32.12 -24.15 14.00
C VAL D 25 -31.07 -23.80 15.04
N GLY D 26 -29.94 -24.49 14.99
CA GLY D 26 -28.84 -24.19 15.88
C GLY D 26 -27.55 -24.04 15.10
N PHE D 27 -26.66 -23.22 15.65
CA PHE D 27 -25.35 -22.98 15.08
C PHE D 27 -24.28 -23.31 16.11
N ILE D 28 -23.44 -24.29 15.78
CA ILE D 28 -22.23 -24.55 16.55
C ILE D 28 -21.15 -23.68 15.93
N GLY D 29 -20.84 -22.58 16.60
CA GLY D 29 -20.02 -21.52 16.04
C GLY D 29 -20.87 -20.28 15.90
N ALA D 30 -20.27 -19.13 16.21
CA ALA D 30 -20.97 -17.86 16.14
C ALA D 30 -20.18 -16.84 15.32
N GLY D 31 -19.41 -17.32 14.35
CA GLY D 31 -18.58 -16.47 13.53
C GLY D 31 -19.30 -15.86 12.35
N GLN D 32 -18.56 -15.63 11.26
CA GLN D 32 -19.09 -14.86 10.13
C GLN D 32 -20.21 -15.62 9.42
N LEU D 33 -20.06 -16.92 9.23
CA LEU D 33 -21.07 -17.68 8.47
C LEU D 33 -22.34 -17.87 9.30
N ALA D 34 -22.21 -18.12 10.60
CA ALA D 34 -23.40 -18.25 11.44
C ALA D 34 -24.20 -16.95 11.46
N PHE D 35 -23.53 -15.81 11.56
CA PHE D 35 -24.23 -14.53 11.48
C PHE D 35 -24.90 -14.35 10.12
N ALA D 36 -24.17 -14.64 9.04
CA ALA D 36 -24.70 -14.43 7.70
C ALA D 36 -25.95 -15.27 7.46
N LEU D 37 -25.89 -16.56 7.82
CA LEU D 37 -27.05 -17.43 7.66
C LEU D 37 -28.21 -17.00 8.54
N ALA D 38 -27.94 -16.68 9.81
CA ALA D 38 -29.01 -16.23 10.70
C ALA D 38 -29.65 -14.96 10.18
N LYS D 39 -28.84 -14.01 9.70
CA LYS D 39 -29.41 -12.79 9.14
C LYS D 39 -30.20 -13.09 7.87
N GLY D 40 -29.67 -13.95 7.00
CA GLY D 40 -30.41 -14.35 5.81
C GLY D 40 -31.72 -15.04 6.13
N PHE D 41 -31.68 -16.04 7.01
CA PHE D 41 -32.90 -16.80 7.34
C PHE D 41 -33.97 -15.90 7.92
N THR D 42 -33.59 -14.95 8.77
CA THR D 42 -34.60 -14.10 9.40
C THR D 42 -35.14 -13.07 8.42
N ALA D 43 -34.26 -12.47 7.62
CA ALA D 43 -34.72 -11.54 6.59
C ALA D 43 -35.66 -12.22 5.61
N ALA D 44 -35.40 -13.49 5.29
CA ALA D 44 -36.29 -14.27 4.45
C ALA D 44 -37.60 -14.60 5.13
N GLY D 45 -37.70 -14.38 6.45
CA GLY D 45 -38.91 -14.70 7.18
C GLY D 45 -39.22 -16.18 7.26
N VAL D 46 -38.21 -17.03 7.14
CA VAL D 46 -38.43 -18.47 7.25
C VAL D 46 -38.34 -18.94 8.69
N LEU D 47 -37.45 -18.34 9.49
CA LEU D 47 -37.35 -18.65 10.91
C LEU D 47 -37.34 -17.34 11.69
N ALA D 48 -37.87 -17.40 12.91
CA ALA D 48 -37.85 -16.26 13.81
C ALA D 48 -36.53 -16.24 14.59
N ALA D 49 -35.98 -15.04 14.78
CA ALA D 49 -34.66 -14.89 15.39
C ALA D 49 -34.55 -15.60 16.73
N HIS D 50 -35.65 -15.67 17.50
CA HIS D 50 -35.61 -16.33 18.79
C HIS D 50 -35.63 -17.85 18.68
N LYS D 51 -36.03 -18.40 17.54
CA LYS D 51 -35.96 -19.83 17.28
C LYS D 51 -34.57 -20.28 16.86
N ILE D 52 -33.57 -19.40 16.94
CA ILE D 52 -32.21 -19.69 16.52
C ILE D 52 -31.30 -19.56 17.75
N MET D 53 -30.43 -20.55 17.94
CA MET D 53 -29.47 -20.55 19.03
C MET D 53 -28.06 -20.75 18.47
N ALA D 54 -27.10 -20.00 19.01
CA ALA D 54 -25.72 -20.10 18.59
C ALA D 54 -24.83 -20.25 19.81
N SER D 55 -23.77 -21.05 19.67
CA SER D 55 -22.81 -21.27 20.74
C SER D 55 -21.42 -20.89 20.27
N SER D 56 -20.66 -20.23 21.15
CA SER D 56 -19.31 -19.79 20.84
C SER D 56 -18.42 -19.97 22.07
N PRO D 57 -17.19 -20.45 21.89
CA PRO D 57 -16.24 -20.49 23.01
C PRO D 57 -15.80 -19.12 23.47
N ASP D 58 -15.94 -18.10 22.63
CA ASP D 58 -15.54 -16.72 22.95
C ASP D 58 -16.72 -15.80 22.66
N MET D 59 -17.43 -15.40 23.72
CA MET D 59 -18.56 -14.49 23.57
C MET D 59 -18.13 -13.04 23.34
N ASP D 60 -16.83 -12.78 23.22
CA ASP D 60 -16.31 -11.43 23.06
C ASP D 60 -16.15 -11.03 21.60
N LEU D 61 -16.68 -11.81 20.66
CA LEU D 61 -16.53 -11.52 19.25
C LEU D 61 -17.56 -10.48 18.80
N ALA D 62 -17.24 -9.80 17.70
CA ALA D 62 -18.17 -8.82 17.14
C ALA D 62 -19.39 -9.50 16.53
N THR D 63 -19.19 -10.67 15.92
CA THR D 63 -20.33 -11.40 15.37
C THR D 63 -21.29 -11.82 16.46
N VAL D 64 -20.78 -12.21 17.63
CA VAL D 64 -21.64 -12.58 18.75
C VAL D 64 -22.45 -11.38 19.24
N SER D 65 -21.86 -10.17 19.18
CA SER D 65 -22.60 -8.98 19.58
C SER D 65 -23.78 -8.71 18.65
N ALA D 66 -23.57 -8.84 17.34
CA ALA D 66 -24.64 -8.58 16.40
C ALA D 66 -25.76 -9.61 16.52
N LEU D 67 -25.41 -10.90 16.62
CA LEU D 67 -26.42 -11.93 16.79
C LEU D 67 -27.30 -11.65 18.02
N ARG D 68 -26.69 -11.20 19.11
CA ARG D 68 -27.46 -10.85 20.30
C ARG D 68 -28.47 -9.76 20.01
N LYS D 69 -28.02 -8.67 19.36
CA LYS D 69 -28.94 -7.59 19.01
C LYS D 69 -30.00 -8.05 18.01
N MET D 70 -29.68 -9.05 17.18
CA MET D 70 -30.66 -9.61 16.27
C MET D 70 -31.83 -10.28 17.00
N GLY D 71 -31.64 -10.67 18.25
CA GLY D 71 -32.60 -11.50 18.95
C GLY D 71 -32.29 -12.97 18.94
N VAL D 72 -31.08 -13.36 18.53
CA VAL D 72 -30.68 -14.76 18.52
C VAL D 72 -30.15 -15.14 19.90
N LYS D 73 -30.65 -16.24 20.44
CA LYS D 73 -30.18 -16.70 21.74
C LYS D 73 -28.77 -17.22 21.63
N LEU D 74 -27.89 -16.74 22.51
CA LEU D 74 -26.51 -17.19 22.56
C LEU D 74 -26.26 -17.99 23.83
N THR D 75 -25.28 -18.88 23.76
CA THR D 75 -24.90 -19.71 24.90
C THR D 75 -23.45 -20.13 24.74
N PRO D 76 -22.72 -20.31 25.85
CA PRO D 76 -21.36 -20.84 25.75
C PRO D 76 -21.28 -22.35 25.70
N HIS D 77 -22.41 -23.06 25.76
CA HIS D 77 -22.43 -24.52 25.87
C HIS D 77 -23.00 -25.12 24.58
N ASN D 78 -22.14 -25.81 23.82
CA ASN D 78 -22.58 -26.46 22.59
C ASN D 78 -23.70 -27.46 22.85
N LYS D 79 -23.66 -28.13 24.01
CA LYS D 79 -24.72 -29.10 24.33
C LYS D 79 -26.08 -28.42 24.42
N GLU D 80 -26.13 -27.18 24.89
CA GLU D 80 -27.41 -26.46 24.91
C GLU D 80 -27.92 -26.21 23.50
N THR D 81 -27.01 -25.89 22.57
CA THR D 81 -27.44 -25.68 21.18
C THR D 81 -27.97 -26.97 20.57
N VAL D 82 -27.35 -28.10 20.90
CA VAL D 82 -27.79 -29.38 20.33
C VAL D 82 -29.19 -29.72 20.81
N GLN D 83 -29.44 -29.55 22.12
CA GLN D 83 -30.73 -29.91 22.66
C GLN D 83 -31.85 -29.02 22.14
N HIS D 84 -31.55 -27.75 21.87
CA HIS D 84 -32.55 -26.81 21.41
C HIS D 84 -32.81 -26.87 19.92
N SER D 85 -31.97 -27.56 19.14
CA SER D 85 -32.00 -27.47 17.69
C SER D 85 -32.56 -28.73 17.06
N ASP D 86 -33.32 -28.55 15.96
CA ASP D 86 -33.70 -29.63 15.06
C ASP D 86 -32.68 -29.78 13.93
N VAL D 87 -32.36 -28.69 13.26
CA VAL D 87 -31.31 -28.65 12.25
C VAL D 87 -30.10 -27.98 12.88
N LEU D 88 -28.95 -28.65 12.83
CA LEU D 88 -27.75 -28.22 13.54
C LEU D 88 -26.67 -27.90 12.53
N PHE D 89 -26.33 -26.61 12.40
CA PHE D 89 -25.26 -26.16 11.51
C PHE D 89 -23.94 -26.17 12.25
N LEU D 90 -22.92 -26.80 11.66
CA LEU D 90 -21.57 -26.79 12.22
C LEU D 90 -20.79 -25.72 11.46
N ALA D 91 -20.65 -24.55 12.10
CA ALA D 91 -19.99 -23.42 11.47
C ALA D 91 -18.71 -23.07 12.22
N VAL D 92 -17.80 -24.03 12.31
CA VAL D 92 -16.51 -23.86 12.95
C VAL D 92 -15.43 -24.25 11.96
N LYS D 93 -14.19 -23.85 12.27
CA LYS D 93 -13.03 -24.18 11.46
C LYS D 93 -12.95 -25.69 11.26
N PRO D 94 -12.46 -26.16 10.11
CA PRO D 94 -12.50 -27.61 9.84
C PRO D 94 -11.75 -28.44 10.87
N HIS D 95 -10.68 -27.92 11.46
CA HIS D 95 -9.90 -28.68 12.42
C HIS D 95 -10.56 -28.79 13.78
N ILE D 96 -11.60 -27.99 14.05
CA ILE D 96 -12.34 -28.13 15.29
C ILE D 96 -13.47 -29.15 15.18
N ILE D 97 -13.89 -29.52 13.96
CA ILE D 97 -15.03 -30.41 13.79
C ILE D 97 -14.87 -31.72 14.58
N PRO D 98 -13.77 -32.47 14.46
CA PRO D 98 -13.68 -33.72 15.24
C PRO D 98 -13.70 -33.51 16.74
N PHE D 99 -13.18 -32.38 17.22
CA PHE D 99 -13.26 -32.09 18.65
C PHE D 99 -14.68 -31.70 19.06
N ILE D 100 -15.43 -31.07 18.15
CA ILE D 100 -16.83 -30.78 18.44
C ILE D 100 -17.64 -32.08 18.43
N LEU D 101 -17.37 -32.96 17.47
CA LEU D 101 -18.15 -34.20 17.37
C LEU D 101 -17.92 -35.09 18.59
N ASP D 102 -16.70 -35.08 19.13
CA ASP D 102 -16.43 -35.81 20.37
C ASP D 102 -17.22 -35.23 21.54
N GLU D 103 -17.43 -33.92 21.54
CA GLU D 103 -18.06 -33.25 22.68
C GLU D 103 -19.56 -33.49 22.72
N ILE D 104 -20.26 -33.25 21.61
CA ILE D 104 -21.71 -33.32 21.59
C ILE D 104 -22.24 -34.60 20.96
N GLY D 105 -21.35 -35.53 20.60
CA GLY D 105 -21.78 -36.71 19.86
C GLY D 105 -22.78 -37.57 20.59
N ALA D 106 -22.66 -37.67 21.92
CA ALA D 106 -23.63 -38.41 22.72
C ALA D 106 -24.95 -37.68 22.87
N ASP D 107 -25.04 -36.43 22.43
CA ASP D 107 -26.27 -35.65 22.46
C ASP D 107 -26.98 -35.61 21.12
N ILE D 108 -26.32 -36.04 20.04
CA ILE D 108 -26.98 -36.15 18.75
C ILE D 108 -27.99 -37.28 18.80
N GLU D 109 -29.22 -36.99 18.39
CA GLU D 109 -30.30 -37.95 18.44
C GLU D 109 -30.78 -38.26 17.02
N ASP D 110 -31.68 -39.24 16.93
CA ASP D 110 -32.24 -39.59 15.62
C ASP D 110 -32.96 -38.41 15.00
N ARG D 111 -33.49 -37.51 15.82
CA ARG D 111 -34.24 -36.36 15.32
C ARG D 111 -33.34 -35.30 14.66
N HIS D 112 -32.04 -35.35 14.90
CA HIS D 112 -31.18 -34.27 14.45
C HIS D 112 -30.80 -34.41 12.98
N ILE D 113 -30.79 -33.29 12.26
CA ILE D 113 -30.11 -33.18 10.99
C ILE D 113 -28.87 -32.34 11.22
N VAL D 114 -27.70 -32.94 11.04
CA VAL D 114 -26.42 -32.28 11.25
C VAL D 114 -25.93 -31.77 9.90
N VAL D 115 -25.78 -30.45 9.78
CA VAL D 115 -25.37 -29.81 8.54
C VAL D 115 -23.97 -29.25 8.76
N SER D 116 -22.97 -29.85 8.12
CA SER D 116 -21.61 -29.37 8.23
C SER D 116 -21.34 -28.34 7.15
N CYS D 117 -20.90 -27.16 7.57
CA CYS D 117 -20.51 -26.08 6.66
C CYS D 117 -19.00 -25.93 6.53
N ALA D 118 -18.23 -26.75 7.25
CA ALA D 118 -16.78 -26.59 7.22
C ALA D 118 -16.23 -27.02 5.86
N ALA D 119 -15.27 -26.26 5.36
CA ALA D 119 -14.62 -26.62 4.11
C ALA D 119 -13.89 -27.93 4.28
N GLY D 120 -14.00 -28.81 3.28
CA GLY D 120 -13.17 -29.99 3.23
C GLY D 120 -13.69 -31.18 4.03
N VAL D 121 -14.32 -30.92 5.18
CA VAL D 121 -14.71 -31.99 6.10
C VAL D 121 -15.74 -32.89 5.43
N THR D 122 -15.43 -34.18 5.32
CA THR D 122 -16.22 -35.10 4.52
C THR D 122 -17.38 -35.65 5.32
N ILE D 123 -18.46 -36.01 4.62
CA ILE D 123 -19.59 -36.66 5.26
C ILE D 123 -19.12 -37.91 5.97
N SER D 124 -18.20 -38.65 5.35
CA SER D 124 -17.75 -39.92 5.91
C SER D 124 -17.08 -39.71 7.26
N SER D 125 -16.25 -38.67 7.39
CA SER D 125 -15.58 -38.41 8.66
C SER D 125 -16.59 -38.06 9.75
N ILE D 126 -17.64 -37.33 9.40
CA ILE D 126 -18.64 -36.96 10.40
C ILE D 126 -19.46 -38.18 10.81
N GLU D 127 -19.91 -38.94 9.82
CA GLU D 127 -20.70 -40.14 10.13
C GLU D 127 -19.88 -41.14 10.93
N LYS D 128 -18.57 -41.22 10.71
CA LYS D 128 -17.75 -42.16 11.48
C LYS D 128 -17.74 -41.79 12.95
N LYS D 129 -17.58 -40.49 13.24
CA LYS D 129 -17.59 -40.03 14.63
C LYS D 129 -18.95 -40.25 15.29
N LEU D 130 -20.02 -39.78 14.64
CA LEU D 130 -21.33 -39.84 15.27
C LEU D 130 -21.90 -41.25 15.31
N SER D 131 -21.55 -42.11 14.36
CA SER D 131 -22.06 -43.48 14.38
C SER D 131 -21.56 -44.28 15.57
N ALA D 132 -20.52 -43.80 16.26
CA ALA D 132 -20.08 -44.47 17.48
C ALA D 132 -21.07 -44.26 18.62
N PHE D 133 -21.91 -43.23 18.53
CA PHE D 133 -22.88 -42.94 19.59
C PHE D 133 -24.26 -43.51 19.30
N ARG D 134 -24.82 -43.26 18.11
CA ARG D 134 -26.11 -43.77 17.67
C ARG D 134 -25.94 -44.07 16.19
N PRO D 135 -26.56 -45.14 15.68
CA PRO D 135 -26.05 -45.76 14.44
C PRO D 135 -26.44 -45.11 13.12
N ALA D 136 -27.43 -44.22 13.07
CA ALA D 136 -27.90 -43.65 11.80
C ALA D 136 -27.94 -42.13 11.82
N PRO D 137 -26.81 -41.46 12.03
CA PRO D 137 -26.84 -39.99 12.07
C PRO D 137 -27.17 -39.41 10.70
N ARG D 138 -28.08 -38.44 10.71
CA ARG D 138 -28.51 -37.77 9.48
C ARG D 138 -27.61 -36.57 9.24
N VAL D 139 -26.77 -36.65 8.20
CA VAL D 139 -25.71 -35.67 7.96
C VAL D 139 -25.89 -35.09 6.55
N ILE D 140 -25.78 -33.77 6.45
CA ILE D 140 -25.73 -33.08 5.17
C ILE D 140 -24.47 -32.23 5.17
N ARG D 141 -23.76 -32.24 4.06
CA ARG D 141 -22.60 -31.39 3.86
C ARG D 141 -22.98 -30.23 2.96
N CYS D 142 -22.60 -29.03 3.36
CA CYS D 142 -23.04 -27.84 2.66
C CYS D 142 -21.85 -26.93 2.40
N MET D 143 -21.90 -26.21 1.29
CA MET D 143 -20.96 -25.14 1.02
CA MET D 143 -20.95 -25.16 1.00
C MET D 143 -21.76 -23.95 0.56
N THR D 144 -21.72 -22.89 1.36
CA THR D 144 -22.49 -21.69 1.07
C THR D 144 -21.52 -20.52 1.12
N ASN D 145 -22.01 -19.29 1.07
CA ASN D 145 -21.12 -18.15 1.10
C ASN D 145 -21.80 -16.96 1.76
N THR D 146 -21.03 -15.91 1.99
CA THR D 146 -21.55 -14.85 2.85
C THR D 146 -22.72 -14.07 2.25
N PRO D 147 -22.89 -13.99 0.90
CA PRO D 147 -24.04 -13.23 0.39
C PRO D 147 -25.42 -13.80 0.73
N VAL D 148 -25.49 -14.91 1.46
CA VAL D 148 -26.80 -15.28 2.02
C VAL D 148 -27.34 -14.15 2.89
N VAL D 149 -26.46 -13.27 3.39
CA VAL D 149 -26.91 -12.18 4.25
C VAL D 149 -27.79 -11.20 3.49
N VAL D 150 -27.65 -11.10 2.17
CA VAL D 150 -28.57 -10.33 1.33
C VAL D 150 -29.42 -11.24 0.45
N ARG D 151 -29.60 -12.50 0.87
CA ARG D 151 -30.44 -13.47 0.18
C ARG D 151 -30.01 -13.70 -1.26
N GLU D 152 -28.71 -13.58 -1.53
CA GLU D 152 -28.15 -13.89 -2.85
C GLU D 152 -26.97 -14.83 -2.71
N GLY D 153 -27.06 -15.77 -1.77
CA GLY D 153 -26.03 -16.78 -1.61
C GLY D 153 -25.97 -17.73 -2.78
N ALA D 154 -24.87 -18.49 -2.81
CA ALA D 154 -24.69 -19.62 -3.71
C ALA D 154 -24.39 -20.83 -2.84
N THR D 155 -25.29 -21.82 -2.85
CA THR D 155 -25.19 -22.94 -1.93
C THR D 155 -25.28 -24.26 -2.69
N VAL D 156 -24.40 -25.20 -2.35
CA VAL D 156 -24.60 -26.59 -2.78
C VAL D 156 -24.61 -27.45 -1.53
N TYR D 157 -25.26 -28.61 -1.64
CA TYR D 157 -25.27 -29.54 -0.53
C TYR D 157 -25.21 -30.96 -1.07
N ALA D 158 -24.69 -31.85 -0.23
CA ALA D 158 -24.72 -33.29 -0.48
C ALA D 158 -25.32 -33.99 0.74
N THR D 159 -26.16 -34.99 0.47
CA THR D 159 -26.84 -35.74 1.51
C THR D 159 -26.05 -36.97 1.92
N GLY D 160 -26.06 -37.27 3.22
CA GLY D 160 -25.31 -38.38 3.76
C GLY D 160 -26.02 -39.72 3.63
N THR D 161 -25.38 -40.73 4.20
CA THR D 161 -25.84 -42.11 4.09
C THR D 161 -27.24 -42.29 4.68
N HIS D 162 -27.52 -41.64 5.81
CA HIS D 162 -28.76 -41.86 6.53
C HIS D 162 -29.72 -40.68 6.42
N ALA D 163 -29.37 -39.68 5.61
CA ALA D 163 -30.27 -38.55 5.39
C ALA D 163 -31.53 -39.02 4.66
N GLN D 164 -32.68 -38.68 5.20
CA GLN D 164 -33.93 -39.08 4.58
C GLN D 164 -34.24 -38.17 3.39
N VAL D 165 -35.17 -38.62 2.54
CA VAL D 165 -35.46 -37.85 1.32
C VAL D 165 -36.00 -36.48 1.67
N GLU D 166 -36.88 -36.42 2.69
CA GLU D 166 -37.36 -35.12 3.15
C GLU D 166 -36.25 -34.26 3.76
N ASP D 167 -35.16 -34.87 4.23
CA ASP D 167 -34.05 -34.09 4.76
C ASP D 167 -33.41 -33.24 3.66
N GLY D 168 -33.16 -33.85 2.51
CA GLY D 168 -32.63 -33.09 1.38
C GLY D 168 -33.59 -32.02 0.90
N ARG D 169 -34.89 -32.33 0.88
CA ARG D 169 -35.87 -31.35 0.45
C ARG D 169 -35.95 -30.18 1.42
N LEU D 170 -35.95 -30.47 2.73
CA LEU D 170 -35.94 -29.41 3.72
C LEU D 170 -34.71 -28.53 3.57
N MET D 171 -33.54 -29.17 3.42
CA MET D 171 -32.31 -28.42 3.20
C MET D 171 -32.42 -27.51 1.98
N GLU D 172 -32.98 -28.03 0.87
CA GLU D 172 -33.08 -27.21 -0.33
C GLU D 172 -34.03 -26.04 -0.13
N GLN D 173 -35.16 -26.28 0.53
CA GLN D 173 -36.10 -25.20 0.82
C GLN D 173 -35.45 -24.14 1.70
N LEU D 174 -34.76 -24.56 2.75
CA LEU D 174 -34.13 -23.64 3.69
C LEU D 174 -33.07 -22.79 2.98
N LEU D 175 -32.16 -23.43 2.26
CA LEU D 175 -31.07 -22.68 1.66
C LEU D 175 -31.50 -21.93 0.40
N SER D 176 -32.57 -22.36 -0.26
CA SER D 176 -33.09 -21.57 -1.38
C SER D 176 -33.73 -20.26 -0.93
N SER D 177 -34.09 -20.14 0.36
CA SER D 177 -34.69 -18.89 0.81
C SER D 177 -33.67 -17.76 0.87
N VAL D 178 -32.38 -18.07 0.82
CA VAL D 178 -31.33 -17.08 0.92
C VAL D 178 -30.41 -17.09 -0.30
N GLY D 179 -30.82 -17.71 -1.40
CA GLY D 179 -30.05 -17.62 -2.62
C GLY D 179 -30.22 -18.87 -3.47
N PHE D 180 -29.30 -19.04 -4.41
CA PHE D 180 -29.30 -20.23 -5.25
C PHE D 180 -28.91 -21.46 -4.42
N CYS D 181 -29.58 -22.57 -4.67
CA CYS D 181 -29.22 -23.80 -3.95
C CYS D 181 -29.49 -25.00 -4.84
N THR D 182 -28.53 -25.93 -4.89
CA THR D 182 -28.77 -27.16 -5.63
C THR D 182 -28.01 -28.30 -4.97
N GLU D 183 -28.55 -29.51 -5.12
CA GLU D 183 -27.88 -30.70 -4.66
C GLU D 183 -26.76 -31.09 -5.62
N VAL D 184 -25.63 -31.51 -5.08
CA VAL D 184 -24.52 -32.03 -5.87
C VAL D 184 -24.04 -33.33 -5.23
N GLU D 185 -23.29 -34.10 -6.00
CA GLU D 185 -22.50 -35.18 -5.42
C GLU D 185 -21.36 -34.57 -4.60
N GLU D 186 -21.02 -35.25 -3.49
CA GLU D 186 -20.07 -34.68 -2.55
C GLU D 186 -18.71 -34.43 -3.20
N ASP D 187 -18.35 -35.21 -4.22
CA ASP D 187 -17.02 -35.03 -4.79
C ASP D 187 -16.87 -33.72 -5.56
N LEU D 188 -17.93 -32.94 -5.72
CA LEU D 188 -17.83 -31.61 -6.34
C LEU D 188 -17.63 -30.49 -5.33
N ILE D 189 -17.76 -30.77 -4.03
CA ILE D 189 -17.89 -29.66 -3.08
C ILE D 189 -16.57 -28.91 -2.88
N ASP D 190 -15.43 -29.60 -2.93
CA ASP D 190 -14.16 -28.88 -2.82
C ASP D 190 -14.01 -27.88 -3.96
N ALA D 191 -14.39 -28.26 -5.18
CA ALA D 191 -14.32 -27.34 -6.32
C ALA D 191 -15.30 -26.18 -6.16
N VAL D 192 -16.50 -26.45 -5.65
CA VAL D 192 -17.46 -25.37 -5.42
C VAL D 192 -16.90 -24.39 -4.40
N THR D 193 -16.20 -24.90 -3.40
CA THR D 193 -15.54 -24.04 -2.43
C THR D 193 -14.61 -23.06 -3.12
N GLY D 194 -13.80 -23.55 -4.05
CA GLY D 194 -12.87 -22.67 -4.74
C GLY D 194 -13.55 -21.66 -5.63
N LEU D 195 -14.76 -21.96 -6.08
CA LEU D 195 -15.46 -21.08 -7.02
C LEU D 195 -16.40 -20.13 -6.27
N SER D 196 -17.54 -20.64 -5.76
CA SER D 196 -18.49 -19.74 -5.13
C SER D 196 -18.30 -19.61 -3.62
N GLY D 197 -17.62 -20.54 -2.95
CA GLY D 197 -17.30 -20.32 -1.54
C GLY D 197 -16.33 -19.16 -1.34
N SER D 198 -15.19 -19.21 -2.01
CA SER D 198 -14.22 -18.12 -1.96
C SER D 198 -14.57 -16.97 -2.89
N GLY D 199 -15.42 -17.23 -3.88
CA GLY D 199 -15.78 -16.26 -4.90
C GLY D 199 -16.04 -14.83 -4.46
N PRO D 200 -16.84 -14.63 -3.41
CA PRO D 200 -17.11 -13.25 -2.98
C PRO D 200 -15.85 -12.46 -2.66
N ALA D 201 -14.83 -13.11 -2.09
CA ALA D 201 -13.58 -12.44 -1.80
C ALA D 201 -12.86 -12.00 -3.07
N TYR D 202 -12.92 -12.83 -4.13
CA TYR D 202 -12.34 -12.39 -5.40
C TYR D 202 -13.04 -11.14 -5.88
N ALA D 203 -14.37 -11.14 -5.75
CA ALA D 203 -15.16 -9.99 -6.18
C ALA D 203 -14.86 -8.76 -5.35
N PHE D 204 -14.73 -8.91 -4.01
CA PHE D 204 -14.42 -7.75 -3.17
C PHE D 204 -13.05 -7.17 -3.52
N THR D 205 -12.08 -8.06 -3.79
CA THR D 205 -10.76 -7.61 -4.26
C THR D 205 -10.89 -6.84 -5.57
N ALA D 206 -11.64 -7.41 -6.51
CA ALA D 206 -11.84 -6.77 -7.81
C ALA D 206 -12.52 -5.42 -7.68
N LEU D 207 -13.52 -5.31 -6.79
CA LEU D 207 -14.23 -4.04 -6.65
C LEU D 207 -13.36 -2.98 -6.00
N ASP D 208 -12.52 -3.37 -5.04
CA ASP D 208 -11.56 -2.43 -4.46
C ASP D 208 -10.62 -1.90 -5.54
N ALA D 209 -10.10 -2.81 -6.38
CA ALA D 209 -9.17 -2.42 -7.44
C ALA D 209 -9.86 -1.57 -8.50
N LEU D 210 -11.06 -1.96 -8.93
CA LEU D 210 -11.79 -1.15 -9.90
C LEU D 210 -12.04 0.25 -9.36
N ALA D 211 -12.40 0.37 -8.08
CA ALA D 211 -12.60 1.68 -7.48
C ALA D 211 -11.30 2.49 -7.49
N ASP D 212 -10.16 1.85 -7.18
CA ASP D 212 -8.86 2.51 -7.28
C ASP D 212 -8.63 3.04 -8.69
N GLY D 213 -8.97 2.23 -9.69
CA GLY D 213 -8.86 2.68 -11.08
C GLY D 213 -9.73 3.90 -11.37
N GLY D 214 -10.98 3.89 -10.88
CA GLY D 214 -11.81 5.07 -11.04
C GLY D 214 -11.23 6.30 -10.35
N VAL D 215 -10.67 6.10 -9.16
CA VAL D 215 -10.05 7.22 -8.44
C VAL D 215 -8.83 7.74 -9.20
N LYS D 216 -8.01 6.82 -9.73
CA LYS D 216 -6.86 7.25 -10.52
C LYS D 216 -7.29 8.16 -11.66
N MET D 217 -8.40 7.84 -12.31
CA MET D 217 -8.88 8.63 -13.45
C MET D 217 -9.77 9.80 -13.05
N GLY D 218 -9.89 10.11 -11.76
CA GLY D 218 -10.49 11.34 -11.32
C GLY D 218 -11.83 11.21 -10.62
N LEU D 219 -12.33 10.00 -10.40
CA LEU D 219 -13.62 9.93 -9.72
C LEU D 219 -13.46 9.96 -8.19
N PRO D 220 -14.43 10.53 -7.49
CA PRO D 220 -14.46 10.38 -6.03
C PRO D 220 -14.59 8.91 -5.66
N ARG D 221 -13.96 8.55 -4.54
CA ARG D 221 -13.94 7.16 -4.09
CA ARG D 221 -13.95 7.15 -4.13
C ARG D 221 -15.36 6.60 -3.95
N ARG D 222 -16.25 7.37 -3.30
CA ARG D 222 -17.60 6.87 -3.03
C ARG D 222 -18.34 6.55 -4.32
N LEU D 223 -18.25 7.45 -5.31
CA LEU D 223 -18.88 7.17 -6.61
C LEU D 223 -18.24 5.99 -7.30
N ALA D 224 -16.90 5.89 -7.26
CA ALA D 224 -16.23 4.79 -7.94
C ALA D 224 -16.65 3.44 -7.35
N VAL D 225 -16.78 3.36 -6.02
CA VAL D 225 -17.18 2.09 -5.40
C VAL D 225 -18.59 1.71 -5.84
N ARG D 226 -19.50 2.68 -5.84
CA ARG D 226 -20.90 2.44 -6.22
C ARG D 226 -21.00 2.00 -7.68
N LEU D 227 -20.34 2.73 -8.59
CA LEU D 227 -20.40 2.36 -10.01
C LEU D 227 -19.80 0.98 -10.28
N GLY D 228 -18.64 0.68 -9.68
CA GLY D 228 -18.03 -0.61 -9.91
C GLY D 228 -18.89 -1.75 -9.41
N ALA D 229 -19.48 -1.59 -8.22
CA ALA D 229 -20.33 -2.65 -7.68
C ALA D 229 -21.59 -2.81 -8.54
N GLN D 230 -22.15 -1.69 -9.00
CA GLN D 230 -23.35 -1.79 -9.82
C GLN D 230 -23.04 -2.43 -11.17
N ALA D 231 -21.88 -2.13 -11.74
CA ALA D 231 -21.47 -2.78 -12.99
C ALA D 231 -21.34 -4.28 -12.82
N LEU D 232 -20.72 -4.73 -11.72
CA LEU D 232 -20.55 -6.15 -11.51
C LEU D 232 -21.89 -6.83 -11.26
N LEU D 233 -22.74 -6.21 -10.44
CA LEU D 233 -24.06 -6.77 -10.18
C LEU D 233 -24.87 -6.88 -11.46
N GLY D 234 -24.86 -5.83 -12.28
CA GLY D 234 -25.65 -5.86 -13.49
C GLY D 234 -25.13 -6.88 -14.49
N ALA D 235 -23.80 -6.99 -14.62
CA ALA D 235 -23.24 -7.96 -15.55
C ALA D 235 -23.57 -9.37 -15.11
N ALA D 236 -23.43 -9.66 -13.82
CA ALA D 236 -23.76 -10.99 -13.32
C ALA D 236 -25.23 -11.31 -13.56
N LYS D 237 -26.13 -10.34 -13.29
CA LYS D 237 -27.54 -10.58 -13.55
C LYS D 237 -27.80 -10.80 -15.03
N MET D 238 -27.16 -10.02 -15.91
CA MET D 238 -27.32 -10.24 -17.35
C MET D 238 -26.98 -11.67 -17.73
N LEU D 239 -25.85 -12.18 -17.22
CA LEU D 239 -25.43 -13.53 -17.60
C LEU D 239 -26.42 -14.56 -17.08
N LEU D 240 -26.90 -14.38 -15.84
CA LEU D 240 -27.84 -15.35 -15.28
C LEU D 240 -29.15 -15.38 -16.04
N HIS D 241 -29.53 -14.26 -16.68
CA HIS D 241 -30.78 -14.15 -17.41
C HIS D 241 -30.63 -14.40 -18.91
N SER D 242 -29.41 -14.58 -19.40
CA SER D 242 -29.15 -14.77 -20.82
C SER D 242 -28.86 -16.24 -21.11
N GLU D 243 -29.24 -16.68 -22.30
CA GLU D 243 -28.80 -17.98 -22.80
C GLU D 243 -27.47 -17.91 -23.53
N GLN D 244 -26.90 -16.72 -23.66
CA GLN D 244 -25.70 -16.53 -24.47
C GLN D 244 -24.44 -16.80 -23.67
N HIS D 245 -23.40 -17.18 -24.38
CA HIS D 245 -22.11 -17.43 -23.78
C HIS D 245 -21.51 -16.13 -23.24
N PRO D 246 -20.79 -16.18 -22.11
CA PRO D 246 -20.16 -14.95 -21.60
C PRO D 246 -19.28 -14.25 -22.63
N GLY D 247 -18.62 -15.01 -23.50
CA GLY D 247 -17.85 -14.40 -24.56
C GLY D 247 -18.70 -13.64 -25.57
N GLN D 248 -19.92 -14.13 -25.84
CA GLN D 248 -20.82 -13.39 -26.72
C GLN D 248 -21.29 -12.09 -26.06
N LEU D 249 -21.60 -12.14 -24.76
CA LEU D 249 -21.97 -10.93 -24.06
C LEU D 249 -20.81 -9.95 -24.03
N LYS D 250 -19.60 -10.46 -23.83
CA LYS D 250 -18.40 -9.62 -23.90
C LYS D 250 -18.26 -8.99 -25.27
N ASP D 251 -18.44 -9.79 -26.33
CA ASP D 251 -18.33 -9.25 -27.68
C ASP D 251 -19.34 -8.13 -27.90
N ASN D 252 -20.54 -8.25 -27.32
CA ASN D 252 -21.55 -7.22 -27.49
C ASN D 252 -21.15 -5.89 -26.86
N VAL D 253 -20.32 -5.92 -25.81
CA VAL D 253 -19.90 -4.69 -25.13
C VAL D 253 -18.87 -3.93 -25.97
N SER D 254 -18.07 -4.64 -26.76
CA SER D 254 -16.82 -4.11 -27.30
C SER D 254 -17.03 -3.62 -28.73
N SER D 255 -17.23 -2.31 -28.89
CA SER D 255 -17.30 -1.74 -30.21
C SER D 255 -15.93 -1.72 -30.88
N PRO D 256 -15.87 -1.87 -32.20
CA PRO D 256 -14.58 -1.94 -32.89
C PRO D 256 -13.76 -0.67 -32.65
N GLY D 257 -12.49 -0.88 -32.28
CA GLY D 257 -11.57 0.21 -32.01
C GLY D 257 -11.81 0.94 -30.71
N GLY D 258 -12.78 0.50 -29.91
CA GLY D 258 -13.32 1.31 -28.85
C GLY D 258 -12.62 1.14 -27.51
N ALA D 259 -13.20 1.81 -26.52
CA ALA D 259 -12.58 1.86 -25.20
C ALA D 259 -12.55 0.49 -24.52
N THR D 260 -13.65 -0.25 -24.62
CA THR D 260 -13.72 -1.54 -23.92
C THR D 260 -12.70 -2.54 -24.47
N ILE D 261 -12.59 -2.64 -25.79
CA ILE D 261 -11.66 -3.64 -26.33
C ILE D 261 -10.22 -3.24 -26.01
N HIS D 262 -9.91 -1.94 -25.91
CA HIS D 262 -8.57 -1.55 -25.47
C HIS D 262 -8.31 -1.99 -24.03
N ALA D 263 -9.32 -1.86 -23.16
CA ALA D 263 -9.19 -2.29 -21.77
C ALA D 263 -9.09 -3.81 -21.67
N LEU D 264 -9.87 -4.53 -22.47
CA LEU D 264 -9.77 -5.99 -22.41
C LEU D 264 -8.38 -6.45 -22.83
N HIS D 265 -7.74 -5.74 -23.75
CA HIS D 265 -6.38 -6.12 -24.13
C HIS D 265 -5.43 -6.05 -22.93
N VAL D 266 -5.50 -4.98 -22.13
CA VAL D 266 -4.57 -4.88 -21.01
C VAL D 266 -4.88 -5.95 -19.97
N LEU D 267 -6.15 -6.33 -19.78
CA LEU D 267 -6.43 -7.48 -18.91
C LEU D 267 -5.75 -8.72 -19.46
N GLU D 268 -5.90 -8.97 -20.76
CA GLU D 268 -5.33 -10.17 -21.35
C GLU D 268 -3.81 -10.18 -21.22
N SER D 269 -3.18 -9.00 -21.37
CA SER D 269 -1.72 -8.97 -21.34
C SER D 269 -1.17 -9.32 -19.97
N GLY D 270 -1.94 -9.09 -18.91
CA GLY D 270 -1.53 -9.51 -17.58
C GLY D 270 -1.99 -10.90 -17.20
N GLY D 271 -2.60 -11.64 -18.12
CA GLY D 271 -3.06 -12.98 -17.79
C GLY D 271 -4.21 -12.99 -16.78
N PHE D 272 -5.08 -11.99 -16.86
CA PHE D 272 -6.23 -11.86 -15.95
C PHE D 272 -6.99 -13.17 -15.79
N ARG D 273 -7.31 -13.82 -16.92
CA ARG D 273 -8.07 -15.08 -16.84
C ARG D 273 -7.31 -16.12 -16.05
N SER D 274 -6.01 -16.27 -16.30
CA SER D 274 -5.23 -17.30 -15.61
C SER D 274 -5.17 -17.04 -14.11
N LEU D 275 -5.21 -15.78 -13.68
CA LEU D 275 -5.18 -15.51 -12.24
C LEU D 275 -6.43 -16.03 -11.57
N LEU D 276 -7.59 -15.85 -12.21
CA LEU D 276 -8.84 -16.34 -11.64
C LEU D 276 -8.88 -17.88 -11.65
N ILE D 277 -8.38 -18.50 -12.72
CA ILE D 277 -8.26 -19.97 -12.71
C ILE D 277 -7.34 -20.40 -11.56
N ASN D 278 -6.19 -19.72 -11.43
CA ASN D 278 -5.26 -20.02 -10.34
C ASN D 278 -5.94 -19.96 -8.98
N ALA D 279 -6.82 -18.98 -8.82
CA ALA D 279 -7.48 -18.76 -7.53
C ALA D 279 -8.44 -19.90 -7.21
N VAL D 280 -9.32 -20.23 -8.16
CA VAL D 280 -10.25 -21.35 -7.94
C VAL D 280 -9.47 -22.60 -7.58
N GLU D 281 -8.37 -22.87 -8.32
CA GLU D 281 -7.56 -24.04 -8.09
C GLU D 281 -6.91 -24.02 -6.72
N ALA D 282 -6.33 -22.88 -6.34
CA ALA D 282 -5.62 -22.80 -5.05
C ALA D 282 -6.59 -22.98 -3.89
N SER D 283 -7.80 -22.43 -4.00
CA SER D 283 -8.78 -22.58 -2.93
C SER D 283 -9.25 -24.04 -2.85
N CYS D 284 -9.54 -24.65 -4.01
CA CYS D 284 -9.93 -26.05 -4.05
C CYS D 284 -8.84 -26.96 -3.49
N ILE D 285 -7.59 -26.73 -3.90
CA ILE D 285 -6.49 -27.58 -3.42
C ILE D 285 -6.31 -27.42 -1.92
N ARG D 286 -6.42 -26.19 -1.40
CA ARG D 286 -6.28 -26.00 0.04
C ARG D 286 -7.41 -26.72 0.78
N THR D 287 -8.61 -26.69 0.21
CA THR D 287 -9.74 -27.37 0.83
C THR D 287 -9.46 -28.86 0.92
N ARG D 288 -8.92 -29.45 -0.14
CA ARG D 288 -8.52 -30.87 -0.10
C ARG D 288 -7.45 -31.11 0.95
N GLU D 289 -6.50 -30.17 1.10
CA GLU D 289 -5.48 -30.29 2.14
C GLU D 289 -6.08 -30.30 3.53
N LEU D 290 -6.97 -29.33 3.80
CA LEU D 290 -7.56 -29.23 5.12
C LEU D 290 -8.31 -30.50 5.51
N GLN D 291 -8.85 -31.20 4.51
CA GLN D 291 -9.53 -32.47 4.78
C GLN D 291 -8.52 -33.58 5.05
N SER D 292 -7.53 -33.73 4.16
CA SER D 292 -6.51 -34.77 4.31
C SER D 292 -5.64 -34.59 5.55
N MET D 293 -5.76 -33.48 6.26
CA MET D 293 -5.06 -33.31 7.53
C MET D 293 -6.01 -32.80 8.60
N SER E 22 55.96 22.40 -1.65
CA SER E 22 55.95 23.84 -1.91
C SER E 22 54.60 24.27 -2.46
N MET E 23 53.85 23.30 -2.97
CA MET E 23 52.56 23.56 -3.60
C MET E 23 51.46 23.69 -2.54
N SER E 24 50.60 24.70 -2.72
CA SER E 24 49.47 24.95 -1.84
C SER E 24 48.18 24.57 -2.57
N VAL E 25 47.32 23.84 -1.87
CA VAL E 25 46.09 23.29 -2.44
C VAL E 25 44.90 23.84 -1.68
N GLY E 26 43.84 24.19 -2.41
CA GLY E 26 42.61 24.64 -1.80
C GLY E 26 41.42 23.82 -2.27
N PHE E 27 40.41 23.77 -1.40
CA PHE E 27 39.16 23.07 -1.69
C PHE E 27 37.99 24.02 -1.47
N ILE E 28 37.21 24.25 -2.53
CA ILE E 28 35.94 24.95 -2.40
C ILE E 28 34.86 23.88 -2.24
N GLY E 29 34.24 23.85 -1.08
CA GLY E 29 33.45 22.71 -0.65
C GLY E 29 34.23 21.90 0.36
N ALA E 30 33.60 21.52 1.45
CA ALA E 30 34.23 20.71 2.49
C ALA E 30 33.37 19.51 2.81
N GLY E 31 32.95 18.81 1.77
CA GLY E 31 32.08 17.67 1.87
C GLY E 31 32.84 16.36 1.77
N GLN E 32 32.15 15.31 1.33
CA GLN E 32 32.74 13.98 1.29
C GLN E 32 33.98 13.95 0.40
N LEU E 33 33.89 14.56 -0.79
CA LEU E 33 34.98 14.46 -1.76
C LEU E 33 36.22 15.22 -1.30
N ALA E 34 36.02 16.41 -0.72
CA ALA E 34 37.16 17.18 -0.25
C ALA E 34 37.86 16.46 0.89
N PHE E 35 37.09 15.86 1.80
CA PHE E 35 37.71 15.09 2.87
C PHE E 35 38.47 13.92 2.31
N ALA E 36 37.83 13.15 1.43
CA ALA E 36 38.45 11.97 0.85
C ALA E 36 39.77 12.34 0.18
N LEU E 37 39.76 13.38 -0.66
CA LEU E 37 40.98 13.79 -1.35
C LEU E 37 42.03 14.28 -0.38
N ALA E 38 41.63 15.08 0.62
CA ALA E 38 42.60 15.61 1.57
C ALA E 38 43.22 14.51 2.40
N LYS E 39 42.41 13.53 2.82
CA LYS E 39 42.96 12.43 3.59
C LYS E 39 43.88 11.56 2.75
N GLY E 40 43.50 11.30 1.49
CA GLY E 40 44.38 10.55 0.62
C GLY E 40 45.69 11.27 0.36
N PHE E 41 45.61 12.58 0.06
CA PHE E 41 46.80 13.36 -0.23
C PHE E 41 47.78 13.36 0.94
N THR E 42 47.25 13.55 2.15
CA THR E 42 48.13 13.63 3.31
C THR E 42 48.64 12.25 3.71
N ALA E 43 47.80 11.22 3.61
CA ALA E 43 48.27 9.86 3.85
C ALA E 43 49.35 9.47 2.85
N ALA E 44 49.27 9.97 1.62
CA ALA E 44 50.25 9.62 0.60
C ALA E 44 51.58 10.29 0.83
N GLY E 45 51.62 11.37 1.63
CA GLY E 45 52.82 12.14 1.85
C GLY E 45 53.10 13.21 0.82
N VAL E 46 52.33 13.26 -0.27
CA VAL E 46 52.60 14.26 -1.32
C VAL E 46 52.24 15.67 -0.88
N LEU E 47 51.53 15.81 0.23
CA LEU E 47 50.99 17.11 0.63
C LEU E 47 50.81 17.09 2.13
N ALA E 48 51.45 18.02 2.84
CA ALA E 48 51.21 18.16 4.26
C ALA E 48 49.87 18.86 4.46
N ALA E 49 49.17 18.49 5.54
CA ALA E 49 47.84 19.02 5.78
C ALA E 49 47.84 20.54 5.84
N HIS E 50 48.94 21.13 6.29
CA HIS E 50 49.03 22.57 6.47
C HIS E 50 49.15 23.33 5.15
N LYS E 51 49.42 22.63 4.05
CA LYS E 51 49.39 23.25 2.72
C LYS E 51 48.01 23.19 2.09
N ILE E 52 47.02 22.65 2.80
CA ILE E 52 45.66 22.49 2.30
C ILE E 52 44.74 23.43 3.08
N MET E 53 43.86 24.12 2.35
CA MET E 53 42.81 24.94 2.95
C MET E 53 41.48 24.60 2.31
N ALA E 54 40.43 24.56 3.11
CA ALA E 54 39.10 24.24 2.62
C ALA E 54 38.08 25.23 3.17
N SER E 55 37.12 25.60 2.31
CA SER E 55 36.02 26.47 2.69
C SER E 55 34.70 25.74 2.52
N SER E 56 33.75 26.08 3.39
CA SER E 56 32.43 25.47 3.36
C SER E 56 31.39 26.55 3.63
N PRO E 57 30.23 26.48 2.96
CA PRO E 57 29.11 27.35 3.34
C PRO E 57 28.48 26.98 4.67
N ASP E 58 28.98 25.94 5.34
CA ASP E 58 28.40 25.44 6.60
C ASP E 58 29.57 24.89 7.41
N MET E 59 30.15 25.74 8.27
CA MET E 59 31.31 25.36 9.06
C MET E 59 30.92 24.43 10.22
N ASP E 60 29.73 23.82 10.14
CA ASP E 60 29.27 22.88 11.16
C ASP E 60 29.26 21.44 10.67
N LEU E 61 29.76 21.18 9.46
CA LEU E 61 29.71 19.84 8.90
C LEU E 61 30.64 18.89 9.65
N ALA E 62 30.29 17.60 9.63
CA ALA E 62 31.18 16.58 10.18
C ALA E 62 32.50 16.54 9.44
N THR E 63 32.46 16.69 8.12
CA THR E 63 33.69 16.69 7.32
C THR E 63 34.54 17.91 7.63
N VAL E 64 33.93 19.02 8.04
CA VAL E 64 34.72 20.19 8.45
C VAL E 64 35.47 19.90 9.76
N SER E 65 34.80 19.23 10.70
CA SER E 65 35.47 18.84 11.93
C SER E 65 36.63 17.89 11.66
N ALA E 66 36.43 16.93 10.76
CA ALA E 66 37.47 15.95 10.47
C ALA E 66 38.68 16.59 9.81
N LEU E 67 38.46 17.48 8.84
CA LEU E 67 39.57 18.19 8.20
C LEU E 67 40.36 19.00 9.22
N ARG E 68 39.67 19.57 10.21
CA ARG E 68 40.38 20.34 11.24
C ARG E 68 41.27 19.43 12.08
N LYS E 69 40.77 18.24 12.44
CA LYS E 69 41.58 17.30 13.20
C LYS E 69 42.82 16.87 12.43
N MET E 70 42.70 16.73 11.11
CA MET E 70 43.84 16.34 10.27
C MET E 70 44.89 17.44 10.17
N GLY E 71 44.55 18.67 10.52
CA GLY E 71 45.47 19.79 10.35
C GLY E 71 45.21 20.67 9.14
N VAL E 72 44.09 20.46 8.44
CA VAL E 72 43.75 21.29 7.29
C VAL E 72 43.16 22.61 7.79
N LYS E 73 43.64 23.71 7.22
CA LYS E 73 43.07 25.02 7.53
C LYS E 73 41.67 25.13 6.98
N LEU E 74 40.82 25.88 7.69
CA LEU E 74 39.42 26.01 7.35
C LEU E 74 38.99 27.47 7.38
N THR E 75 37.93 27.76 6.64
CA THR E 75 37.39 29.11 6.53
C THR E 75 35.96 29.02 6.03
N PRO E 76 35.13 30.02 6.32
CA PRO E 76 33.82 30.10 5.67
C PRO E 76 33.84 30.91 4.39
N HIS E 77 34.95 31.56 4.06
CA HIS E 77 35.05 32.48 2.94
C HIS E 77 35.78 31.80 1.78
N ASN E 78 35.06 31.60 0.67
CA ASN E 78 35.69 31.02 -0.51
C ASN E 78 36.83 31.89 -1.03
N LYS E 79 36.78 33.20 -0.76
CA LYS E 79 37.84 34.09 -1.19
C LYS E 79 39.17 33.76 -0.51
N GLU E 80 39.12 33.40 0.78
CA GLU E 80 40.35 33.06 1.49
C GLU E 80 40.99 31.81 0.92
N THR E 81 40.18 30.80 0.60
CA THR E 81 40.72 29.60 -0.01
C THR E 81 41.42 29.92 -1.32
N VAL E 82 40.83 30.81 -2.13
CA VAL E 82 41.41 31.14 -3.43
C VAL E 82 42.78 31.79 -3.25
N GLN E 83 42.87 32.76 -2.34
CA GLN E 83 44.13 33.47 -2.10
C GLN E 83 45.22 32.57 -1.55
N HIS E 84 44.86 31.47 -0.88
CA HIS E 84 45.86 30.56 -0.35
C HIS E 84 46.35 29.56 -1.39
N SER E 85 45.52 29.20 -2.36
CA SER E 85 45.75 28.01 -3.17
C SER E 85 46.54 28.33 -4.43
N ASP E 86 47.43 27.40 -4.80
CA ASP E 86 47.91 27.32 -6.17
C ASP E 86 46.95 26.47 -7.00
N VAL E 87 46.76 25.23 -6.59
CA VAL E 87 45.77 24.33 -7.19
C VAL E 87 44.48 24.45 -6.40
N LEU E 88 43.39 24.71 -7.10
CA LEU E 88 42.08 24.96 -6.49
C LEU E 88 41.10 23.91 -6.97
N PHE E 89 40.66 23.05 -6.05
CA PHE E 89 39.66 22.02 -6.33
C PHE E 89 38.26 22.58 -6.09
N LEU E 90 37.38 22.38 -7.06
CA LEU E 90 35.96 22.69 -6.91
C LEU E 90 35.26 21.38 -6.55
N ALA E 91 34.96 21.21 -5.26
CA ALA E 91 34.31 20.00 -4.79
C ALA E 91 32.92 20.34 -4.24
N VAL E 92 32.13 21.06 -5.03
CA VAL E 92 30.76 21.39 -4.65
C VAL E 92 29.83 20.68 -5.61
N LYS E 93 28.54 20.67 -5.26
CA LYS E 93 27.54 20.05 -6.13
C LYS E 93 27.55 20.73 -7.49
N PRO E 94 27.33 19.98 -8.57
CA PRO E 94 27.43 20.56 -9.92
C PRO E 94 26.57 21.81 -10.12
N HIS E 95 25.39 21.89 -9.51
CA HIS E 95 24.53 23.04 -9.73
C HIS E 95 25.04 24.30 -9.03
N ILE E 96 25.92 24.16 -8.02
CA ILE E 96 26.48 25.33 -7.34
C ILE E 96 27.70 25.90 -8.06
N ILE E 97 28.28 25.17 -9.02
CA ILE E 97 29.50 25.64 -9.69
C ILE E 97 29.31 27.01 -10.34
N PRO E 98 28.26 27.27 -11.14
CA PRO E 98 28.10 28.62 -11.70
C PRO E 98 28.08 29.72 -10.65
N PHE E 99 27.43 29.48 -9.51
CA PHE E 99 27.39 30.50 -8.46
C PHE E 99 28.76 30.70 -7.84
N ILE E 100 29.54 29.63 -7.71
CA ILE E 100 30.89 29.74 -7.15
C ILE E 100 31.80 30.51 -8.10
N LEU E 101 31.75 30.18 -9.40
CA LEU E 101 32.60 30.87 -10.36
C LEU E 101 32.31 32.36 -10.40
N ASP E 102 31.04 32.74 -10.24
CA ASP E 102 30.71 34.16 -10.18
C ASP E 102 31.19 34.82 -8.90
N GLU E 103 31.31 34.04 -7.82
CA GLU E 103 31.73 34.61 -6.53
C GLU E 103 33.23 34.84 -6.48
N ILE E 104 34.01 33.91 -7.02
CA ILE E 104 35.46 33.93 -6.92
C ILE E 104 36.14 34.30 -8.22
N GLY E 105 35.38 34.53 -9.29
CA GLY E 105 35.98 34.78 -10.59
C GLY E 105 36.98 35.92 -10.58
N ALA E 106 36.67 37.00 -9.85
CA ALA E 106 37.56 38.16 -9.81
C ALA E 106 38.87 37.86 -9.08
N ASP E 107 38.93 36.77 -8.32
CA ASP E 107 40.09 36.43 -7.51
C ASP E 107 41.05 35.46 -8.18
N ILE E 108 40.66 34.86 -9.31
CA ILE E 108 41.56 33.95 -10.02
C ILE E 108 42.73 34.73 -10.59
N GLU E 109 43.92 34.11 -10.58
CA GLU E 109 45.13 34.75 -11.06
C GLU E 109 45.86 33.82 -12.03
N ASP E 110 46.97 34.32 -12.58
CA ASP E 110 47.69 33.59 -13.61
C ASP E 110 48.24 32.27 -13.09
N ARG E 111 48.65 32.24 -11.82
CA ARG E 111 49.26 31.05 -11.23
C ARG E 111 48.26 29.94 -10.93
N HIS E 112 46.95 30.24 -10.95
CA HIS E 112 45.96 29.29 -10.48
C HIS E 112 45.69 28.20 -11.49
N ILE E 113 45.53 26.97 -10.98
CA ILE E 113 44.95 25.86 -11.72
C ILE E 113 43.64 25.51 -11.04
N VAL E 114 42.54 25.66 -11.76
CA VAL E 114 41.20 25.39 -11.22
C VAL E 114 40.82 23.98 -11.66
N VAL E 115 40.56 23.11 -10.69
CA VAL E 115 40.24 21.71 -10.94
C VAL E 115 38.79 21.48 -10.55
N SER E 116 37.93 21.29 -11.53
CA SER E 116 36.53 21.02 -11.26
C SER E 116 36.35 19.52 -11.12
N CYS E 117 35.82 19.10 -9.98
CA CYS E 117 35.48 17.71 -9.74
C CYS E 117 34.00 17.44 -9.95
N ALA E 118 33.22 18.47 -10.26
CA ALA E 118 31.78 18.32 -10.41
C ALA E 118 31.45 17.44 -11.61
N ALA E 119 30.54 16.49 -11.40
CA ALA E 119 30.07 15.65 -12.48
C ALA E 119 29.37 16.47 -13.56
N GLY E 120 29.63 16.12 -14.82
CA GLY E 120 28.91 16.71 -15.93
C GLY E 120 29.36 18.08 -16.38
N VAL E 121 29.82 18.92 -15.45
CA VAL E 121 30.11 20.32 -15.75
C VAL E 121 31.30 20.41 -16.71
N THR E 122 31.07 21.05 -17.85
CA THR E 122 32.07 21.02 -18.91
C THR E 122 33.16 22.07 -18.69
N ILE E 123 34.33 21.78 -19.25
CA ILE E 123 35.41 22.76 -19.27
C ILE E 123 34.95 24.05 -19.95
N SER E 124 34.19 23.93 -21.02
CA SER E 124 33.71 25.10 -21.75
C SER E 124 32.89 26.02 -20.83
N SER E 125 32.02 25.44 -20.02
CA SER E 125 31.16 26.24 -19.16
C SER E 125 31.97 26.96 -18.09
N ILE E 126 33.00 26.29 -17.57
CA ILE E 126 33.83 26.92 -16.54
C ILE E 126 34.70 28.01 -17.15
N GLU E 127 35.31 27.72 -18.31
CA GLU E 127 36.14 28.71 -18.95
C GLU E 127 35.32 29.92 -19.41
N LYS E 128 34.05 29.72 -19.77
CA LYS E 128 33.24 30.86 -20.19
C LYS E 128 32.96 31.79 -19.03
N LYS E 129 32.66 31.24 -17.85
CA LYS E 129 32.40 32.06 -16.67
C LYS E 129 33.66 32.79 -16.21
N LEU E 130 34.78 32.06 -16.12
CA LEU E 130 36.00 32.65 -15.59
C LEU E 130 36.64 33.64 -16.57
N SER E 131 36.53 33.40 -17.88
CA SER E 131 37.13 34.31 -18.85
C SER E 131 36.48 35.69 -18.84
N ALA E 132 35.29 35.82 -18.26
CA ALA E 132 34.69 37.14 -18.12
C ALA E 132 35.50 38.03 -17.18
N PHE E 133 36.37 37.43 -16.35
CA PHE E 133 37.15 38.15 -15.35
C PHE E 133 38.63 38.31 -15.73
N ARG E 134 39.30 37.23 -16.09
CA ARG E 134 40.68 37.29 -16.55
C ARG E 134 40.83 36.25 -17.65
N PRO E 135 41.54 36.59 -18.73
CA PRO E 135 41.22 35.98 -20.04
C PRO E 135 41.59 34.51 -20.20
N ALA E 136 42.65 34.01 -19.58
CA ALA E 136 43.15 32.66 -19.86
C ALA E 136 43.15 31.77 -18.62
N PRO E 137 41.98 31.48 -18.06
CA PRO E 137 41.96 30.62 -16.87
C PRO E 137 42.45 29.21 -17.19
N ARG E 138 43.30 28.68 -16.32
CA ARG E 138 43.81 27.32 -16.46
C ARG E 138 42.84 26.38 -15.75
N VAL E 139 42.14 25.56 -16.52
CA VAL E 139 41.08 24.70 -16.02
C VAL E 139 41.40 23.25 -16.35
N ILE E 140 41.18 22.37 -15.38
CA ILE E 140 41.23 20.93 -15.56
C ILE E 140 39.95 20.35 -15.00
N ARG E 141 39.35 19.42 -15.74
CA ARG E 141 38.15 18.73 -15.31
C ARG E 141 38.52 17.33 -14.83
N CYS E 142 38.00 16.95 -13.67
CA CYS E 142 38.36 15.71 -12.99
C CYS E 142 37.10 14.88 -12.74
N MET E 143 37.21 13.56 -12.83
CA MET E 143 36.20 12.66 -12.27
C MET E 143 36.95 11.66 -11.41
N THR E 144 36.75 11.75 -10.11
CA THR E 144 37.40 10.83 -9.19
C THR E 144 36.30 10.12 -8.42
N ASN E 145 36.67 9.38 -7.38
CA ASN E 145 35.65 8.68 -6.61
C ASN E 145 36.09 8.61 -5.15
N THR E 146 35.19 8.13 -4.29
CA THR E 146 35.48 8.26 -2.87
C THR E 146 36.64 7.40 -2.37
N PRO E 147 37.00 6.27 -3.03
CA PRO E 147 38.11 5.47 -2.51
C PRO E 147 39.47 6.13 -2.53
N VAL E 148 39.60 7.36 -3.05
CA VAL E 148 40.85 8.08 -2.80
C VAL E 148 41.10 8.21 -1.32
N VAL E 149 40.06 8.09 -0.49
CA VAL E 149 40.23 8.18 0.96
C VAL E 149 41.12 7.06 1.50
N VAL E 150 41.22 5.93 0.78
CA VAL E 150 42.13 4.84 1.13
C VAL E 150 43.19 4.66 0.04
N ARG E 151 43.43 5.70 -0.74
CA ARG E 151 44.47 5.74 -1.78
C ARG E 151 44.27 4.67 -2.86
N GLU E 152 43.01 4.32 -3.13
CA GLU E 152 42.67 3.40 -4.21
C GLU E 152 41.58 3.98 -5.09
N GLY E 153 41.64 5.29 -5.31
CA GLY E 153 40.72 5.94 -6.20
C GLY E 153 40.93 5.55 -7.65
N ALA E 154 39.96 5.93 -8.46
CA ALA E 154 40.03 5.84 -9.92
C ALA E 154 39.69 7.22 -10.43
N THR E 155 40.66 7.85 -11.08
CA THR E 155 40.53 9.26 -11.50
C THR E 155 40.88 9.39 -12.98
N VAL E 156 40.06 10.15 -13.70
CA VAL E 156 40.46 10.61 -15.03
C VAL E 156 40.39 12.12 -15.00
N TYR E 157 41.13 12.74 -15.92
CA TYR E 157 41.11 14.19 -16.02
C TYR E 157 41.25 14.59 -17.47
N ALA E 158 40.71 15.76 -17.80
CA ALA E 158 40.89 16.38 -19.11
C ALA E 158 41.39 17.81 -18.91
N THR E 159 42.31 18.23 -19.77
CA THR E 159 42.91 19.55 -19.66
C THR E 159 42.15 20.56 -20.50
N GLY E 160 42.05 21.78 -19.99
CA GLY E 160 41.32 22.84 -20.65
C GLY E 160 42.15 23.55 -21.70
N THR E 161 41.53 24.59 -22.28
CA THR E 161 42.12 25.32 -23.40
C THR E 161 43.46 25.95 -23.04
N HIS E 162 43.57 26.53 -21.85
CA HIS E 162 44.74 27.29 -21.44
C HIS E 162 45.60 26.55 -20.43
N ALA E 163 45.30 25.28 -20.17
CA ALA E 163 46.12 24.50 -19.26
C ALA E 163 47.47 24.21 -19.91
N GLN E 164 48.55 24.55 -19.21
CA GLN E 164 49.88 24.21 -19.69
C GLN E 164 50.12 22.71 -19.59
N VAL E 165 51.13 22.23 -20.31
CA VAL E 165 51.45 20.80 -20.27
C VAL E 165 51.90 20.41 -18.86
N GLU E 166 52.64 21.30 -18.19
CA GLU E 166 53.04 21.02 -16.82
C GLU E 166 51.84 20.89 -15.88
N ASP E 167 50.76 21.61 -16.18
CA ASP E 167 49.55 21.52 -15.37
C ASP E 167 48.98 20.11 -15.42
N GLY E 168 48.89 19.54 -16.63
CA GLY E 168 48.44 18.16 -16.75
C GLY E 168 49.35 17.18 -16.03
N ARG E 169 50.66 17.40 -16.11
CA ARG E 169 51.61 16.51 -15.43
C ARG E 169 51.52 16.68 -13.93
N LEU E 170 51.36 17.91 -13.45
CA LEU E 170 51.17 18.14 -12.02
C LEU E 170 49.92 17.45 -11.53
N MET E 171 48.82 17.57 -12.30
CA MET E 171 47.57 16.91 -11.93
CA MET E 171 47.59 16.92 -11.88
C MET E 171 47.75 15.41 -11.83
N GLU E 172 48.37 14.81 -12.85
CA GLU E 172 48.51 13.35 -12.85
C GLU E 172 49.40 12.89 -11.72
N GLN E 173 50.42 13.68 -11.38
CA GLN E 173 51.29 13.33 -10.26
C GLN E 173 50.52 13.36 -8.95
N LEU E 174 49.73 14.41 -8.74
CA LEU E 174 48.95 14.55 -7.50
C LEU E 174 47.89 13.46 -7.38
N LEU E 175 47.12 13.24 -8.43
CA LEU E 175 46.04 12.27 -8.28
C LEU E 175 46.52 10.83 -8.35
N SER E 176 47.67 10.56 -8.96
CA SER E 176 48.23 9.21 -8.93
C SER E 176 48.64 8.78 -7.54
N SER E 177 48.87 9.73 -6.64
CA SER E 177 49.26 9.33 -5.28
C SER E 177 48.10 8.72 -4.51
N VAL E 178 46.86 8.89 -4.97
CA VAL E 178 45.70 8.38 -4.26
C VAL E 178 44.92 7.36 -5.09
N GLY E 179 45.51 6.85 -6.17
CA GLY E 179 44.89 5.79 -6.93
C GLY E 179 45.32 5.83 -8.38
N PHE E 180 44.54 5.16 -9.22
CA PHE E 180 44.79 5.17 -10.65
C PHE E 180 44.43 6.54 -11.20
N CYS E 181 45.25 7.03 -12.13
CA CYS E 181 44.95 8.31 -12.76
C CYS E 181 45.45 8.30 -14.21
N THR E 182 44.60 8.75 -15.12
CA THR E 182 45.05 8.90 -16.50
C THR E 182 44.30 10.05 -17.15
N GLU E 183 44.93 10.63 -18.17
CA GLU E 183 44.30 11.67 -18.95
C GLU E 183 43.36 11.05 -19.98
N VAL E 184 42.21 11.69 -20.20
CA VAL E 184 41.25 11.28 -21.20
C VAL E 184 40.76 12.51 -21.96
N GLU E 185 40.21 12.27 -23.16
CA GLU E 185 39.41 13.30 -23.81
C GLU E 185 38.18 13.60 -22.95
N GLU E 186 37.78 14.87 -22.92
CA GLU E 186 36.66 15.25 -22.08
C GLU E 186 35.38 14.52 -22.47
N ASP E 187 35.23 14.16 -23.75
CA ASP E 187 33.96 13.52 -24.09
C ASP E 187 33.82 12.11 -23.51
N LEU E 188 34.84 11.56 -22.82
CA LEU E 188 34.70 10.28 -22.13
C LEU E 188 34.26 10.42 -20.68
N ILE E 189 34.28 11.63 -20.11
CA ILE E 189 34.19 11.74 -18.66
C ILE E 189 32.80 11.38 -18.14
N ASP E 190 31.73 11.66 -18.90
CA ASP E 190 30.41 11.26 -18.43
C ASP E 190 30.26 9.73 -18.35
N ALA E 191 30.86 9.00 -19.29
CA ALA E 191 30.85 7.53 -19.21
C ALA E 191 31.70 7.02 -18.05
N VAL E 192 32.86 7.64 -17.82
CA VAL E 192 33.67 7.28 -16.65
C VAL E 192 32.86 7.50 -15.38
N THR E 193 32.09 8.59 -15.32
CA THR E 193 31.24 8.85 -14.16
C THR E 193 30.31 7.67 -13.90
N GLY E 194 29.72 7.12 -14.96
CA GLY E 194 28.82 5.99 -14.80
C GLY E 194 29.50 4.72 -14.37
N LEU E 195 30.80 4.59 -14.64
CA LEU E 195 31.54 3.37 -14.35
C LEU E 195 32.27 3.50 -13.02
N SER E 196 33.32 4.33 -12.96
CA SER E 196 34.07 4.38 -11.71
C SER E 196 33.60 5.47 -10.75
N GLY E 197 32.92 6.50 -11.23
CA GLY E 197 32.36 7.49 -10.32
C GLY E 197 31.26 6.91 -9.44
N SER E 198 30.24 6.31 -10.07
CA SER E 198 29.17 5.63 -9.35
C SER E 198 29.55 4.21 -8.92
N GLY E 199 30.61 3.64 -9.50
CA GLY E 199 31.00 2.27 -9.24
C GLY E 199 31.06 1.85 -7.78
N PRO E 200 31.64 2.66 -6.91
CA PRO E 200 31.72 2.23 -5.51
C PRO E 200 30.36 1.93 -4.89
N ALA E 201 29.32 2.68 -5.27
CA ALA E 201 27.97 2.41 -4.77
C ALA E 201 27.46 1.06 -5.26
N TYR E 202 27.77 0.68 -6.51
CA TYR E 202 27.37 -0.66 -6.99
C TYR E 202 28.03 -1.71 -6.12
N ALA E 203 29.30 -1.50 -5.79
CA ALA E 203 30.03 -2.45 -4.95
C ALA E 203 29.48 -2.51 -3.54
N PHE E 204 29.15 -1.35 -2.95
CA PHE E 204 28.58 -1.37 -1.61
C PHE E 204 27.26 -2.14 -1.60
N THR E 205 26.44 -1.92 -2.64
CA THR E 205 25.18 -2.65 -2.74
C THR E 205 25.43 -4.14 -2.84
N ALA E 206 26.39 -4.54 -3.70
CA ALA E 206 26.72 -5.94 -3.88
C ALA E 206 27.22 -6.56 -2.57
N LEU E 207 28.04 -5.80 -1.84
CA LEU E 207 28.61 -6.35 -0.60
C LEU E 207 27.55 -6.53 0.49
N ASP E 208 26.60 -5.60 0.58
CA ASP E 208 25.48 -5.77 1.50
C ASP E 208 24.71 -7.04 1.16
N ALA E 209 24.44 -7.24 -0.14
CA ALA E 209 23.67 -8.41 -0.57
C ALA E 209 24.44 -9.70 -0.36
N LEU E 210 25.74 -9.71 -0.72
CA LEU E 210 26.54 -10.91 -0.49
C LEU E 210 26.57 -11.27 0.99
N ALA E 211 26.66 -10.26 1.87
CA ALA E 211 26.64 -10.51 3.29
C ALA E 211 25.29 -11.09 3.73
N ASP E 212 24.19 -10.55 3.19
CA ASP E 212 22.86 -11.13 3.44
C ASP E 212 22.83 -12.60 3.02
N GLY E 213 23.41 -12.92 1.86
CA GLY E 213 23.49 -14.32 1.45
C GLY E 213 24.29 -15.17 2.42
N GLY E 214 25.45 -14.66 2.87
CA GLY E 214 26.22 -15.38 3.87
C GLY E 214 25.44 -15.61 5.16
N VAL E 215 24.72 -14.59 5.62
CA VAL E 215 23.89 -14.72 6.82
C VAL E 215 22.78 -15.73 6.60
N LYS E 216 22.12 -15.69 5.42
CA LYS E 216 21.09 -16.69 5.16
C LYS E 216 21.63 -18.11 5.29
N MET E 217 22.87 -18.34 4.85
CA MET E 217 23.45 -19.69 4.90
C MET E 217 24.14 -19.99 6.22
N GLY E 218 24.02 -19.12 7.23
CA GLY E 218 24.41 -19.43 8.60
C GLY E 218 25.62 -18.70 9.15
N LEU E 219 26.20 -17.71 8.35
CA LEU E 219 27.37 -17.02 8.87
C LEU E 219 26.94 -15.82 9.72
N PRO E 220 27.71 -15.50 10.74
CA PRO E 220 27.48 -14.24 11.46
C PRO E 220 27.70 -13.07 10.53
N ARG E 221 26.94 -12.00 10.76
CA ARG E 221 26.97 -10.84 9.88
CA ARG E 221 26.98 -10.87 9.86
C ARG E 221 28.38 -10.28 9.74
N ARG E 222 29.09 -10.11 10.85
CA ARG E 222 30.40 -9.47 10.81
C ARG E 222 31.38 -10.27 9.96
N LEU E 223 31.39 -11.59 10.12
CA LEU E 223 32.24 -12.42 9.28
C LEU E 223 31.81 -12.36 7.82
N ALA E 224 30.51 -12.37 7.55
CA ALA E 224 30.05 -12.38 6.16
C ALA E 224 30.45 -11.09 5.45
N VAL E 225 30.33 -9.97 6.14
CA VAL E 225 30.76 -8.69 5.54
C VAL E 225 32.24 -8.72 5.22
N ARG E 226 33.04 -9.18 6.19
CA ARG E 226 34.49 -9.20 6.02
C ARG E 226 34.89 -10.12 4.87
N LEU E 227 34.33 -11.32 4.82
CA LEU E 227 34.66 -12.26 3.76
C LEU E 227 34.24 -11.76 2.38
N GLY E 228 33.03 -11.17 2.29
CA GLY E 228 32.57 -10.69 1.00
C GLY E 228 33.42 -9.54 0.47
N ALA E 229 33.77 -8.60 1.35
CA ALA E 229 34.64 -7.48 0.96
C ALA E 229 36.03 -7.97 0.58
N GLN E 230 36.59 -8.92 1.35
CA GLN E 230 37.89 -9.44 1.00
C GLN E 230 37.86 -10.18 -0.33
N ALA E 231 36.78 -10.92 -0.60
CA ALA E 231 36.68 -11.61 -1.89
C ALA E 231 36.66 -10.63 -3.04
N LEU E 232 35.90 -9.54 -2.91
CA LEU E 232 35.82 -8.56 -3.98
C LEU E 232 37.15 -7.84 -4.16
N LEU E 233 37.79 -7.46 -3.04
CA LEU E 233 39.09 -6.82 -3.13
C LEU E 233 40.09 -7.72 -3.83
N GLY E 234 40.17 -8.99 -3.41
CA GLY E 234 41.17 -9.86 -3.98
C GLY E 234 40.94 -10.13 -5.46
N ALA E 235 39.67 -10.31 -5.85
CA ALA E 235 39.37 -10.56 -7.25
C ALA E 235 39.73 -9.36 -8.11
N ALA E 236 39.38 -8.17 -7.64
CA ALA E 236 39.73 -6.96 -8.38
C ALA E 236 41.24 -6.83 -8.53
N LYS E 237 41.99 -7.11 -7.45
CA LYS E 237 43.44 -7.03 -7.55
C LYS E 237 43.99 -8.08 -8.51
N MET E 238 43.45 -9.31 -8.46
CA MET E 238 43.84 -10.33 -9.44
C MET E 238 43.70 -9.83 -10.86
N LEU E 239 42.54 -9.23 -11.18
CA LEU E 239 42.31 -8.78 -12.54
C LEU E 239 43.29 -7.67 -12.92
N LEU E 240 43.56 -6.76 -11.98
CA LEU E 240 44.48 -5.67 -12.26
C LEU E 240 45.90 -6.16 -12.50
N HIS E 241 46.30 -7.27 -11.85
CA HIS E 241 47.64 -7.81 -11.97
C HIS E 241 47.77 -8.87 -13.06
N SER E 242 46.70 -9.13 -13.80
CA SER E 242 46.67 -10.18 -14.80
C SER E 242 46.52 -9.55 -16.18
N GLU E 243 47.14 -10.16 -17.18
CA GLU E 243 46.85 -9.83 -18.56
C GLU E 243 45.65 -10.60 -19.09
N GLN E 244 45.07 -11.48 -18.29
CA GLN E 244 44.02 -12.37 -18.77
C GLN E 244 42.66 -11.69 -18.73
N HIS E 245 41.80 -12.11 -19.65
CA HIS E 245 40.43 -11.64 -19.70
C HIS E 245 39.68 -12.02 -18.42
N PRO E 246 38.74 -11.18 -17.95
CA PRO E 246 37.96 -11.57 -16.75
C PRO E 246 37.17 -12.85 -16.96
N GLY E 247 36.77 -13.17 -18.19
CA GLY E 247 36.16 -14.47 -18.45
C GLY E 247 37.12 -15.63 -18.24
N GLN E 248 38.39 -15.45 -18.59
CA GLN E 248 39.37 -16.51 -18.36
C GLN E 248 39.60 -16.71 -16.87
N LEU E 249 39.68 -15.62 -16.10
CA LEU E 249 39.83 -15.77 -14.66
C LEU E 249 38.61 -16.45 -14.06
N LYS E 250 37.42 -16.12 -14.58
CA LYS E 250 36.20 -16.79 -14.12
C LYS E 250 36.27 -18.28 -14.43
N ASP E 251 36.69 -18.64 -15.64
CA ASP E 251 36.84 -20.05 -15.99
C ASP E 251 37.76 -20.78 -15.01
N ASN E 252 38.84 -20.11 -14.57
CA ASN E 252 39.78 -20.73 -13.64
C ASN E 252 39.14 -21.02 -12.27
N VAL E 253 38.17 -20.20 -11.86
CA VAL E 253 37.50 -20.42 -10.56
C VAL E 253 36.58 -21.63 -10.62
N SER E 254 35.99 -21.89 -11.79
CA SER E 254 34.82 -22.75 -11.91
C SER E 254 35.25 -24.19 -12.20
N SER E 255 35.30 -25.03 -11.18
CA SER E 255 35.57 -26.44 -11.43
C SER E 255 34.33 -27.13 -12.02
N PRO E 256 34.52 -28.10 -12.91
CA PRO E 256 33.37 -28.77 -13.55
C PRO E 256 32.42 -29.37 -12.53
N GLY E 257 31.12 -29.09 -12.74
CA GLY E 257 30.08 -29.57 -11.86
C GLY E 257 30.03 -28.93 -10.50
N GLY E 258 30.91 -27.97 -10.21
CA GLY E 258 31.14 -27.51 -8.86
C GLY E 258 30.22 -26.41 -8.38
N ALA E 259 30.54 -25.92 -7.19
CA ALA E 259 29.70 -24.95 -6.51
C ALA E 259 29.67 -23.62 -7.25
N THR E 260 30.83 -23.19 -7.74
CA THR E 260 30.90 -21.86 -8.33
C THR E 260 30.07 -21.79 -9.61
N ILE E 261 30.20 -22.81 -10.48
CA ILE E 261 29.49 -22.76 -11.75
C ILE E 261 27.98 -22.84 -11.51
N HIS E 262 27.54 -23.56 -10.46
CA HIS E 262 26.13 -23.54 -10.11
C HIS E 262 25.67 -22.14 -9.71
N ALA E 263 26.49 -21.43 -8.93
CA ALA E 263 26.14 -20.07 -8.54
C ALA E 263 26.16 -19.12 -9.73
N LEU E 264 27.14 -19.27 -10.63
CA LEU E 264 27.17 -18.40 -11.80
C LEU E 264 25.91 -18.56 -12.64
N HIS E 265 25.37 -19.79 -12.72
CA HIS E 265 24.14 -20.00 -13.49
C HIS E 265 22.99 -19.17 -12.91
N VAL E 266 22.86 -19.10 -11.58
CA VAL E 266 21.72 -18.36 -11.04
C VAL E 266 21.94 -16.86 -11.23
N LEU E 267 23.20 -16.38 -11.23
CA LEU E 267 23.42 -14.98 -11.63
C LEU E 267 22.97 -14.76 -13.06
N GLU E 268 23.40 -15.63 -13.99
CA GLU E 268 23.01 -15.46 -15.39
C GLU E 268 21.50 -15.51 -15.56
N SER E 269 20.81 -16.37 -14.82
CA SER E 269 19.37 -16.50 -15.02
C SER E 269 18.62 -15.24 -14.63
N GLY E 270 19.18 -14.43 -13.74
CA GLY E 270 18.56 -13.16 -13.38
C GLY E 270 19.06 -12.01 -14.22
N GLY E 271 19.90 -12.26 -15.23
CA GLY E 271 20.39 -11.16 -16.05
C GLY E 271 21.33 -10.24 -15.30
N PHE E 272 22.12 -10.80 -14.38
CA PHE E 272 23.08 -10.04 -13.56
C PHE E 272 23.93 -9.09 -14.40
N ARG E 273 24.50 -9.59 -15.51
CA ARG E 273 25.37 -8.75 -16.33
C ARG E 273 24.61 -7.56 -16.87
N SER E 274 23.37 -7.79 -17.33
CA SER E 274 22.59 -6.71 -17.91
C SER E 274 22.26 -5.62 -16.89
N LEU E 275 22.12 -5.99 -15.61
CA LEU E 275 21.81 -5.00 -14.59
C LEU E 275 22.96 -4.02 -14.42
N LEU E 276 24.20 -4.55 -14.43
CA LEU E 276 25.36 -3.69 -14.30
C LEU E 276 25.56 -2.81 -15.54
N ILE E 277 25.29 -3.36 -16.74
CA ILE E 277 25.30 -2.50 -17.92
C ILE E 277 24.22 -1.42 -17.80
N ASN E 278 23.01 -1.80 -17.35
CA ASN E 278 21.95 -0.81 -17.12
C ASN E 278 22.40 0.30 -16.19
N ALA E 279 23.16 -0.04 -15.14
CA ALA E 279 23.57 0.92 -14.13
C ALA E 279 24.55 1.93 -14.71
N VAL E 280 25.61 1.44 -15.36
CA VAL E 280 26.58 2.35 -15.99
C VAL E 280 25.87 3.30 -16.95
N GLU E 281 24.98 2.74 -17.79
CA GLU E 281 24.24 3.55 -18.75
C GLU E 281 23.37 4.59 -18.06
N ALA E 282 22.65 4.19 -17.00
CA ALA E 282 21.74 5.13 -16.34
C ALA E 282 22.51 6.26 -15.67
N SER E 283 23.65 5.95 -15.04
CA SER E 283 24.45 6.99 -14.43
C SER E 283 25.04 7.94 -15.47
N CYS E 284 25.58 7.38 -16.58
CA CYS E 284 26.10 8.22 -17.65
C CYS E 284 25.01 9.13 -18.25
N ILE E 285 23.84 8.55 -18.52
CA ILE E 285 22.75 9.33 -19.12
C ILE E 285 22.28 10.43 -18.18
N ARG E 286 22.15 10.12 -16.88
CA ARG E 286 21.75 11.15 -15.93
C ARG E 286 22.79 12.26 -15.87
N THR E 287 24.07 11.89 -15.93
CA THR E 287 25.13 12.89 -15.95
C THR E 287 24.97 13.82 -17.15
N ARG E 288 24.72 13.25 -18.34
CA ARG E 288 24.52 14.07 -19.53
C ARG E 288 23.29 14.96 -19.39
N GLU E 289 22.22 14.39 -18.83
CA GLU E 289 20.97 15.13 -18.59
C GLU E 289 21.20 16.34 -17.70
N LEU E 290 21.86 16.12 -16.56
CA LEU E 290 22.06 17.23 -15.62
C LEU E 290 22.83 18.35 -16.29
N GLN E 291 23.80 18.02 -17.13
CA GLN E 291 24.58 19.07 -17.78
C GLN E 291 23.76 19.80 -18.83
N SER E 292 22.93 19.07 -19.58
CA SER E 292 22.03 19.75 -20.51
C SER E 292 21.09 20.71 -19.77
N MET E 293 20.68 20.34 -18.55
CA MET E 293 19.87 21.25 -17.73
C MET E 293 20.67 22.48 -17.32
N ALA E 294 21.94 22.29 -16.98
CA ALA E 294 22.79 23.44 -16.62
C ALA E 294 22.84 24.46 -17.74
N ASP E 295 22.92 23.98 -18.98
CA ASP E 295 23.00 24.88 -20.13
C ASP E 295 21.62 25.15 -20.72
C LHV F . 15.22 -14.61 13.77
CG1 LHV F . 11.99 -13.26 14.39
CB LHV F . 13.08 -14.22 14.85
CG2 LHV F . 12.84 -14.57 16.31
CA LHV F . 14.48 -13.67 14.66
OE LHV F . 14.34 -12.44 14.03
O LHV F . 15.70 -15.64 14.30
OXT LHV F . 15.27 -14.31 12.55
S SO4 G . -16.49 12.06 2.01
O1 SO4 G . -15.96 10.78 2.50
O2 SO4 G . -17.91 11.93 1.72
O3 SO4 G . -15.76 12.42 0.79
O4 SO4 G . -16.28 13.10 3.01
C LHV H . -2.62 13.55 -3.09
CG1 LHV H . -0.81 15.77 -1.77
CB LHV H . -1.23 14.48 -1.11
CG2 LHV H . -0.12 13.46 -1.26
CA LHV H . -2.59 13.90 -1.58
OE LHV H . -2.76 12.73 -0.82
O LHV H . -2.69 12.32 -3.34
OXT LHV H . -2.59 14.45 -3.95
S SO4 I . -11.53 6.85 13.67
O1 SO4 I . -12.01 5.53 14.07
O2 SO4 I . -10.58 6.74 12.55
O3 SO4 I . -12.66 7.68 13.24
O4 SO4 I . -10.87 7.49 14.81
C LHV J . -12.35 -20.58 3.91
CG1 LHV J . -14.98 -20.76 1.62
CB LHV J . -14.49 -21.42 2.93
CG2 LHV J . -15.65 -22.13 3.59
CA LHV J . -13.87 -20.43 3.91
OE LHV J . -14.19 -19.15 3.43
O LHV J . -11.85 -21.68 4.22
OXT LHV J . -11.73 -19.55 3.59
S SO4 K . -24.62 -0.76 -31.88
O1 SO4 K . -25.65 -0.99 -32.88
O2 SO4 K . -23.86 -1.99 -31.69
O3 SO4 K . -25.23 -0.35 -30.61
O4 SO4 K . -23.73 0.31 -32.35
C LHV L . -17.37 1.04 -26.22
CG1 LHV L . -17.69 1.69 -22.95
CB LHV L . -18.58 1.98 -24.16
CG2 LHV L . -20.01 2.14 -23.65
CA LHV L . -18.55 0.86 -25.22
OE LHV L . -18.48 -0.35 -24.53
O LHV L . -16.36 0.31 -26.07
OXT LHV L . -17.49 1.90 -27.11
C1 PEG M . -21.12 -11.33 -34.49
O1 PEG M . -20.14 -12.29 -34.09
C2 PEG M . -21.81 -10.71 -33.32
O2 PEG M . -20.86 -10.34 -32.34
C3 PEG M . -21.34 -9.35 -31.43
C4 PEG M . -20.35 -8.24 -31.31
O4 PEG M . -20.76 -7.07 -32.00
S SO4 N . -14.70 -10.41 15.25
O1 SO4 N . -16.11 -10.79 15.33
O2 SO4 N . -13.89 -11.60 15.07
O3 SO4 N . -14.31 -9.73 16.48
O4 SO4 N . -14.51 -9.51 14.11
C LHV O . 34.53 -24.81 -6.93
CG1 LHV O . 35.51 -22.35 -4.15
CB LHV O . 34.90 -23.57 -4.80
CG2 LHV O . 35.22 -24.73 -3.93
CA LHV O . 35.45 -23.83 -6.22
OE LHV O . 35.44 -22.62 -6.86
O LHV O . 34.69 -26.03 -6.69
OXT LHV O . 33.64 -24.34 -7.68
S SO4 P . 29.81 16.00 -0.94
O1 SO4 P . 29.84 15.64 0.47
O2 SO4 P . 29.05 15.00 -1.70
O3 SO4 P . 29.19 17.32 -1.07
O4 SO4 P . 31.18 16.05 -1.47
#